data_6AYG
#
_entry.id   6AYG
#
_cell.length_a   1.0
_cell.length_b   1.0
_cell.length_c   1.0
_cell.angle_alpha   90.00
_cell.angle_beta   90.00
_cell.angle_gamma   90.00
#
_symmetry.space_group_name_H-M   'P 1'
#
_entity_poly.entity_id   1
_entity_poly.type   'polypeptide(L)'
_entity_poly.pdbx_seq_one_letter_code
;GGGGSMADPEVVVSSCSSHEEENRCNFNQQTSPSEELLLEDQMRRKLKFFFMNPCEKFWARGRKPWKLAIQILKIAMVTI
QLVLFGLSNQMVVAFKEENTIAFKHLFLKGYMDRMDDTYAVYTQSDVYDQLIFAVNQYLQLYNVSVGNHAYENKGTKQSA
MAICQHFYKRGNIYPGNDTFDIDPEIETECFFVEPDEPFHIGTPAENKLNLTLDFHRLLTVELQFKLKAINLQTVRHQEL
PDCYDFTLTITFDNKAHSGRIKISLDNDISIRECKDWHVSGSIQKNTHYMMIFDAFVILTCLVSLILCIRSVIRGLQLQQ
EFVNFFLLHYKKEVSVSDQMEFVNGWYIMIIISDILTIIGSILKMEIQAKSLTSYDVCSILLGTSTMLVWLGVIRYLGFF
AKYNLLILTLQAALPNVIRFCCCAAMIYLGYCFCGWIVLGPYHDKFRSLNMVSECLFSLINGDDMFATFAKMQQKSYLVW
LFSRIYLYSFISLFIYMILSLFIALITDTYETIKQYQQDGFPETELRTFISECKDLPNSGKYRLEDDPPVSLFCCCKK
;
_entity_poly.pdbx_strand_id   A,B,C,D
#
# COMPACT_ATOMS: atom_id res chain seq x y z
N ARG A 45 25.15 54.19 5.35
CA ARG A 45 26.11 54.85 4.49
C ARG A 45 26.36 54.02 3.24
N LYS A 46 27.55 54.16 2.64
CA LYS A 46 27.96 53.25 1.58
C LYS A 46 28.10 51.83 2.10
N LEU A 47 28.55 51.68 3.35
CA LEU A 47 28.64 50.35 3.96
C LEU A 47 27.29 49.67 3.98
N LYS A 48 26.23 50.41 4.32
CA LYS A 48 24.89 49.84 4.32
C LYS A 48 24.44 49.44 2.92
N PHE A 49 24.96 50.09 1.86
CA PHE A 49 24.59 49.72 0.50
C PHE A 49 25.31 48.46 0.02
N PHE A 50 26.63 48.39 0.25
CA PHE A 50 27.35 47.13 -0.01
C PHE A 50 26.71 45.98 0.78
N PHE A 51 26.23 46.27 2.00
CA PHE A 51 25.62 45.22 2.83
C PHE A 51 24.16 44.94 2.42
N MET A 52 23.26 45.90 2.64
CA MET A 52 21.90 45.75 2.14
C MET A 52 21.88 46.03 0.65
N ASN A 53 22.61 45.22 -0.12
CA ASN A 53 22.68 45.39 -1.56
C ASN A 53 21.94 44.29 -2.31
N PRO A 54 21.52 44.61 -3.60
CA PRO A 54 20.82 43.53 -4.29
C PRO A 54 21.70 42.89 -5.34
N CYS A 55 21.87 41.57 -5.29
CA CYS A 55 22.70 40.86 -6.25
C CYS A 55 22.36 41.35 -7.66
N GLU A 56 21.08 41.28 -8.00
CA GLU A 56 20.62 41.72 -9.32
C GLU A 56 20.73 43.24 -9.49
N LYS A 57 20.52 44.03 -8.43
CA LYS A 57 20.84 45.45 -8.54
C LYS A 57 22.35 45.68 -8.60
N PHE A 58 23.13 44.82 -7.93
CA PHE A 58 24.58 44.86 -8.08
C PHE A 58 25.00 44.60 -9.51
N TRP A 59 24.16 43.89 -10.28
CA TRP A 59 24.46 43.73 -11.70
C TRP A 59 24.51 45.10 -12.39
N ALA A 60 23.72 46.08 -11.94
CA ALA A 60 23.75 47.41 -12.54
C ALA A 60 25.13 48.06 -12.40
N ARG A 61 25.74 47.93 -11.22
CA ARG A 61 27.11 48.38 -10.99
C ARG A 61 28.10 47.41 -11.63
N GLY A 62 29.31 47.90 -11.90
CA GLY A 62 30.39 47.11 -12.51
C GLY A 62 31.40 46.52 -11.55
N ARG A 63 32.02 45.42 -11.97
CA ARG A 63 33.12 44.65 -11.38
C ARG A 63 32.65 43.82 -10.17
N LYS A 64 31.40 43.97 -9.70
CA LYS A 64 30.68 43.06 -8.80
C LYS A 64 30.25 41.70 -9.38
N PRO A 65 29.85 41.57 -10.66
CA PRO A 65 29.27 40.28 -11.11
C PRO A 65 30.20 39.06 -11.03
N TRP A 66 31.50 39.24 -10.75
CA TRP A 66 32.48 38.13 -10.71
C TRP A 66 32.23 37.14 -9.57
N LYS A 67 31.81 37.63 -8.40
CA LYS A 67 31.60 36.76 -7.23
C LYS A 67 30.49 35.75 -7.49
N LEU A 68 29.35 36.19 -8.06
CA LEU A 68 28.25 35.24 -8.30
C LEU A 68 28.70 34.12 -9.24
N ALA A 69 29.32 34.46 -10.38
CA ALA A 69 29.72 33.45 -11.37
C ALA A 69 30.71 32.48 -10.75
N ILE A 70 31.63 33.00 -9.91
CA ILE A 70 32.41 32.13 -9.06
C ILE A 70 31.49 31.15 -8.31
N GLN A 71 30.43 31.67 -7.70
CA GLN A 71 29.56 30.85 -6.87
C GLN A 71 28.73 29.84 -7.70
N ILE A 72 28.30 30.19 -8.92
CA ILE A 72 27.62 29.22 -9.78
C ILE A 72 28.60 28.15 -10.23
N LEU A 73 29.83 28.55 -10.52
CA LEU A 73 30.85 27.55 -10.78
C LEU A 73 30.89 26.57 -9.62
N LYS A 74 30.91 27.07 -8.39
CA LYS A 74 30.85 26.18 -7.22
C LYS A 74 29.59 25.33 -7.23
N ILE A 75 28.47 25.90 -7.67
CA ILE A 75 27.20 25.16 -7.75
C ILE A 75 27.34 23.92 -8.62
N ALA A 76 27.62 24.11 -9.91
CA ALA A 76 27.65 22.98 -10.83
C ALA A 76 28.90 22.12 -10.67
N MET A 77 29.99 22.68 -10.16
CA MET A 77 31.15 21.87 -9.77
C MET A 77 30.71 20.88 -8.74
N VAL A 78 30.32 21.39 -7.57
CA VAL A 78 29.80 20.54 -6.51
C VAL A 78 28.78 19.58 -7.08
N THR A 79 27.91 20.09 -7.97
CA THR A 79 26.90 19.28 -8.61
C THR A 79 27.53 18.09 -9.33
N ILE A 80 28.51 18.35 -10.19
CA ILE A 80 29.22 17.29 -10.86
C ILE A 80 29.88 16.34 -9.85
N GLN A 81 30.54 16.92 -8.84
CA GLN A 81 31.21 16.11 -7.82
C GLN A 81 30.22 15.10 -7.27
N LEU A 82 29.00 15.57 -7.02
CA LEU A 82 27.93 14.63 -6.77
C LEU A 82 27.91 13.63 -7.89
N VAL A 83 27.65 14.10 -9.09
CA VAL A 83 27.32 13.24 -10.21
C VAL A 83 28.27 12.08 -10.34
N LEU A 84 29.48 12.45 -10.69
CA LEU A 84 30.56 11.51 -10.85
C LEU A 84 30.72 10.67 -9.60
N PHE A 85 30.60 11.31 -8.45
CA PHE A 85 30.79 10.56 -7.23
C PHE A 85 29.72 9.48 -7.17
N GLY A 86 28.46 9.84 -7.48
CA GLY A 86 27.34 8.92 -7.38
C GLY A 86 27.49 7.72 -8.30
N LEU A 87 27.95 7.95 -9.52
CA LEU A 87 28.40 6.81 -10.25
C LEU A 87 29.27 6.03 -9.33
N SER A 88 30.26 6.71 -8.77
CA SER A 88 31.29 5.95 -8.11
C SER A 88 30.68 5.06 -7.02
N ASN A 89 30.01 5.68 -6.04
CA ASN A 89 29.56 4.94 -4.86
C ASN A 89 28.57 3.85 -5.25
N GLN A 90 27.67 4.16 -6.17
CA GLN A 90 26.64 3.20 -6.52
C GLN A 90 27.21 2.00 -7.27
N MET A 91 28.08 2.25 -8.25
CA MET A 91 28.68 1.16 -9.02
C MET A 91 29.43 0.22 -8.10
N VAL A 92 30.31 0.78 -7.28
CA VAL A 92 30.96 -0.05 -6.27
C VAL A 92 29.91 -0.89 -5.56
N VAL A 93 28.94 -0.19 -4.97
CA VAL A 93 27.99 -0.79 -4.05
C VAL A 93 27.25 -1.91 -4.70
N ALA A 94 26.57 -1.58 -5.78
CA ALA A 94 25.79 -2.55 -6.50
C ALA A 94 26.65 -3.74 -6.90
N PHE A 95 27.93 -3.52 -7.21
CA PHE A 95 28.70 -4.72 -7.45
C PHE A 95 28.78 -5.57 -6.20
N LYS A 96 28.97 -4.92 -5.05
CA LYS A 96 29.08 -5.69 -3.81
C LYS A 96 27.81 -6.47 -3.55
N GLU A 97 26.66 -5.82 -3.70
CA GLU A 97 25.38 -6.48 -3.45
C GLU A 97 25.15 -7.59 -4.45
N GLU A 98 25.53 -7.33 -5.67
CA GLU A 98 25.37 -8.30 -6.72
C GLU A 98 26.07 -9.52 -6.19
N ASN A 99 27.41 -9.40 -6.18
CA ASN A 99 28.23 -10.51 -5.77
C ASN A 99 27.66 -11.09 -4.48
N THR A 100 27.19 -10.21 -3.61
CA THR A 100 26.73 -10.56 -2.27
C THR A 100 25.59 -11.55 -2.40
N ILE A 101 24.44 -11.03 -2.80
CA ILE A 101 23.21 -11.80 -2.87
C ILE A 101 23.51 -13.16 -3.47
N ALA A 102 24.43 -13.15 -4.43
CA ALA A 102 24.73 -14.40 -5.09
C ALA A 102 25.45 -15.35 -4.19
N PHE A 103 26.30 -14.85 -3.31
CA PHE A 103 27.02 -15.79 -2.47
C PHE A 103 26.05 -16.64 -1.69
N LYS A 104 24.97 -16.02 -1.20
CA LYS A 104 23.84 -16.77 -0.70
C LYS A 104 23.37 -17.72 -1.77
N HIS A 105 23.41 -17.28 -3.04
CA HIS A 105 22.87 -18.16 -4.06
C HIS A 105 23.69 -19.44 -4.20
N LEU A 106 25.00 -19.36 -3.99
CA LEU A 106 25.84 -20.56 -4.08
C LEU A 106 25.70 -21.45 -2.85
N PHE A 107 25.81 -20.84 -1.67
CA PHE A 107 26.07 -21.61 -0.45
C PHE A 107 24.85 -21.98 0.37
N LEU A 108 23.66 -21.37 0.14
CA LEU A 108 22.45 -21.85 0.81
C LEU A 108 21.96 -23.10 0.05
N LYS A 109 21.75 -24.21 0.79
CA LYS A 109 21.44 -25.48 0.14
C LYS A 109 20.18 -25.32 -0.70
N GLY A 110 19.27 -24.48 -0.23
CA GLY A 110 18.03 -24.23 -0.96
C GLY A 110 17.43 -22.86 -0.76
N TYR A 111 16.59 -22.53 -1.75
CA TYR A 111 15.63 -21.44 -1.75
C TYR A 111 14.25 -21.98 -2.12
N MET A 112 13.22 -21.23 -1.66
CA MET A 112 11.84 -21.69 -1.57
C MET A 112 11.00 -21.08 -2.66
N ASP A 113 9.72 -21.39 -2.58
CA ASP A 113 8.73 -20.71 -3.38
C ASP A 113 8.51 -19.25 -2.95
N ARG A 114 8.67 -18.95 -1.65
CA ARG A 114 8.71 -17.56 -1.18
C ARG A 114 10.13 -16.98 -1.21
N MET A 115 10.31 -15.77 -1.78
CA MET A 115 11.65 -15.19 -1.97
C MET A 115 12.36 -15.04 -0.65
N ASP A 116 11.58 -14.81 0.43
CA ASP A 116 12.07 -14.44 1.77
C ASP A 116 12.80 -15.56 2.52
N ASP A 117 13.97 -15.21 3.05
CA ASP A 117 14.92 -16.19 3.58
C ASP A 117 14.73 -16.36 5.05
N THR A 118 13.86 -15.53 5.58
CA THR A 118 13.64 -15.48 6.99
C THR A 118 13.47 -16.89 7.55
N TYR A 119 13.01 -17.84 6.72
CA TYR A 119 12.82 -19.22 7.13
C TYR A 119 14.09 -20.10 7.09
N ALA A 120 14.13 -21.06 8.05
CA ALA A 120 15.28 -21.91 8.38
C ALA A 120 14.86 -23.29 8.96
N VAL A 121 15.88 -24.15 9.05
CA VAL A 121 15.71 -25.59 9.16
C VAL A 121 14.79 -25.97 10.31
N TYR A 122 14.09 -27.06 10.09
CA TYR A 122 13.50 -27.82 11.17
C TYR A 122 14.30 -29.08 11.51
N THR A 123 15.34 -29.43 10.74
CA THR A 123 15.83 -30.82 10.74
C THR A 123 17.32 -30.94 11.05
N GLN A 124 17.68 -32.14 11.57
CA GLN A 124 19.08 -32.54 11.76
C GLN A 124 19.76 -32.86 10.43
N SER A 125 19.12 -33.71 9.62
CA SER A 125 19.55 -33.92 8.23
C SER A 125 19.50 -32.63 7.41
N ASP A 126 18.75 -31.62 7.88
CA ASP A 126 18.74 -30.32 7.23
C ASP A 126 20.04 -29.55 7.47
N VAL A 127 20.47 -29.50 8.73
CA VAL A 127 21.71 -28.79 9.02
C VAL A 127 22.89 -29.52 8.40
N TYR A 128 23.03 -30.84 8.65
CA TYR A 128 24.11 -31.60 7.99
C TYR A 128 23.98 -31.50 6.49
N ASP A 129 22.74 -31.27 6.02
CA ASP A 129 22.47 -31.05 4.60
C ASP A 129 23.08 -29.72 4.13
N GLN A 130 22.83 -28.62 4.87
CA GLN A 130 23.40 -27.32 4.50
C GLN A 130 24.91 -27.33 4.57
N LEU A 131 25.46 -28.08 5.52
CA LEU A 131 26.90 -28.25 5.67
C LEU A 131 27.50 -28.99 4.48
N ILE A 132 26.93 -30.14 4.12
CA ILE A 132 27.42 -30.84 2.95
C ILE A 132 27.39 -29.90 1.76
N PHE A 133 26.22 -29.30 1.53
CA PHE A 133 26.03 -28.49 0.33
C PHE A 133 27.07 -27.38 0.29
N ALA A 134 27.34 -26.74 1.44
CA ALA A 134 28.22 -25.57 1.47
C ALA A 134 29.70 -25.92 1.53
N VAL A 135 30.09 -26.98 2.25
CA VAL A 135 31.50 -27.38 2.27
C VAL A 135 31.91 -27.88 0.89
N ASN A 136 31.09 -28.75 0.32
CA ASN A 136 31.16 -29.14 -1.07
C ASN A 136 30.97 -27.94 -1.98
N GLN A 137 30.33 -26.87 -1.49
CA GLN A 137 30.32 -25.65 -2.28
C GLN A 137 31.71 -25.03 -2.30
N TYR A 138 32.37 -24.98 -1.14
CA TYR A 138 33.76 -24.57 -1.12
C TYR A 138 34.55 -25.37 -2.14
N LEU A 139 34.34 -26.69 -2.13
CA LEU A 139 35.07 -27.57 -3.04
C LEU A 139 34.77 -27.23 -4.49
N GLN A 140 33.48 -27.29 -4.86
CA GLN A 140 32.95 -27.30 -6.21
C GLN A 140 32.78 -25.92 -6.76
N LEU A 141 33.29 -24.91 -6.04
CA LEU A 141 33.22 -23.52 -6.50
C LEU A 141 33.98 -23.31 -7.82
N TYR A 142 35.21 -23.83 -7.90
CA TYR A 142 36.02 -23.69 -9.11
C TYR A 142 35.26 -24.20 -10.32
N ASN A 143 34.66 -25.38 -10.18
CA ASN A 143 33.91 -25.94 -11.28
C ASN A 143 32.54 -25.25 -11.47
N VAL A 144 31.71 -25.24 -10.42
CA VAL A 144 30.28 -24.97 -10.56
C VAL A 144 29.95 -23.48 -10.55
N SER A 145 30.61 -22.70 -9.71
CA SER A 145 30.30 -21.29 -9.58
C SER A 145 30.56 -20.57 -10.88
N VAL A 146 29.54 -19.93 -11.43
CA VAL A 146 29.71 -19.22 -12.70
C VAL A 146 30.43 -17.88 -12.56
N GLY A 147 30.62 -17.38 -11.33
CA GLY A 147 31.46 -16.21 -11.10
C GLY A 147 32.96 -16.51 -11.13
N ASN A 148 33.76 -15.47 -11.46
CA ASN A 148 35.22 -15.55 -11.49
C ASN A 148 35.81 -15.88 -10.12
N HIS A 149 35.18 -15.36 -9.07
CA HIS A 149 35.75 -15.32 -7.73
C HIS A 149 36.27 -16.69 -7.32
N ALA A 150 37.49 -16.69 -6.78
CA ALA A 150 38.23 -17.92 -6.45
C ALA A 150 38.97 -17.76 -5.12
N TYR A 151 39.48 -18.90 -4.65
CA TYR A 151 40.19 -18.96 -3.39
C TYR A 151 41.50 -18.20 -3.50
N GLU A 152 41.91 -17.58 -2.40
CA GLU A 152 43.23 -16.94 -2.32
C GLU A 152 43.96 -17.48 -1.10
N ASN A 153 45.21 -17.90 -1.30
CA ASN A 153 46.03 -18.42 -0.20
C ASN A 153 46.56 -17.28 0.68
N ALA A 160 41.04 -22.97 3.35
CA ALA A 160 41.21 -21.61 3.83
C ALA A 160 39.97 -21.12 4.58
N MET A 161 38.92 -21.92 4.54
CA MET A 161 37.66 -21.56 5.21
C MET A 161 37.70 -21.98 6.68
N ALA A 162 36.52 -22.02 7.30
CA ALA A 162 36.41 -22.39 8.69
C ALA A 162 34.93 -22.43 9.06
N ILE A 163 34.62 -23.10 10.18
CA ILE A 163 33.29 -23.15 10.75
C ILE A 163 33.46 -23.05 12.25
N CYS A 164 32.69 -22.19 12.88
CA CYS A 164 32.70 -22.05 14.32
C CYS A 164 31.45 -22.72 14.88
N GLN A 165 31.58 -23.36 16.04
CA GLN A 165 30.43 -23.82 16.79
C GLN A 165 30.62 -23.38 18.23
N HIS A 166 29.58 -22.79 18.80
CA HIS A 166 29.64 -22.27 20.15
C HIS A 166 28.91 -23.28 21.04
N PHE A 167 29.52 -23.66 22.16
CA PHE A 167 28.97 -24.70 23.02
C PHE A 167 28.75 -24.18 24.44
N TYR A 168 27.89 -24.91 25.18
CA TYR A 168 27.55 -24.58 26.56
C TYR A 168 28.55 -25.19 27.54
N LYS A 169 28.94 -24.41 28.56
CA LYS A 169 30.02 -24.81 29.46
C LYS A 169 29.67 -26.08 30.23
N ARG A 170 28.62 -26.02 31.03
CA ARG A 170 28.03 -27.21 31.65
C ARG A 170 26.53 -27.12 31.41
N GLY A 171 26.01 -27.99 30.55
CA GLY A 171 24.59 -28.12 30.35
C GLY A 171 24.02 -29.26 31.17
N ASN A 172 22.76 -29.11 31.57
CA ASN A 172 21.97 -30.23 32.04
C ASN A 172 20.50 -29.99 31.74
N ILE A 173 19.84 -30.98 31.16
CA ILE A 173 18.41 -30.93 30.90
C ILE A 173 17.77 -32.15 31.53
N TYR A 174 16.80 -31.92 32.41
CA TYR A 174 16.08 -33.00 33.06
C TYR A 174 14.59 -32.69 32.95
N PRO A 175 13.97 -33.12 31.84
CA PRO A 175 12.51 -32.92 31.70
C PRO A 175 11.71 -33.75 32.68
N GLY A 176 12.17 -34.96 33.02
CA GLY A 176 11.39 -35.87 33.86
C GLY A 176 11.06 -35.30 35.24
N ASN A 177 12.08 -34.80 35.96
CA ASN A 177 11.89 -34.13 37.25
C ASN A 177 11.70 -32.62 37.15
N ASP A 178 11.63 -32.08 35.93
CA ASP A 178 11.49 -30.66 35.61
C ASP A 178 12.78 -29.89 35.86
N THR A 179 13.84 -30.55 36.34
CA THR A 179 15.09 -29.85 36.65
C THR A 179 15.75 -29.32 35.38
N PHE A 180 16.24 -28.09 35.47
CA PHE A 180 16.88 -27.43 34.33
C PHE A 180 18.14 -26.75 34.83
N ASP A 181 19.30 -27.19 34.33
CA ASP A 181 20.58 -26.68 34.79
C ASP A 181 21.35 -26.11 33.60
N ILE A 182 21.90 -24.91 33.76
CA ILE A 182 22.64 -24.26 32.70
C ILE A 182 23.89 -23.61 33.27
N ASP A 183 24.94 -23.52 32.45
CA ASP A 183 26.14 -22.80 32.81
C ASP A 183 26.31 -21.63 31.85
N PRO A 184 26.23 -20.38 32.32
CA PRO A 184 26.32 -19.23 31.41
C PRO A 184 27.72 -18.99 30.88
N GLU A 185 28.35 -20.03 30.29
CA GLU A 185 29.66 -19.90 29.67
C GLU A 185 29.67 -20.68 28.36
N ILE A 186 30.11 -20.02 27.29
CA ILE A 186 30.15 -20.60 25.96
C ILE A 186 31.60 -20.76 25.53
N GLU A 187 31.96 -21.97 25.16
CA GLU A 187 33.28 -22.26 24.63
C GLU A 187 33.14 -22.47 23.13
N THR A 188 33.88 -21.69 22.36
CA THR A 188 33.80 -21.76 20.90
C THR A 188 34.93 -22.63 20.34
N GLU A 189 34.53 -23.67 19.60
CA GLU A 189 35.48 -24.50 18.88
C GLU A 189 35.46 -24.07 17.41
N CYS A 190 36.63 -23.76 16.88
CA CYS A 190 36.75 -23.35 15.49
C CYS A 190 37.44 -24.46 14.72
N PHE A 191 36.94 -24.70 13.53
CA PHE A 191 37.37 -25.76 12.64
C PHE A 191 37.83 -25.11 11.35
N PHE A 192 38.84 -25.69 10.73
CA PHE A 192 39.44 -25.09 9.57
C PHE A 192 39.24 -25.94 8.33
N VAL A 193 38.86 -25.26 7.24
CA VAL A 193 38.71 -25.88 5.94
C VAL A 193 39.92 -25.53 5.08
N GLU A 194 40.50 -26.57 4.42
CA GLU A 194 41.47 -26.45 3.34
C GLU A 194 40.74 -26.57 2.00
N PRO A 195 40.91 -25.64 1.05
CA PRO A 195 39.96 -25.52 -0.08
C PRO A 195 39.94 -26.69 -1.08
N ASP A 196 40.85 -27.65 -1.04
CA ASP A 196 40.70 -28.75 -2.00
C ASP A 196 40.80 -30.15 -1.40
N ASN A 207 38.40 -33.72 1.09
CA ASN A 207 37.06 -33.84 0.51
C ASN A 207 36.03 -34.34 1.54
N LYS A 208 36.45 -35.29 2.39
CA LYS A 208 35.57 -35.86 3.41
C LYS A 208 35.23 -34.84 4.50
N LEU A 209 33.99 -34.88 4.98
CA LEU A 209 33.47 -33.96 5.99
C LEU A 209 33.05 -34.72 7.24
N ASN A 210 33.64 -34.36 8.37
CA ASN A 210 33.36 -34.95 9.68
C ASN A 210 32.64 -33.92 10.50
N LEU A 211 31.48 -34.28 11.03
CA LEU A 211 30.63 -33.35 11.77
C LEU A 211 30.36 -33.86 13.18
N THR A 212 30.64 -33.01 14.17
CA THR A 212 30.35 -33.31 15.57
C THR A 212 29.40 -32.24 16.10
N LEU A 213 28.14 -32.63 16.32
CA LEU A 213 27.14 -31.71 16.83
C LEU A 213 26.20 -32.42 17.79
N ASP A 214 25.86 -31.70 18.87
CA ASP A 214 24.90 -32.15 19.88
C ASP A 214 23.76 -31.14 19.82
N PHE A 215 22.53 -31.62 19.60
CA PHE A 215 21.38 -30.73 19.44
C PHE A 215 20.91 -29.83 20.60
N HIS A 216 20.81 -30.37 21.81
CA HIS A 216 20.31 -29.56 22.94
C HIS A 216 21.24 -28.40 23.30
N ARG A 217 22.53 -28.71 23.28
CA ARG A 217 23.63 -27.83 23.62
C ARG A 217 23.92 -26.79 22.55
N LEU A 218 23.28 -26.83 21.37
CA LEU A 218 23.66 -25.94 20.28
C LEU A 218 22.98 -24.57 20.44
N LEU A 219 23.81 -23.54 20.60
CA LEU A 219 23.36 -22.17 20.68
C LEU A 219 23.54 -21.51 19.32
N THR A 220 24.77 -21.44 18.86
CA THR A 220 25.01 -20.87 17.55
C THR A 220 26.07 -21.67 16.83
N VAL A 221 25.87 -21.79 15.53
CA VAL A 221 26.89 -22.24 14.60
C VAL A 221 27.10 -21.14 13.60
N GLU A 222 28.32 -21.03 13.14
CA GLU A 222 28.71 -20.17 12.04
C GLU A 222 29.74 -20.90 11.19
N LEU A 223 30.03 -20.29 10.05
CA LEU A 223 31.23 -20.56 9.30
C LEU A 223 31.71 -19.22 8.77
N GLN A 224 33.04 -19.08 8.69
CA GLN A 224 33.69 -17.91 8.12
C GLN A 224 34.64 -18.36 7.02
N PHE A 225 35.00 -17.40 6.18
CA PHE A 225 35.92 -17.60 5.06
C PHE A 225 35.89 -16.24 4.33
N LYS A 226 36.90 -15.90 3.49
CA LYS A 226 36.92 -14.64 2.70
C LYS A 226 37.41 -14.93 1.29
N LEU A 227 36.60 -14.62 0.28
CA LEU A 227 36.93 -14.96 -1.09
C LEU A 227 37.26 -13.72 -1.90
N LYS A 228 38.07 -13.91 -2.91
CA LYS A 228 38.64 -12.79 -3.62
C LYS A 228 37.84 -12.53 -4.89
N ALA A 229 37.62 -11.25 -5.15
CA ALA A 229 37.04 -10.82 -6.41
C ALA A 229 37.61 -9.46 -6.83
N ILE A 230 37.93 -9.35 -8.13
CA ILE A 230 38.41 -8.11 -8.74
C ILE A 230 37.38 -7.68 -9.78
N ASN A 231 36.82 -6.47 -9.60
CA ASN A 231 35.61 -6.04 -10.32
C ASN A 231 36.00 -5.49 -11.67
N LEU A 232 35.56 -6.17 -12.73
CA LEU A 232 36.05 -5.86 -14.07
C LEU A 232 35.48 -4.54 -14.57
N GLN A 233 34.16 -4.42 -14.59
CA GLN A 233 33.56 -3.22 -15.16
C GLN A 233 33.80 -1.98 -14.30
N THR A 234 34.40 -2.16 -13.12
CA THR A 234 34.70 -1.04 -12.23
C THR A 234 36.02 -0.36 -12.63
N VAL A 235 37.15 -1.08 -12.54
CA VAL A 235 38.47 -0.54 -12.93
C VAL A 235 38.63 -0.39 -14.44
N ARG A 236 37.80 -1.08 -15.25
CA ARG A 236 37.95 -1.03 -16.71
C ARG A 236 37.70 0.39 -17.23
N HIS A 237 36.49 0.92 -17.00
CA HIS A 237 36.10 2.21 -17.56
C HIS A 237 36.58 3.41 -16.75
N GLN A 238 36.45 3.38 -15.41
CA GLN A 238 36.75 4.52 -14.55
C GLN A 238 37.74 4.11 -13.47
N GLU A 239 38.03 5.01 -12.54
CA GLU A 239 39.00 4.73 -11.47
C GLU A 239 38.28 4.46 -10.15
N LEU A 240 38.22 3.19 -9.75
CA LEU A 240 37.90 2.75 -8.39
C LEU A 240 38.62 1.43 -8.16
N PRO A 241 39.03 1.12 -6.92
CA PRO A 241 39.81 -0.12 -6.70
C PRO A 241 39.02 -1.36 -7.11
N ASP A 242 39.69 -2.24 -7.89
CA ASP A 242 38.98 -3.36 -8.50
C ASP A 242 38.89 -4.61 -7.61
N CYS A 243 39.77 -4.79 -6.62
CA CYS A 243 39.67 -5.94 -5.74
C CYS A 243 38.92 -5.56 -4.47
N TYR A 244 37.96 -6.39 -4.03
CA TYR A 244 37.44 -6.34 -2.67
C TYR A 244 37.26 -7.79 -2.27
N ASP A 245 37.92 -8.21 -1.21
CA ASP A 245 37.67 -9.54 -0.72
C ASP A 245 36.37 -9.50 0.06
N PHE A 246 35.42 -10.35 -0.30
CA PHE A 246 34.21 -10.49 0.49
C PHE A 246 34.46 -11.59 1.52
N THR A 247 34.65 -11.17 2.76
CA THR A 247 34.78 -12.07 3.89
C THR A 247 33.37 -12.46 4.29
N LEU A 248 33.05 -13.72 4.08
CA LEU A 248 31.75 -14.29 4.30
C LEU A 248 31.68 -14.99 5.67
N THR A 249 30.51 -14.84 6.32
CA THR A 249 30.08 -15.66 7.46
C THR A 249 28.64 -16.14 7.22
N ILE A 250 28.43 -17.46 7.02
CA ILE A 250 27.08 -18.02 7.00
C ILE A 250 26.81 -18.59 8.36
N THR A 251 25.54 -18.54 8.78
CA THR A 251 25.23 -18.88 10.16
C THR A 251 23.88 -19.58 10.32
N PHE A 252 23.86 -20.46 11.32
CA PHE A 252 22.66 -21.15 11.74
C PHE A 252 22.64 -21.00 13.26
N ASP A 253 21.55 -20.44 13.82
CA ASP A 253 21.47 -20.20 15.26
C ASP A 253 20.26 -20.90 15.85
N ASN A 254 20.48 -21.68 16.90
CA ASN A 254 19.42 -22.09 17.81
C ASN A 254 19.26 -21.09 18.94
N LYS A 255 19.81 -19.88 18.77
CA LYS A 255 20.05 -18.93 19.84
C LYS A 255 18.88 -18.90 20.81
N ALA A 256 17.65 -19.00 20.29
CA ALA A 256 16.48 -19.08 21.17
C ALA A 256 16.13 -20.51 21.67
N HIS A 257 16.70 -21.58 21.07
CA HIS A 257 16.48 -22.98 21.45
C HIS A 257 15.05 -23.48 21.12
N SER A 258 14.42 -22.96 20.03
CA SER A 258 12.99 -23.19 19.79
C SER A 258 12.68 -24.37 18.87
N GLY A 259 13.62 -24.90 18.13
CA GLY A 259 13.25 -25.88 17.15
C GLY A 259 13.29 -25.37 15.74
N ARG A 260 13.53 -24.08 15.50
CA ARG A 260 13.85 -23.54 14.18
C ARG A 260 15.19 -22.79 14.26
N ILE A 261 16.19 -23.22 13.48
CA ILE A 261 17.53 -22.65 13.61
C ILE A 261 17.72 -21.63 12.49
N LYS A 262 17.67 -20.34 12.85
CA LYS A 262 17.47 -19.25 11.88
C LYS A 262 18.79 -18.97 11.14
N ILE A 263 18.78 -19.29 9.83
CA ILE A 263 19.94 -19.32 8.93
C ILE A 263 20.01 -18.01 8.15
N SER A 264 21.18 -17.38 8.15
CA SER A 264 21.43 -16.24 7.26
C SER A 264 22.91 -16.21 6.87
N LEU A 265 23.18 -15.78 5.66
CA LEU A 265 24.55 -15.62 5.20
C LEU A 265 24.82 -14.11 5.11
N ASP A 266 25.93 -13.66 5.71
CA ASP A 266 26.26 -12.25 5.78
C ASP A 266 27.72 -12.03 5.41
N ASN A 267 27.95 -11.03 4.57
CA ASN A 267 29.28 -10.79 4.00
C ASN A 267 29.70 -9.34 4.27
N ASP A 268 30.90 -9.19 4.83
CA ASP A 268 31.63 -7.92 4.87
C ASP A 268 32.71 -7.93 3.81
N ILE A 269 32.81 -6.85 3.05
CA ILE A 269 33.73 -6.83 1.92
C ILE A 269 34.71 -5.67 2.12
N SER A 270 36.01 -5.94 1.86
CA SER A 270 37.13 -5.02 2.06
C SER A 270 37.77 -4.67 0.73
N ILE A 271 38.08 -3.39 0.54
CA ILE A 271 38.62 -2.88 -0.72
C ILE A 271 40.14 -2.91 -0.73
N ARG A 272 40.71 -3.46 -1.80
CA ARG A 272 42.14 -3.48 -2.05
C ARG A 272 42.40 -3.32 -3.55
N GLU A 273 43.53 -2.69 -3.87
CA GLU A 273 43.92 -2.41 -5.25
C GLU A 273 44.82 -3.51 -5.78
N CYS A 274 44.67 -3.79 -7.08
CA CYS A 274 45.49 -4.81 -7.71
C CYS A 274 46.97 -4.47 -7.54
N LYS A 275 47.77 -5.48 -7.19
CA LYS A 275 49.20 -5.24 -7.00
C LYS A 275 49.83 -4.71 -8.28
N ASP A 276 49.48 -5.28 -9.44
CA ASP A 276 49.85 -4.73 -10.74
C ASP A 276 48.63 -4.58 -11.63
N TRP A 277 48.68 -3.61 -12.54
CA TRP A 277 47.67 -3.54 -13.59
C TRP A 277 48.31 -3.12 -14.91
N HIS A 278 48.11 -3.95 -15.94
CA HIS A 278 48.53 -3.67 -17.32
C HIS A 278 47.29 -3.83 -18.21
N VAL A 279 46.86 -2.73 -18.85
CA VAL A 279 45.59 -2.72 -19.56
C VAL A 279 45.73 -2.27 -21.01
N SER A 280 44.94 -2.91 -21.88
CA SER A 280 44.86 -2.62 -23.33
C SER A 280 46.15 -2.99 -24.04
N THR A 287 49.23 9.95 -11.88
CA THR A 287 48.77 11.21 -12.44
C THR A 287 47.34 11.08 -13.03
N HIS A 288 46.31 11.11 -12.15
CA HIS A 288 44.91 10.91 -12.54
C HIS A 288 44.21 12.26 -12.57
N TYR A 289 43.68 12.59 -13.75
CA TYR A 289 42.94 13.83 -13.92
C TYR A 289 41.57 13.84 -13.22
N MET A 290 40.98 12.68 -12.93
CA MET A 290 39.71 12.73 -12.20
C MET A 290 39.94 13.01 -10.72
N MET A 291 41.00 12.42 -10.15
CA MET A 291 41.39 12.74 -8.78
C MET A 291 41.89 14.18 -8.68
N ILE A 292 42.70 14.64 -9.64
CA ILE A 292 43.12 16.04 -9.66
C ILE A 292 41.96 16.98 -9.98
N PHE A 293 40.90 16.48 -10.64
CA PHE A 293 39.67 17.25 -10.78
C PHE A 293 38.93 17.36 -9.46
N ASP A 294 38.90 16.27 -8.70
CA ASP A 294 38.28 16.37 -7.38
C ASP A 294 39.11 17.24 -6.45
N ALA A 295 40.41 17.31 -6.68
CA ALA A 295 41.26 18.27 -5.98
C ALA A 295 41.06 19.70 -6.50
N PHE A 296 40.65 19.86 -7.78
CA PHE A 296 40.41 21.17 -8.40
C PHE A 296 39.02 21.72 -8.13
N VAL A 297 38.03 20.84 -8.08
CA VAL A 297 36.75 21.15 -7.46
C VAL A 297 36.92 21.32 -5.97
N ILE A 298 37.90 20.60 -5.38
CA ILE A 298 38.31 20.82 -3.99
C ILE A 298 39.00 22.15 -3.84
N LEU A 299 39.70 22.60 -4.89
CA LEU A 299 40.22 23.96 -5.00
C LEU A 299 39.10 24.95 -5.24
N THR A 300 38.06 24.51 -5.94
CA THR A 300 36.82 25.27 -6.03
C THR A 300 36.17 25.39 -4.66
N CYS A 301 36.26 24.32 -3.85
CA CYS A 301 35.69 24.28 -2.51
C CYS A 301 36.51 25.06 -1.51
N LEU A 302 37.83 25.05 -1.65
CA LEU A 302 38.68 25.92 -0.83
C LEU A 302 38.58 27.37 -1.28
N VAL A 303 38.45 27.58 -2.58
CA VAL A 303 38.13 28.92 -3.08
C VAL A 303 36.75 29.34 -2.61
N SER A 304 35.88 28.35 -2.38
CA SER A 304 34.54 28.56 -1.83
C SER A 304 34.56 28.77 -0.32
N LEU A 305 35.50 28.13 0.37
CA LEU A 305 35.74 28.41 1.77
C LEU A 305 36.53 29.69 1.94
N ILE A 306 37.18 30.15 0.86
CA ILE A 306 37.81 31.45 0.76
C ILE A 306 36.85 32.56 0.36
N LEU A 307 35.82 32.24 -0.45
CA LEU A 307 34.67 33.11 -0.65
C LEU A 307 33.70 33.03 0.53
N CYS A 308 33.81 31.95 1.32
CA CYS A 308 33.24 31.78 2.64
C CYS A 308 34.11 32.39 3.74
N ILE A 309 35.39 32.62 3.46
CA ILE A 309 36.27 33.44 4.29
C ILE A 309 36.13 34.93 3.98
N ARG A 310 35.81 35.26 2.73
CA ARG A 310 35.39 36.61 2.35
C ARG A 310 33.95 36.88 2.77
N SER A 311 33.15 35.83 2.80
CA SER A 311 31.85 35.87 3.45
C SER A 311 31.97 35.94 4.95
N VAL A 312 33.01 35.32 5.52
CA VAL A 312 33.26 35.34 6.96
C VAL A 312 33.87 36.65 7.44
N ILE A 313 34.78 37.24 6.65
CA ILE A 313 35.20 38.62 6.88
C ILE A 313 34.08 39.59 6.53
N ARG A 314 33.19 39.17 5.61
CA ARG A 314 31.95 39.89 5.35
C ARG A 314 31.01 39.83 6.55
N GLY A 315 30.97 38.68 7.23
CA GLY A 315 30.25 38.51 8.48
C GLY A 315 30.96 39.15 9.66
N LEU A 316 32.27 39.26 9.60
CA LEU A 316 33.01 40.02 10.61
C LEU A 316 32.78 41.51 10.43
N GLN A 317 32.72 41.96 9.17
CA GLN A 317 32.33 43.34 8.87
C GLN A 317 30.86 43.59 9.21
N LEU A 318 29.98 42.58 9.03
CA LEU A 318 28.58 42.65 9.45
C LEU A 318 28.39 42.47 10.95
N GLN A 319 29.38 41.91 11.65
CA GLN A 319 29.42 41.94 13.12
C GLN A 319 29.88 43.30 13.64
N GLN A 320 30.90 43.88 13.00
CA GLN A 320 31.36 45.22 13.36
C GLN A 320 30.26 46.24 13.12
N GLU A 321 29.62 46.18 11.95
CA GLU A 321 28.47 47.03 11.67
C GLU A 321 27.25 46.65 12.52
N PHE A 322 27.06 45.35 12.80
CA PHE A 322 25.96 44.93 13.67
C PHE A 322 26.21 45.30 15.13
N VAL A 323 27.48 45.29 15.58
CA VAL A 323 27.85 45.68 16.94
C VAL A 323 27.23 47.02 17.37
N GLY A 345 23.17 32.56 9.10
CA GLY A 345 23.51 33.35 7.93
C GLY A 345 23.53 32.56 6.63
N TRP A 346 22.92 33.13 5.56
CA TRP A 346 22.89 32.46 4.25
C TRP A 346 24.27 31.97 3.91
N TYR A 347 25.25 32.80 4.23
CA TYR A 347 26.61 32.33 4.05
C TYR A 347 26.92 31.22 5.06
N ILE A 348 26.49 31.34 6.33
CA ILE A 348 26.87 30.32 7.32
C ILE A 348 26.47 28.95 6.85
N MET A 349 25.36 28.93 6.11
CA MET A 349 25.00 27.76 5.35
C MET A 349 25.98 27.51 4.22
N ILE A 350 26.30 28.56 3.44
CA ILE A 350 27.13 28.37 2.22
C ILE A 350 28.51 27.81 2.59
N ILE A 351 29.08 28.30 3.67
CA ILE A 351 30.37 27.96 4.21
C ILE A 351 30.33 26.66 4.98
N ILE A 352 29.29 26.45 5.78
CA ILE A 352 29.10 25.15 6.41
C ILE A 352 29.02 24.06 5.35
N SER A 353 28.38 24.37 4.22
CA SER A 353 28.34 23.49 3.07
C SER A 353 29.74 23.25 2.58
N ASP A 354 30.35 24.21 1.91
CA ASP A 354 31.65 23.93 1.28
C ASP A 354 32.75 23.59 2.30
N ILE A 355 32.45 23.66 3.61
CA ILE A 355 33.31 23.07 4.63
C ILE A 355 33.06 21.57 4.73
N LEU A 356 31.79 21.18 4.72
CA LEU A 356 31.50 19.76 4.60
C LEU A 356 31.94 19.23 3.24
N THR A 357 31.96 20.11 2.24
CA THR A 357 32.42 19.74 0.91
C THR A 357 33.91 19.73 0.86
N ILE A 358 34.53 20.56 1.70
CA ILE A 358 35.97 20.65 1.77
C ILE A 358 36.55 19.48 2.56
N ILE A 359 36.00 19.27 3.76
CA ILE A 359 36.27 18.05 4.50
C ILE A 359 35.83 16.86 3.70
N GLY A 360 34.84 17.05 2.84
CA GLY A 360 34.41 15.99 1.96
C GLY A 360 35.42 15.70 0.88
N SER A 361 36.03 16.74 0.32
CA SER A 361 36.99 16.54 -0.76
C SER A 361 38.30 16.01 -0.23
N ILE A 362 38.72 16.54 0.92
CA ILE A 362 39.85 15.98 1.64
C ILE A 362 39.60 14.52 2.03
N LEU A 363 38.39 14.21 2.47
CA LEU A 363 38.13 12.86 2.93
C LEU A 363 37.97 11.88 1.78
N LYS A 364 37.45 12.31 0.63
CA LYS A 364 37.44 11.41 -0.52
C LYS A 364 38.85 11.21 -1.03
N MET A 365 39.69 12.22 -0.87
CA MET A 365 41.12 11.98 -0.96
C MET A 365 41.56 10.97 0.09
N GLU A 366 40.90 10.97 1.25
CA GLU A 366 41.34 10.16 2.38
C GLU A 366 40.99 8.67 2.22
N ILE A 367 39.77 8.35 1.76
CA ILE A 367 39.41 6.99 1.37
C ILE A 367 40.05 6.59 0.04
N GLN A 368 40.55 7.57 -0.73
CA GLN A 368 41.47 7.26 -1.83
C GLN A 368 42.80 6.72 -1.29
N ALA A 369 43.29 7.28 -0.18
CA ALA A 369 44.50 6.74 0.45
C ALA A 369 44.24 5.43 1.21
N LYS A 370 43.15 5.36 1.99
CA LYS A 370 42.93 4.28 2.95
C LYS A 370 42.36 3.00 2.32
N SER A 371 41.46 3.14 1.33
CA SER A 371 40.81 2.01 0.64
C SER A 371 39.92 1.20 1.59
N LEU A 372 39.10 1.90 2.40
CA LEU A 372 38.49 1.30 3.58
C LEU A 372 37.29 0.39 3.26
N THR A 373 36.31 0.85 2.46
CA THR A 373 35.02 0.19 2.04
C THR A 373 33.79 0.38 2.97
N SER A 374 34.05 1.07 4.08
CA SER A 374 33.09 1.51 5.07
C SER A 374 33.20 3.06 5.07
N TYR A 375 33.73 3.58 3.96
CA TYR A 375 33.91 5.00 3.77
C TYR A 375 32.58 5.64 3.40
N ASP A 376 31.52 4.84 3.45
CA ASP A 376 30.17 5.30 3.13
C ASP A 376 29.95 6.60 3.87
N VAL A 377 30.53 6.67 5.06
CA VAL A 377 30.45 7.86 5.89
C VAL A 377 30.97 8.98 5.03
N CYS A 378 32.17 8.79 4.48
CA CYS A 378 32.72 9.82 3.60
C CYS A 378 31.67 10.28 2.59
N SER A 379 30.79 9.36 2.15
CA SER A 379 29.66 9.69 1.28
C SER A 379 28.66 10.60 2.01
N ILE A 380 28.21 10.20 3.21
CA ILE A 380 27.24 10.99 3.98
C ILE A 380 27.75 12.41 4.22
N LEU A 381 29.00 12.49 4.69
CA LEU A 381 29.72 13.74 4.83
C LEU A 381 29.62 14.55 3.56
N LEU A 382 29.92 13.88 2.44
CA LEU A 382 30.05 14.56 1.17
C LEU A 382 28.72 15.16 0.72
N GLY A 383 27.62 14.44 1.00
CA GLY A 383 26.32 14.80 0.47
C GLY A 383 25.53 15.78 1.29
N THR A 384 25.76 15.80 2.61
CA THR A 384 25.22 16.88 3.42
C THR A 384 25.49 18.21 2.74
N SER A 385 26.68 18.33 2.17
CA SER A 385 27.04 19.45 1.31
C SER A 385 26.03 19.65 0.18
N THR A 386 25.83 18.62 -0.63
CA THR A 386 24.88 18.70 -1.74
C THR A 386 23.61 19.36 -1.24
N MET A 387 23.15 18.90 -0.09
CA MET A 387 21.96 19.42 0.54
C MET A 387 22.04 20.93 0.70
N LEU A 388 22.93 21.35 1.60
CA LEU A 388 22.94 22.75 2.03
C LEU A 388 23.20 23.67 0.84
N VAL A 389 24.04 23.22 -0.08
CA VAL A 389 24.29 23.93 -1.32
C VAL A 389 23.02 24.08 -2.15
N TRP A 390 22.11 23.14 -2.05
CA TRP A 390 20.89 23.32 -2.80
C TRP A 390 19.83 24.14 -2.09
N LEU A 391 19.84 24.22 -0.76
CA LEU A 391 19.16 25.37 -0.14
C LEU A 391 19.76 26.68 -0.65
N GLY A 392 21.04 26.63 -1.03
CA GLY A 392 21.58 27.72 -1.83
C GLY A 392 20.91 27.86 -3.18
N VAL A 393 20.58 26.73 -3.83
CA VAL A 393 19.73 26.80 -5.04
C VAL A 393 18.45 27.54 -4.70
N ILE A 394 18.02 27.38 -3.43
CA ILE A 394 16.86 28.09 -2.93
C ILE A 394 17.09 29.60 -2.93
N ARG A 395 18.17 30.10 -2.31
CA ARG A 395 18.36 31.57 -2.31
C ARG A 395 18.83 32.12 -3.66
N TYR A 396 19.15 31.24 -4.63
CA TYR A 396 19.36 31.68 -6.00
C TYR A 396 18.03 32.02 -6.67
N LEU A 397 17.07 31.06 -6.73
CA LEU A 397 15.79 31.39 -7.37
C LEU A 397 15.07 32.46 -6.59
N GLY A 398 15.17 32.36 -5.27
CA GLY A 398 14.76 33.44 -4.40
C GLY A 398 15.50 34.71 -4.78
N PHE A 399 16.77 34.58 -5.22
CA PHE A 399 17.55 35.75 -5.65
C PHE A 399 16.93 36.42 -6.87
N PHE A 400 16.39 35.64 -7.81
CA PHE A 400 15.72 36.26 -8.93
C PHE A 400 14.43 36.97 -8.52
N ALA A 401 13.47 36.24 -7.92
CA ALA A 401 12.15 36.85 -7.70
C ALA A 401 12.21 37.97 -6.67
N LYS A 402 12.99 37.77 -5.59
CA LYS A 402 13.40 38.68 -4.52
C LYS A 402 12.41 38.82 -3.37
N TYR A 403 11.19 38.30 -3.48
CA TYR A 403 10.25 38.38 -2.36
C TYR A 403 10.11 37.03 -1.60
N ASN A 404 10.67 35.92 -2.13
CA ASN A 404 11.05 34.70 -1.39
C ASN A 404 10.05 34.30 -0.32
N LEU A 405 8.77 34.51 -0.57
CA LEU A 405 7.72 34.22 0.40
C LEU A 405 7.68 32.77 0.86
N LEU A 406 7.92 31.83 -0.04
CA LEU A 406 7.86 30.43 0.34
C LEU A 406 8.84 30.09 1.45
N ILE A 407 10.07 30.60 1.34
CA ILE A 407 11.06 30.34 2.38
C ILE A 407 11.01 31.44 3.44
N LEU A 408 10.18 32.43 3.18
CA LEU A 408 10.03 33.60 4.06
C LEU A 408 9.01 33.32 5.15
N THR A 409 7.85 32.78 4.76
CA THR A 409 6.86 32.30 5.71
C THR A 409 7.37 31.06 6.46
N LEU A 410 7.98 30.10 5.74
CA LEU A 410 8.50 28.89 6.40
C LEU A 410 9.45 29.24 7.54
N GLN A 411 10.48 30.03 7.21
CA GLN A 411 11.36 30.61 8.20
C GLN A 411 10.56 31.25 9.30
N ALA A 412 9.58 32.07 8.91
CA ALA A 412 8.90 32.92 9.88
C ALA A 412 8.37 32.11 11.06
N ALA A 413 7.52 31.14 10.79
CA ALA A 413 6.87 30.46 11.89
C ALA A 413 7.52 29.14 12.28
N LEU A 414 8.72 28.79 11.73
CA LEU A 414 9.45 27.62 12.24
C LEU A 414 9.45 27.50 13.78
N PRO A 415 9.30 28.64 14.57
CA PRO A 415 9.16 28.51 16.05
C PRO A 415 8.05 27.68 16.63
N ASN A 416 6.80 27.99 16.25
CA ASN A 416 5.69 27.15 16.66
C ASN A 416 5.85 25.76 16.04
N VAL A 417 6.66 25.66 14.99
CA VAL A 417 6.86 24.43 14.25
C VAL A 417 7.70 23.48 15.06
N ILE A 418 8.93 23.87 15.33
CA ILE A 418 9.81 23.05 16.12
C ILE A 418 9.24 22.84 17.52
N ARG A 419 8.55 23.85 18.06
CA ARG A 419 8.01 23.71 19.41
C ARG A 419 6.96 22.61 19.40
N PHE A 420 6.11 22.61 18.37
CA PHE A 420 5.10 21.58 18.21
C PHE A 420 5.71 20.19 17.98
N CYS A 421 6.71 20.08 17.09
CA CYS A 421 7.35 18.80 16.80
C CYS A 421 7.88 18.16 18.06
N CYS A 422 8.80 18.86 18.75
CA CYS A 422 9.45 18.23 19.88
C CYS A 422 8.46 18.09 21.06
N CYS A 423 7.44 18.96 21.16
CA CYS A 423 6.49 18.82 22.26
C CYS A 423 5.52 17.66 22.05
N ALA A 424 4.82 17.62 20.91
CA ALA A 424 3.87 16.55 20.68
C ALA A 424 4.57 15.22 20.47
N ALA A 425 5.76 15.27 19.88
CA ALA A 425 6.54 14.06 19.59
C ALA A 425 6.73 13.22 20.85
N MET A 426 6.65 13.89 21.99
CA MET A 426 6.45 13.20 23.26
C MET A 426 5.20 12.34 23.20
N ILE A 427 4.04 12.94 22.91
CA ILE A 427 2.81 12.15 22.83
C ILE A 427 3.01 10.93 21.96
N TYR A 428 3.72 11.12 20.84
CA TYR A 428 4.05 10.00 19.98
C TYR A 428 4.73 8.93 20.81
N LEU A 429 5.84 9.33 21.40
CA LEU A 429 6.68 8.40 22.12
C LEU A 429 5.81 7.54 23.04
N GLY A 430 4.99 8.20 23.83
CA GLY A 430 4.22 7.48 24.80
C GLY A 430 3.37 6.43 24.13
N TYR A 431 2.71 6.81 23.03
CA TYR A 431 1.88 5.79 22.39
C TYR A 431 2.73 4.60 21.95
N CYS A 432 3.91 4.87 21.38
CA CYS A 432 4.75 3.78 20.93
C CYS A 432 5.00 2.80 22.06
N PHE A 433 5.29 3.34 23.24
CA PHE A 433 5.39 2.54 24.44
C PHE A 433 4.11 1.73 24.69
N CYS A 434 2.95 2.37 24.71
CA CYS A 434 1.74 1.63 25.01
C CYS A 434 1.60 0.50 24.02
N GLY A 435 1.85 0.80 22.75
CA GLY A 435 1.80 -0.22 21.73
C GLY A 435 2.90 -1.23 22.01
N TRP A 436 4.02 -0.70 22.50
CA TRP A 436 5.21 -1.47 22.76
C TRP A 436 5.12 -2.61 23.77
N ILE A 437 4.40 -2.43 24.87
CA ILE A 437 4.34 -3.50 25.84
C ILE A 437 3.14 -4.38 25.58
N VAL A 438 1.99 -3.80 25.23
CA VAL A 438 0.84 -4.64 24.94
C VAL A 438 0.75 -5.11 23.48
N LEU A 439 0.78 -4.17 22.55
CA LEU A 439 0.69 -4.50 21.12
C LEU A 439 1.84 -5.25 20.46
N GLY A 440 3.06 -4.83 20.77
CA GLY A 440 4.28 -5.34 20.19
C GLY A 440 4.57 -6.82 20.32
N PRO A 441 4.22 -7.46 21.44
CA PRO A 441 4.21 -8.92 21.43
C PRO A 441 3.56 -9.43 20.16
N TYR A 442 2.47 -8.82 19.78
CA TYR A 442 1.62 -9.36 18.74
C TYR A 442 2.08 -8.97 17.32
N HIS A 443 2.78 -7.83 17.17
CA HIS A 443 2.92 -7.15 15.85
C HIS A 443 3.83 -7.90 14.89
N ASP A 444 5.07 -8.14 15.28
CA ASP A 444 6.08 -8.55 14.32
C ASP A 444 6.82 -9.74 14.90
N LYS A 445 7.37 -10.59 14.01
CA LYS A 445 8.22 -11.70 14.45
C LYS A 445 9.60 -11.20 14.89
N PHE A 446 10.11 -10.16 14.23
CA PHE A 446 11.31 -9.45 14.72
C PHE A 446 11.03 -8.72 16.04
N ARG A 447 9.80 -8.20 16.21
CA ARG A 447 9.29 -7.61 17.45
C ARG A 447 10.29 -6.65 18.08
N SER A 448 10.77 -5.72 17.28
CA SER A 448 11.61 -4.65 17.75
C SER A 448 10.75 -3.39 17.92
N LEU A 449 10.85 -2.75 19.11
CA LEU A 449 10.20 -1.46 19.39
C LEU A 449 10.52 -0.40 18.34
N ASN A 450 11.75 -0.42 17.82
CA ASN A 450 12.12 0.41 16.69
C ASN A 450 11.11 0.24 15.58
N MET A 451 10.86 -1.01 15.18
CA MET A 451 9.88 -1.29 14.14
C MET A 451 8.49 -0.78 14.53
N VAL A 452 8.10 -0.92 15.80
CA VAL A 452 6.77 -0.44 16.21
C VAL A 452 6.68 1.06 16.05
N SER A 453 7.72 1.78 16.46
CA SER A 453 7.82 3.22 16.23
C SER A 453 7.68 3.56 14.74
N GLU A 454 8.40 2.82 13.91
CA GLU A 454 8.35 3.04 12.48
C GLU A 454 6.93 2.85 11.93
N CYS A 455 6.23 1.77 12.32
CA CYS A 455 4.92 1.48 11.69
C CYS A 455 3.78 2.35 12.24
N LEU A 456 3.92 2.89 13.45
CA LEU A 456 3.12 4.04 13.85
C LEU A 456 3.23 5.15 12.85
N PHE A 457 4.44 5.66 12.70
CA PHE A 457 4.61 6.76 11.78
C PHE A 457 4.18 6.32 10.37
N SER A 458 4.20 5.00 10.10
CA SER A 458 3.64 4.46 8.85
C SER A 458 2.16 4.82 8.71
N LEU A 459 1.35 4.52 9.73
CA LEU A 459 -0.05 4.95 9.65
C LEU A 459 -0.17 6.48 9.55
N ILE A 460 0.80 7.21 10.12
CA ILE A 460 0.85 8.67 9.92
C ILE A 460 0.99 9.03 8.45
N ASN A 461 1.49 8.06 7.68
CA ASN A 461 1.68 8.18 6.25
C ASN A 461 0.53 7.56 5.47
N GLY A 462 -0.46 7.05 6.19
CA GLY A 462 -1.64 6.44 5.57
C GLY A 462 -1.65 4.99 5.12
N ASP A 463 -0.62 4.22 5.47
CA ASP A 463 -0.56 2.81 5.07
C ASP A 463 -0.17 1.91 6.24
N ASP A 464 -0.52 0.64 6.20
CA ASP A 464 -0.16 -0.25 7.30
C ASP A 464 -1.37 -0.57 8.15
N MET A 465 -2.45 0.16 7.89
CA MET A 465 -3.70 -0.10 8.57
C MET A 465 -4.06 -1.50 8.09
N PHE A 466 -3.82 -1.73 6.81
CA PHE A 466 -4.07 -2.99 6.15
C PHE A 466 -3.26 -4.14 6.73
N ALA A 467 -1.98 -3.94 7.07
CA ALA A 467 -1.33 -5.14 7.61
C ALA A 467 -1.45 -5.21 9.13
N THR A 468 -1.69 -4.07 9.81
CA THR A 468 -1.91 -4.02 11.26
C THR A 468 -3.29 -4.52 11.64
N PHE A 469 -4.34 -4.01 10.97
CA PHE A 469 -5.70 -4.50 11.22
C PHE A 469 -5.84 -5.97 10.90
N ALA A 470 -5.02 -6.46 9.95
CA ALA A 470 -5.22 -7.79 9.41
C ALA A 470 -4.86 -8.88 10.42
N LYS A 471 -3.67 -8.81 11.01
CA LYS A 471 -3.20 -9.92 11.85
C LYS A 471 -3.92 -9.86 13.20
N MET A 472 -4.64 -10.94 13.55
CA MET A 472 -5.76 -10.93 14.51
C MET A 472 -5.37 -11.58 15.83
N GLN A 473 -5.59 -10.84 16.94
CA GLN A 473 -5.29 -11.28 18.30
C GLN A 473 -6.04 -12.56 18.59
N GLN A 474 -7.36 -12.43 18.83
CA GLN A 474 -8.30 -13.54 18.97
C GLN A 474 -8.03 -14.41 20.20
N LYS A 475 -6.87 -14.26 20.85
CA LYS A 475 -6.63 -14.99 22.10
C LYS A 475 -7.44 -14.38 23.24
N SER A 476 -7.34 -13.06 23.42
CA SER A 476 -8.10 -12.32 24.42
C SER A 476 -8.96 -11.31 23.69
N TYR A 477 -10.25 -11.38 23.94
CA TYR A 477 -11.18 -10.33 23.54
C TYR A 477 -10.76 -8.98 24.12
N LEU A 478 -10.09 -8.98 25.29
CA LEU A 478 -9.53 -7.73 25.83
C LEU A 478 -8.33 -7.27 25.03
N VAL A 479 -7.52 -8.23 24.54
CA VAL A 479 -6.33 -7.91 23.77
C VAL A 479 -6.69 -7.15 22.49
N TRP A 480 -7.44 -7.83 21.62
CA TRP A 480 -7.93 -7.18 20.40
C TRP A 480 -8.77 -5.95 20.74
N LEU A 481 -9.52 -6.00 21.85
CA LEU A 481 -10.38 -4.88 22.22
C LEU A 481 -9.57 -3.62 22.41
N PHE A 482 -8.54 -3.68 23.24
CA PHE A 482 -7.66 -2.53 23.34
C PHE A 482 -7.06 -2.25 21.97
N SER A 483 -6.75 -3.32 21.21
CA SER A 483 -6.06 -3.16 19.94
C SER A 483 -6.78 -2.16 19.04
N ARG A 484 -8.09 -2.33 18.92
CA ARG A 484 -8.88 -1.38 18.17
C ARG A 484 -8.98 -0.03 18.94
N ILE A 485 -9.03 -0.11 20.28
CA ILE A 485 -9.15 1.09 21.10
C ILE A 485 -8.07 2.11 20.77
N TYR A 486 -6.81 1.71 20.86
CA TYR A 486 -5.72 2.65 20.63
C TYR A 486 -5.52 2.94 19.16
N LEU A 487 -5.55 1.91 18.33
CA LEU A 487 -5.19 2.19 16.95
C LEU A 487 -6.12 3.22 16.34
N TYR A 488 -7.38 3.18 16.74
CA TYR A 488 -8.26 4.28 16.36
C TYR A 488 -8.03 5.51 17.23
N SER A 489 -7.59 5.31 18.48
CA SER A 489 -7.33 6.42 19.39
C SER A 489 -6.27 7.35 18.83
N PHE A 490 -5.09 6.82 18.53
CA PHE A 490 -3.99 7.60 18.01
C PHE A 490 -4.27 7.97 16.54
N ILE A 491 -4.59 6.96 15.68
CA ILE A 491 -4.88 7.23 14.27
C ILE A 491 -5.86 8.37 14.21
N SER A 492 -6.69 8.41 15.24
CA SER A 492 -7.56 9.49 15.65
C SER A 492 -6.79 10.78 15.98
N LEU A 493 -6.02 10.82 17.09
CA LEU A 493 -5.53 12.11 17.62
C LEU A 493 -4.70 12.86 16.62
N PHE A 494 -4.18 12.20 15.60
CA PHE A 494 -3.37 12.96 14.65
C PHE A 494 -4.16 13.53 13.47
N ILE A 495 -5.04 12.72 12.89
CA ILE A 495 -5.82 13.22 11.78
C ILE A 495 -6.68 14.35 12.30
N TYR A 496 -7.32 14.11 13.44
CA TYR A 496 -8.15 15.12 14.07
C TYR A 496 -7.26 16.25 14.59
N MET A 497 -6.15 15.82 15.17
CA MET A 497 -5.17 16.74 15.76
C MET A 497 -3.87 17.12 15.06
N ILE A 498 -3.15 16.15 14.51
CA ILE A 498 -1.84 16.44 13.94
C ILE A 498 -1.66 17.35 12.72
N LEU A 499 -2.34 17.02 11.63
CA LEU A 499 -2.26 17.82 10.43
C LEU A 499 -2.85 19.21 10.68
N SER A 500 -3.92 19.25 11.46
CA SER A 500 -4.64 20.48 11.71
C SER A 500 -3.83 21.60 12.39
N LEU A 501 -3.08 21.29 13.44
CA LEU A 501 -2.31 22.33 14.09
C LEU A 501 -1.34 22.82 13.02
N PHE A 502 -0.81 21.84 12.32
CA PHE A 502 0.13 22.05 11.20
C PHE A 502 -0.40 23.02 10.19
N ILE A 503 -1.45 22.52 9.55
CA ILE A 503 -2.16 23.24 8.54
C ILE A 503 -2.40 24.63 9.07
N ALA A 504 -2.48 24.74 10.40
CA ALA A 504 -2.94 25.95 11.08
C ALA A 504 -1.88 27.05 11.14
N LEU A 505 -0.86 26.83 11.94
CA LEU A 505 0.18 27.83 12.06
C LEU A 505 0.74 28.14 10.67
N ILE A 506 0.77 27.11 9.83
CA ILE A 506 1.10 27.32 8.44
C ILE A 506 0.18 28.38 7.82
N THR A 507 -1.14 28.23 8.01
CA THR A 507 -2.07 29.21 7.46
C THR A 507 -1.75 30.60 8.00
N ASP A 508 -1.64 30.71 9.34
CA ASP A 508 -1.53 31.99 10.03
C ASP A 508 -0.36 32.82 9.54
N THR A 509 0.82 32.22 9.58
CA THR A 509 1.97 32.98 9.13
C THR A 509 1.98 33.14 7.61
N TYR A 510 1.26 32.31 6.86
CA TYR A 510 1.06 32.72 5.48
C TYR A 510 0.35 34.05 5.43
N GLU A 511 -0.70 34.19 6.24
CA GLU A 511 -1.45 35.45 6.29
C GLU A 511 -0.54 36.65 6.59
N THR A 512 0.20 36.62 7.72
CA THR A 512 1.00 37.80 8.02
C THR A 512 2.12 37.98 7.01
N ILE A 513 2.56 36.90 6.36
CA ILE A 513 3.51 37.04 5.25
C ILE A 513 2.94 37.92 4.18
N LYS A 514 1.77 37.55 3.67
CA LYS A 514 1.09 38.34 2.65
C LYS A 514 0.72 39.73 3.17
N GLN A 515 0.43 39.83 4.47
CA GLN A 515 -0.02 41.09 5.02
C GLN A 515 1.12 42.09 5.08
N TYR A 516 2.17 41.79 5.86
CA TYR A 516 3.33 42.67 6.01
C TYR A 516 4.06 42.88 4.69
N GLN A 517 3.97 41.91 3.76
CA GLN A 517 4.33 42.23 2.40
C GLN A 517 3.44 43.34 1.86
N GLN A 518 2.12 43.16 1.96
CA GLN A 518 1.25 44.23 1.51
C GLN A 518 1.28 45.38 2.54
N THR A 524 10.29 48.65 11.29
CA THR A 524 11.55 48.47 12.02
C THR A 524 12.35 49.77 12.07
N GLU A 525 12.82 50.13 13.26
CA GLU A 525 13.68 51.30 13.39
C GLU A 525 15.02 51.10 12.71
N LEU A 526 15.52 49.85 12.69
CA LEU A 526 16.79 49.55 12.04
C LEU A 526 16.73 49.85 10.55
N ARG A 527 15.68 49.35 9.89
CA ARG A 527 15.50 49.66 8.47
C ARG A 527 15.24 51.13 8.25
N THR A 528 14.59 51.80 9.21
CA THR A 528 14.31 53.23 9.07
C THR A 528 15.60 54.04 9.08
N PHE A 529 16.50 53.76 10.02
CA PHE A 529 17.82 54.40 9.99
C PHE A 529 18.64 53.96 8.78
N ILE A 530 18.38 52.75 8.26
CA ILE A 530 18.99 52.34 7.01
C ILE A 530 18.49 53.18 5.84
N SER A 531 17.21 53.55 5.86
CA SER A 531 16.62 54.36 4.80
C SER A 531 17.24 55.75 4.78
N ARG B 45 -19.37 49.73 -27.50
CA ARG B 45 -20.36 49.88 -28.55
C ARG B 45 -21.05 48.54 -28.83
N LYS B 46 -21.56 48.36 -30.05
CA LYS B 46 -22.02 47.04 -30.46
C LYS B 46 -20.88 46.04 -30.50
N LEU B 47 -19.68 46.50 -30.88
CA LEU B 47 -18.52 45.62 -30.87
C LEU B 47 -18.26 45.06 -29.49
N LYS B 48 -18.40 45.89 -28.46
CA LYS B 48 -18.22 45.42 -27.10
C LYS B 48 -19.30 44.41 -26.69
N PHE B 49 -20.48 44.46 -27.30
CA PHE B 49 -21.53 43.48 -26.98
C PHE B 49 -21.29 42.14 -27.67
N PHE B 50 -20.96 42.16 -28.97
CA PHE B 50 -20.54 40.92 -29.63
C PHE B 50 -19.35 40.30 -28.90
N PHE B 51 -18.46 41.14 -28.37
CA PHE B 51 -17.27 40.64 -27.66
C PHE B 51 -17.59 40.22 -26.22
N MET B 52 -17.93 41.18 -25.36
CA MET B 52 -18.39 40.84 -24.02
C MET B 52 -19.83 40.37 -24.09
N ASN B 53 -20.07 39.29 -24.82
CA ASN B 53 -21.40 38.74 -24.97
C ASN B 53 -21.59 37.43 -24.21
N PRO B 54 -22.90 37.10 -23.88
CA PRO B 54 -23.04 35.84 -23.16
C PRO B 54 -23.60 34.75 -24.07
N CYS B 55 -22.91 33.62 -24.17
CA CYS B 55 -23.36 32.52 -25.01
C CYS B 55 -24.84 32.28 -24.77
N GLU B 56 -25.21 32.06 -23.51
CA GLU B 56 -26.60 31.84 -23.14
C GLU B 56 -27.46 33.09 -23.35
N LYS B 57 -26.93 34.30 -23.12
CA LYS B 57 -27.69 35.49 -23.51
C LYS B 57 -27.73 35.62 -25.02
N PHE B 58 -26.68 35.17 -25.73
CA PHE B 58 -26.73 35.11 -27.18
C PHE B 58 -27.84 34.19 -27.67
N TRP B 59 -28.22 33.21 -26.85
CA TRP B 59 -29.38 32.38 -27.20
C TRP B 59 -30.63 33.25 -27.37
N ALA B 60 -30.75 34.35 -26.60
CA ALA B 60 -31.92 35.23 -26.73
C ALA B 60 -32.00 35.84 -28.13
N ARG B 61 -30.87 36.28 -28.67
CA ARG B 61 -30.79 36.76 -30.04
C ARG B 61 -30.80 35.58 -31.03
N GLY B 62 -31.19 35.87 -32.27
CA GLY B 62 -31.28 34.86 -33.33
C GLY B 62 -30.07 34.80 -34.26
N ARG B 63 -29.87 33.61 -34.85
CA ARG B 63 -28.91 33.18 -35.87
C ARG B 63 -27.49 33.05 -35.31
N LYS B 64 -27.24 33.42 -34.03
CA LYS B 64 -26.07 33.08 -33.22
C LYS B 64 -25.96 31.62 -32.75
N PRO B 65 -27.04 30.89 -32.42
CA PRO B 65 -26.86 29.55 -31.80
C PRO B 65 -26.15 28.51 -32.67
N TRP B 66 -25.89 28.77 -33.96
CA TRP B 66 -25.26 27.81 -34.88
C TRP B 66 -23.80 27.48 -34.51
N LYS B 67 -23.04 28.48 -34.05
CA LYS B 67 -21.62 28.28 -33.74
C LYS B 67 -21.45 27.29 -32.59
N LEU B 68 -22.23 27.42 -31.50
CA LEU B 68 -22.07 26.49 -30.38
C LEU B 68 -22.35 25.06 -30.81
N ALA B 69 -23.46 24.80 -31.51
CA ALA B 69 -23.80 23.43 -31.92
C ALA B 69 -22.73 22.85 -32.83
N ILE B 70 -22.19 23.70 -33.71
CA ILE B 70 -20.96 23.32 -34.41
C ILE B 70 -19.90 22.84 -33.41
N GLN B 71 -19.70 23.61 -32.33
CA GLN B 71 -18.64 23.31 -31.38
C GLN B 71 -18.93 22.05 -30.55
N ILE B 72 -20.20 21.77 -30.21
CA ILE B 72 -20.55 20.52 -29.52
C ILE B 72 -20.35 19.34 -30.47
N LEU B 73 -20.72 19.53 -31.74
CA LEU B 73 -20.40 18.51 -32.71
C LEU B 73 -18.91 18.21 -32.64
N LYS B 74 -18.07 19.24 -32.62
CA LYS B 74 -16.63 19.02 -32.45
C LYS B 74 -16.32 18.28 -31.15
N ILE B 75 -17.06 18.59 -30.08
CA ILE B 75 -16.86 17.93 -28.80
C ILE B 75 -17.02 16.42 -28.92
N ALA B 76 -18.23 15.97 -29.27
CA ALA B 76 -18.48 14.54 -29.30
C ALA B 76 -17.84 13.84 -30.49
N MET B 77 -17.59 14.55 -31.59
CA MET B 77 -16.79 14.02 -32.68
C MET B 77 -15.43 13.64 -32.13
N VAL B 78 -14.68 14.66 -31.71
CA VAL B 78 -13.39 14.42 -31.09
C VAL B 78 -13.51 13.33 -30.05
N THR B 79 -14.58 13.37 -29.27
CA THR B 79 -14.84 12.36 -28.24
C THR B 79 -14.85 10.97 -28.85
N ILE B 80 -15.66 10.77 -29.88
CA ILE B 80 -15.69 9.49 -30.58
C ILE B 80 -14.31 9.15 -31.13
N GLN B 81 -13.65 10.12 -31.77
CA GLN B 81 -12.32 9.89 -32.34
C GLN B 81 -11.43 9.28 -31.27
N LEU B 82 -11.52 9.83 -30.06
CA LEU B 82 -10.93 9.16 -28.94
C LEU B 82 -11.43 7.74 -28.91
N VAL B 83 -12.73 7.58 -28.76
CA VAL B 83 -13.33 6.29 -28.45
C VAL B 83 -12.82 5.19 -29.34
N LEU B 84 -13.22 5.33 -30.58
CA LEU B 84 -12.83 4.40 -31.63
C LEU B 84 -11.32 4.26 -31.68
N PHE B 85 -10.63 5.38 -31.53
CA PHE B 85 -9.19 5.30 -31.61
C PHE B 85 -8.69 4.40 -30.48
N GLY B 86 -9.23 4.60 -29.27
CA GLY B 86 -8.79 3.85 -28.10
C GLY B 86 -9.00 2.36 -28.24
N LEU B 87 -10.16 1.98 -28.77
CA LEU B 87 -10.22 0.60 -29.20
C LEU B 87 -8.98 0.35 -29.98
N SER B 88 -8.74 1.19 -30.97
CA SER B 88 -7.73 0.83 -31.93
C SER B 88 -6.39 0.58 -31.22
N ASN B 89 -5.87 1.61 -30.52
CA ASN B 89 -4.52 1.52 -29.96
C ASN B 89 -4.42 0.40 -28.94
N GLN B 90 -5.45 0.26 -28.12
CA GLN B 90 -5.36 -0.73 -27.06
C GLN B 90 -5.40 -2.16 -27.61
N MET B 91 -6.31 -2.44 -28.54
CA MET B 91 -6.43 -3.76 -29.13
C MET B 91 -5.12 -4.16 -29.78
N VAL B 92 -4.60 -3.29 -30.64
CA VAL B 92 -3.28 -3.54 -31.19
C VAL B 92 -2.33 -3.93 -30.07
N VAL B 93 -2.21 -3.02 -29.10
CA VAL B 93 -1.19 -3.07 -28.08
C VAL B 93 -1.28 -4.37 -27.31
N ALA B 94 -2.43 -4.58 -26.72
CA ALA B 94 -2.66 -5.77 -25.93
C ALA B 94 -2.38 -7.01 -26.74
N PHE B 95 -2.66 -7.00 -28.05
CA PHE B 95 -2.24 -8.18 -28.77
C PHE B 95 -0.73 -8.32 -28.74
N LYS B 96 -0.02 -7.20 -28.90
CA LYS B 96 1.43 -7.28 -28.90
C LYS B 96 1.94 -7.83 -27.58
N GLU B 97 1.41 -7.31 -26.48
CA GLU B 97 1.86 -7.74 -25.16
C GLU B 97 1.50 -9.18 -24.92
N GLU B 98 0.32 -9.56 -25.38
CA GLU B 98 -0.13 -10.90 -25.23
C GLU B 98 0.97 -11.73 -25.83
N ASN B 99 1.01 -11.65 -27.17
CA ASN B 99 1.95 -12.45 -27.93
C ASN B 99 3.33 -12.32 -27.25
N THR B 100 3.63 -11.12 -26.79
CA THR B 100 4.93 -10.78 -26.24
C THR B 100 5.22 -11.69 -25.06
N ILE B 101 4.52 -11.41 -23.95
CA ILE B 101 4.75 -12.08 -22.69
C ILE B 101 4.89 -13.57 -22.96
N ALA B 102 4.12 -14.05 -23.93
CA ALA B 102 4.15 -15.46 -24.19
C ALA B 102 5.45 -15.88 -24.82
N PHE B 103 6.04 -15.03 -25.63
CA PHE B 103 7.28 -15.47 -26.27
C PHE B 103 8.30 -15.83 -25.21
N LYS B 104 8.35 -15.02 -24.15
CA LYS B 104 9.07 -15.43 -22.95
C LYS B 104 8.55 -16.76 -22.48
N HIS B 105 7.24 -16.99 -22.62
CA HIS B 105 6.71 -18.24 -22.09
C HIS B 105 7.26 -19.43 -22.86
N LEU B 106 7.50 -19.30 -24.16
CA LEU B 106 8.06 -20.40 -24.93
C LEU B 106 9.55 -20.60 -24.68
N PHE B 107 10.30 -19.50 -24.77
CA PHE B 107 11.75 -19.60 -24.91
C PHE B 107 12.56 -19.51 -23.63
N LEU B 108 11.99 -19.04 -22.50
CA LEU B 108 12.72 -19.14 -21.23
C LEU B 108 12.61 -20.58 -20.73
N LYS B 109 13.77 -21.19 -20.42
CA LYS B 109 13.78 -22.62 -20.07
C LYS B 109 12.89 -22.86 -18.88
N GLY B 110 12.82 -21.88 -17.98
CA GLY B 110 11.98 -21.98 -16.80
C GLY B 110 11.45 -20.68 -16.25
N TYR B 111 10.38 -20.85 -15.49
CA TYR B 111 9.79 -19.87 -14.59
C TYR B 111 9.62 -20.49 -13.20
N MET B 112 9.59 -19.60 -12.18
CA MET B 112 9.81 -19.94 -10.78
C MET B 112 8.49 -19.91 -10.04
N ASP B 113 8.62 -20.12 -8.74
CA ASP B 113 7.52 -19.88 -7.82
C ASP B 113 7.19 -18.40 -7.66
N ARG B 114 8.20 -17.51 -7.77
CA ARG B 114 7.94 -16.05 -7.85
C ARG B 114 7.75 -15.60 -9.30
N MET B 115 6.68 -14.82 -9.57
CA MET B 115 6.34 -14.43 -10.93
C MET B 115 7.47 -13.67 -11.58
N ASP B 116 8.25 -12.94 -10.77
CA ASP B 116 9.28 -11.98 -11.20
C ASP B 116 10.52 -12.61 -11.84
N ASP B 117 10.91 -12.07 -12.99
CA ASP B 117 11.91 -12.69 -13.85
C ASP B 117 13.25 -12.14 -13.58
N THR B 118 13.27 -11.14 -12.72
CA THR B 118 14.47 -10.42 -12.43
C THR B 118 15.62 -11.39 -12.17
N TYR B 119 15.30 -12.60 -11.70
CA TYR B 119 16.30 -13.61 -11.41
C TYR B 119 16.79 -14.43 -12.65
N ALA B 120 18.09 -14.82 -12.58
CA ALA B 120 18.87 -15.43 -13.66
C ALA B 120 19.99 -16.35 -13.15
N VAL B 121 20.57 -17.08 -14.12
CA VAL B 121 21.34 -18.29 -13.87
C VAL B 121 22.45 -18.06 -12.87
N TYR B 122 22.73 -19.10 -12.12
CA TYR B 122 24.00 -19.23 -11.46
C TYR B 122 24.96 -20.20 -12.16
N THR B 123 24.53 -20.90 -13.23
CA THR B 123 25.21 -22.12 -13.64
C THR B 123 25.66 -22.11 -15.11
N GLN B 124 26.71 -22.92 -15.38
CA GLN B 124 27.17 -23.20 -16.74
C GLN B 124 26.19 -24.13 -17.48
N SER B 125 25.84 -25.25 -16.84
CA SER B 125 24.76 -26.11 -17.33
C SER B 125 23.43 -25.38 -17.39
N ASP B 126 23.31 -24.25 -16.67
CA ASP B 126 22.11 -23.42 -16.76
C ASP B 126 22.05 -22.65 -18.08
N VAL B 127 23.15 -22.01 -18.44
CA VAL B 127 23.16 -21.28 -19.69
C VAL B 127 23.05 -22.24 -20.88
N TYR B 128 23.91 -23.28 -20.94
CA TYR B 128 23.76 -24.28 -22.01
C TYR B 128 22.39 -24.92 -21.96
N ASP B 129 21.79 -24.91 -20.76
CA ASP B 129 20.43 -25.38 -20.57
C ASP B 129 19.42 -24.46 -21.28
N GLN B 130 19.52 -23.14 -21.06
CA GLN B 130 18.62 -22.18 -21.70
C GLN B 130 18.79 -22.19 -23.20
N LEU B 131 20.03 -22.41 -23.66
CA LEU B 131 20.34 -22.51 -25.08
C LEU B 131 19.68 -23.73 -25.71
N ILE B 132 19.89 -24.90 -25.10
CA ILE B 132 19.23 -26.08 -25.62
C ILE B 132 17.73 -25.84 -25.69
N PHE B 133 17.16 -25.40 -24.57
CA PHE B 133 15.72 -25.25 -24.49
C PHE B 133 15.21 -24.32 -25.58
N ALA B 134 15.94 -23.23 -25.83
CA ALA B 134 15.48 -22.19 -26.75
C ALA B 134 15.81 -22.50 -28.22
N VAL B 135 16.97 -23.08 -28.51
CA VAL B 135 17.28 -23.46 -29.89
C VAL B 135 16.33 -24.56 -30.36
N ASN B 136 16.20 -25.59 -29.52
CA ASN B 136 15.15 -26.59 -29.66
C ASN B 136 13.77 -25.97 -29.56
N GLN B 137 13.66 -24.79 -28.96
CA GLN B 137 12.39 -24.09 -29.04
C GLN B 137 12.16 -23.59 -30.47
N TYR B 138 13.20 -22.99 -31.06
CA TYR B 138 13.12 -22.65 -32.48
C TYR B 138 12.67 -23.86 -33.27
N LEU B 139 13.28 -25.01 -32.99
CA LEU B 139 12.97 -26.22 -33.73
C LEU B 139 11.51 -26.63 -33.52
N GLN B 140 11.13 -26.83 -32.26
CA GLN B 140 9.91 -27.47 -31.81
C GLN B 140 8.76 -26.53 -31.74
N LEU B 141 8.94 -25.31 -32.26
CA LEU B 141 7.88 -24.31 -32.27
C LEU B 141 6.67 -24.76 -33.11
N TYR B 142 6.94 -25.29 -34.32
CA TYR B 142 5.86 -25.75 -35.20
C TYR B 142 4.99 -26.76 -34.48
N ASN B 143 5.63 -27.71 -33.81
CA ASN B 143 4.89 -28.73 -33.10
C ASN B 143 4.30 -28.19 -31.78
N VAL B 144 5.15 -27.66 -30.90
CA VAL B 144 4.79 -27.46 -29.49
C VAL B 144 4.07 -26.14 -29.23
N SER B 145 4.48 -25.07 -29.89
CA SER B 145 3.90 -23.76 -29.64
C SER B 145 2.44 -23.77 -30.02
N VAL B 146 1.57 -23.44 -29.05
CA VAL B 146 0.14 -23.43 -29.32
C VAL B 146 -0.33 -22.20 -30.11
N GLY B 147 0.52 -21.18 -30.25
CA GLY B 147 0.23 -20.06 -31.14
C GLY B 147 0.46 -20.36 -32.62
N ASN B 148 -0.27 -19.61 -33.48
CA ASN B 148 -0.16 -19.73 -34.95
C ASN B 148 1.24 -19.37 -35.44
N HIS B 149 1.87 -18.40 -34.78
CA HIS B 149 3.07 -17.74 -35.29
C HIS B 149 4.11 -18.76 -35.71
N ALA B 150 4.68 -18.52 -36.90
CA ALA B 150 5.59 -19.45 -37.56
C ALA B 150 6.73 -18.69 -38.23
N TYR B 151 7.74 -19.47 -38.65
CA TYR B 151 8.92 -18.94 -39.30
C TYR B 151 8.54 -18.34 -40.64
N GLU B 152 9.24 -17.28 -41.03
CA GLU B 152 9.11 -16.71 -42.37
C GLU B 152 10.49 -16.61 -43.00
N ASN B 153 10.60 -17.09 -44.24
CA ASN B 153 11.88 -17.05 -44.98
C ASN B 153 12.14 -15.63 -45.52
N ALA B 160 16.79 -19.25 -39.57
CA ALA B 160 16.58 -17.82 -39.79
C ALA B 160 16.91 -17.01 -38.54
N MET B 161 17.18 -17.71 -37.44
CA MET B 161 17.51 -17.06 -36.19
C MET B 161 18.99 -16.72 -36.11
N ALA B 162 19.48 -16.44 -34.90
CA ALA B 162 20.87 -16.10 -34.70
C ALA B 162 21.11 -15.92 -33.20
N ILE B 163 22.38 -15.97 -32.81
CA ILE B 163 22.82 -15.71 -31.45
C ILE B 163 24.09 -14.92 -31.54
N CYS B 164 24.18 -13.84 -30.78
CA CYS B 164 25.38 -13.02 -30.72
C CYS B 164 26.09 -13.33 -29.40
N GLN B 165 27.43 -13.32 -29.44
CA GLN B 165 28.22 -13.35 -28.22
C GLN B 165 29.29 -12.28 -28.36
N HIS B 166 29.42 -11.47 -27.33
CA HIS B 166 30.37 -10.37 -27.35
C HIS B 166 31.57 -10.81 -26.52
N PHE B 167 32.78 -10.62 -27.05
CA PHE B 167 34.00 -11.11 -26.40
C PHE B 167 34.97 -9.98 -26.12
N TYR B 168 35.90 -10.25 -25.20
CA TYR B 168 36.94 -9.29 -24.80
C TYR B 168 38.16 -9.37 -25.71
N LYS B 169 38.71 -8.20 -26.08
CA LYS B 169 39.77 -8.15 -27.09
C LYS B 169 41.02 -8.89 -26.64
N ARG B 170 41.62 -8.43 -25.55
CA ARG B 170 42.68 -9.17 -24.87
C ARG B 170 42.32 -9.18 -23.39
N GLY B 171 41.95 -10.35 -22.88
CA GLY B 171 41.74 -10.52 -21.46
C GLY B 171 42.96 -11.13 -20.79
N ASN B 172 43.15 -10.77 -19.52
CA ASN B 172 44.04 -11.52 -18.66
C ASN B 172 43.55 -11.42 -17.22
N ILE B 173 43.47 -12.56 -16.54
CA ILE B 173 43.12 -12.61 -15.13
C ILE B 173 44.21 -13.36 -14.40
N TYR B 174 44.80 -12.72 -13.40
CA TYR B 174 45.84 -13.35 -12.59
C TYR B 174 45.48 -13.11 -11.12
N PRO B 175 44.67 -14.00 -10.54
CA PRO B 175 44.35 -13.86 -9.10
C PRO B 175 45.55 -14.11 -8.20
N GLY B 176 46.46 -15.01 -8.59
CA GLY B 176 47.57 -15.39 -7.72
C GLY B 176 48.48 -14.23 -7.35
N ASN B 177 48.94 -13.46 -8.34
CA ASN B 177 49.75 -12.26 -8.13
C ASN B 177 48.92 -10.97 -8.02
N ASP B 178 47.59 -11.08 -8.04
CA ASP B 178 46.62 -9.99 -7.99
C ASP B 178 46.57 -9.21 -9.31
N THR B 179 47.37 -9.58 -10.30
CA THR B 179 47.41 -8.85 -11.56
C THR B 179 46.09 -9.00 -12.31
N PHE B 180 45.61 -7.89 -12.85
CA PHE B 180 44.35 -7.88 -13.60
C PHE B 180 44.55 -7.05 -14.86
N ASP B 181 44.41 -7.69 -16.02
CA ASP B 181 44.66 -7.06 -17.30
C ASP B 181 43.40 -7.14 -18.17
N ILE B 182 43.00 -6.02 -18.76
CA ILE B 182 41.81 -5.97 -19.59
C ILE B 182 42.11 -5.15 -20.84
N ASP B 183 41.40 -5.49 -21.92
CA ASP B 183 41.46 -4.71 -23.15
C ASP B 183 40.07 -4.14 -23.43
N PRO B 184 39.89 -2.81 -23.39
CA PRO B 184 38.55 -2.24 -23.58
C PRO B 184 38.06 -2.32 -25.03
N GLU B 185 38.10 -3.51 -25.62
CA GLU B 185 37.58 -3.73 -26.97
C GLU B 185 36.81 -5.04 -27.01
N ILE B 186 35.59 -4.98 -27.54
CA ILE B 186 34.70 -6.13 -27.62
C ILE B 186 34.50 -6.50 -29.08
N GLU B 187 34.78 -7.75 -29.41
CA GLU B 187 34.54 -8.28 -30.74
C GLU B 187 33.33 -9.18 -30.66
N THR B 188 32.32 -8.88 -31.48
CA THR B 188 31.07 -9.64 -31.47
C THR B 188 31.09 -10.69 -32.58
N GLU B 189 30.90 -11.95 -32.18
CA GLU B 189 30.73 -13.04 -33.13
C GLU B 189 29.25 -13.36 -33.20
N CYS B 190 28.71 -13.38 -34.41
CA CYS B 190 27.32 -13.68 -34.63
C CYS B 190 27.22 -15.04 -35.30
N PHE B 191 26.25 -15.80 -34.85
CA PHE B 191 26.00 -17.17 -35.27
C PHE B 191 24.60 -17.23 -35.84
N PHE B 192 24.40 -18.06 -36.84
CA PHE B 192 23.14 -18.09 -37.54
C PHE B 192 22.44 -19.43 -37.36
N VAL B 193 21.14 -19.35 -37.08
CA VAL B 193 20.29 -20.51 -36.97
C VAL B 193 19.45 -20.65 -38.24
N GLU B 194 19.41 -21.88 -38.80
CA GLU B 194 18.47 -22.31 -39.84
C GLU B 194 17.31 -23.05 -39.17
N PRO B 195 16.04 -22.69 -39.44
CA PRO B 195 14.92 -23.10 -38.56
C PRO B 195 14.61 -24.61 -38.52
N ASP B 196 15.17 -25.45 -39.38
CA ASP B 196 14.84 -26.87 -39.23
C ASP B 196 16.04 -27.83 -39.23
N ASN B 207 19.76 -29.70 -36.52
CA ASN B 207 19.20 -30.06 -35.21
C ASN B 207 20.29 -30.00 -34.10
N LYS B 208 21.51 -30.44 -34.42
CA LYS B 208 22.61 -30.43 -33.47
C LYS B 208 23.05 -29.00 -33.12
N LEU B 209 23.40 -28.78 -31.85
CA LEU B 209 23.81 -27.49 -31.34
C LEU B 209 25.24 -27.55 -30.81
N ASN B 210 26.10 -26.70 -31.36
CA ASN B 210 27.51 -26.59 -30.98
C ASN B 210 27.69 -25.26 -30.26
N LEU B 211 28.24 -25.32 -29.05
CA LEU B 211 28.39 -24.13 -28.22
C LEU B 211 29.84 -23.90 -27.86
N THR B 212 30.32 -22.67 -28.11
CA THR B 212 31.67 -22.26 -27.74
C THR B 212 31.56 -21.06 -26.81
N LEU B 213 31.84 -21.27 -25.53
CA LEU B 213 31.78 -20.19 -24.55
C LEU B 213 32.89 -20.34 -23.52
N ASP B 214 33.48 -19.19 -23.16
CA ASP B 214 34.51 -19.07 -22.13
C ASP B 214 33.88 -18.21 -21.04
N PHE B 215 33.84 -18.70 -19.81
CA PHE B 215 33.20 -17.98 -18.72
C PHE B 215 33.75 -16.63 -18.23
N HIS B 216 35.05 -16.52 -18.03
CA HIS B 216 35.62 -15.26 -17.53
C HIS B 216 35.46 -14.08 -18.49
N ARG B 217 35.68 -14.39 -19.76
CA ARG B 217 35.64 -13.48 -20.88
C ARG B 217 34.22 -13.08 -21.28
N LEU B 218 33.17 -13.66 -20.70
CA LEU B 218 31.80 -13.41 -21.19
C LEU B 218 31.25 -12.13 -20.58
N LEU B 219 30.96 -11.17 -21.44
CA LEU B 219 30.34 -9.91 -21.06
C LEU B 219 28.85 -9.99 -21.34
N THR B 220 28.50 -10.17 -22.59
CA THR B 220 27.10 -10.29 -22.93
C THR B 220 26.92 -11.36 -23.99
N VAL B 221 25.83 -12.10 -23.85
CA VAL B 221 25.30 -12.95 -24.90
C VAL B 221 23.90 -12.46 -25.21
N GLU B 222 23.55 -12.62 -26.47
CA GLU B 222 22.21 -12.39 -26.95
C GLU B 222 21.88 -13.46 -27.99
N LEU B 223 20.60 -13.48 -28.37
CA LEU B 223 20.16 -14.10 -29.59
C LEU B 223 19.09 -13.18 -30.17
N GLN B 224 19.04 -13.12 -31.51
CA GLN B 224 18.04 -12.38 -32.25
C GLN B 224 17.36 -13.32 -33.23
N PHE B 225 16.19 -12.89 -33.69
CA PHE B 225 15.37 -13.61 -34.65
C PHE B 225 14.08 -12.78 -34.73
N LYS B 226 13.25 -12.89 -35.79
CA LYS B 226 11.96 -12.17 -35.92
C LYS B 226 10.90 -13.11 -36.47
N LEU B 227 9.81 -13.31 -35.73
CA LEU B 227 8.79 -14.26 -36.11
C LEU B 227 7.52 -13.57 -36.55
N LYS B 228 6.78 -14.24 -37.41
CA LYS B 228 5.66 -13.61 -38.07
C LYS B 228 4.38 -13.96 -37.36
N ALA B 229 3.51 -12.96 -37.21
CA ALA B 229 2.17 -13.18 -36.73
C ALA B 229 1.19 -12.20 -37.38
N ILE B 230 0.03 -12.73 -37.78
CA ILE B 230 -1.06 -11.95 -38.35
C ILE B 230 -2.26 -12.05 -37.40
N ASN B 231 -2.71 -10.89 -36.89
CA ASN B 231 -3.63 -10.83 -35.75
C ASN B 231 -5.06 -11.02 -36.24
N LEU B 232 -5.69 -12.10 -35.81
CA LEU B 232 -6.97 -12.48 -36.39
C LEU B 232 -8.09 -11.56 -35.92
N GLN B 233 -8.26 -11.42 -34.61
CA GLN B 233 -9.37 -10.64 -34.11
C GLN B 233 -9.19 -9.15 -34.35
N THR B 234 -8.03 -8.74 -34.87
CA THR B 234 -7.76 -7.34 -35.20
C THR B 234 -8.34 -6.96 -36.56
N VAL B 235 -7.83 -7.57 -37.65
CA VAL B 235 -8.34 -7.31 -39.01
C VAL B 235 -9.73 -7.91 -39.27
N ARG B 236 -10.16 -8.89 -38.45
CA ARG B 236 -11.46 -9.53 -38.67
C ARG B 236 -12.62 -8.55 -38.52
N HIS B 237 -12.74 -7.93 -37.34
CA HIS B 237 -13.88 -7.08 -37.03
C HIS B 237 -13.71 -5.64 -37.54
N GLN B 238 -12.53 -5.02 -37.34
CA GLN B 238 -12.30 -3.61 -37.64
C GLN B 238 -11.08 -3.48 -38.56
N GLU B 239 -10.67 -2.24 -38.84
CA GLU B 239 -9.55 -2.00 -39.73
C GLU B 239 -8.30 -1.58 -38.92
N LEU B 240 -7.35 -2.51 -38.78
CA LEU B 240 -5.97 -2.24 -38.37
C LEU B 240 -5.10 -3.29 -39.01
N PRO B 241 -3.83 -2.99 -39.35
CA PRO B 241 -2.98 -3.97 -40.04
C PRO B 241 -2.81 -5.25 -39.21
N ASP B 242 -3.03 -6.41 -39.87
CA ASP B 242 -3.07 -7.68 -39.15
C ASP B 242 -1.71 -8.34 -38.95
N CYS B 243 -0.70 -8.04 -39.75
CA CYS B 243 0.61 -8.63 -39.55
C CYS B 243 1.49 -7.67 -38.76
N TYR B 244 2.20 -8.18 -37.75
CA TYR B 244 3.34 -7.47 -37.15
C TYR B 244 4.37 -8.54 -36.87
N ASP B 245 5.54 -8.41 -37.44
CA ASP B 245 6.59 -9.35 -37.11
C ASP B 245 7.16 -8.91 -35.77
N PHE B 246 7.18 -9.82 -34.80
CA PHE B 246 7.86 -9.53 -33.55
C PHE B 246 9.29 -10.01 -33.70
N THR B 247 10.20 -9.06 -33.82
CA THR B 247 11.63 -9.31 -33.85
C THR B 247 12.06 -9.43 -32.40
N LEU B 248 12.45 -10.63 -32.04
CA LEU B 248 12.83 -11.00 -30.70
C LEU B 248 14.35 -10.96 -30.52
N THR B 249 14.78 -10.48 -29.33
CA THR B 249 16.14 -10.65 -28.80
C THR B 249 16.06 -11.16 -27.35
N ILE B 250 16.49 -12.40 -27.09
CA ILE B 250 16.64 -12.90 -25.72
C ILE B 250 18.09 -12.73 -25.33
N THR B 251 18.33 -12.46 -24.05
CA THR B 251 19.69 -12.10 -23.65
C THR B 251 20.06 -12.61 -22.26
N PHE B 252 21.36 -12.90 -22.14
CA PHE B 252 21.98 -13.29 -20.88
C PHE B 252 23.23 -12.43 -20.79
N ASP B 253 23.37 -11.65 -19.71
CA ASP B 253 24.52 -10.74 -19.57
C ASP B 253 25.28 -11.05 -18.28
N ASN B 254 26.59 -11.24 -18.41
CA ASN B 254 27.51 -11.14 -17.29
C ASN B 254 28.01 -9.72 -17.12
N LYS B 255 27.32 -8.75 -17.73
CA LYS B 255 27.82 -7.40 -17.97
C LYS B 255 28.57 -6.90 -16.75
N ALA B 256 28.09 -7.20 -15.54
CA ALA B 256 28.81 -6.84 -14.32
C ALA B 256 29.90 -7.84 -13.88
N HIS B 257 29.92 -9.08 -14.42
CA HIS B 257 30.91 -10.13 -14.11
C HIS B 257 30.76 -10.70 -12.68
N SER B 258 29.52 -10.74 -12.13
CA SER B 258 29.30 -11.04 -10.71
C SER B 258 29.05 -12.51 -10.38
N GLY B 259 28.72 -13.35 -11.34
CA GLY B 259 28.30 -14.67 -10.97
C GLY B 259 26.81 -14.91 -11.12
N ARG B 260 26.02 -13.88 -11.44
CA ARG B 260 24.62 -14.06 -11.85
C ARG B 260 24.43 -13.39 -13.21
N ILE B 261 24.02 -14.15 -14.23
CA ILE B 261 23.96 -13.61 -15.59
C ILE B 261 22.51 -13.26 -15.90
N LYS B 262 22.20 -11.95 -15.89
CA LYS B 262 20.82 -11.45 -15.80
C LYS B 262 20.12 -11.59 -17.17
N ILE B 263 19.13 -12.49 -17.21
CA ILE B 263 18.44 -12.97 -18.42
C ILE B 263 17.15 -12.21 -18.60
N SER B 264 16.92 -11.67 -19.80
CA SER B 264 15.61 -11.10 -20.14
C SER B 264 15.37 -11.29 -21.64
N LEU B 265 14.12 -11.50 -22.00
CA LEU B 265 13.74 -11.60 -23.40
C LEU B 265 12.96 -10.33 -23.75
N ASP B 266 13.35 -9.66 -24.84
CA ASP B 266 12.76 -8.40 -25.24
C ASP B 266 12.44 -8.40 -26.73
N ASN B 267 11.24 -7.94 -27.06
CA ASN B 267 10.72 -8.02 -28.42
C ASN B 267 10.29 -6.64 -28.90
N ASP B 268 10.80 -6.25 -30.08
CA ASP B 268 10.29 -5.14 -30.87
C ASP B 268 9.43 -5.67 -32.00
N ILE B 269 8.26 -5.09 -32.20
CA ILE B 269 7.33 -5.62 -33.17
C ILE B 269 7.03 -4.54 -34.20
N SER B 270 7.02 -4.92 -35.49
CA SER B 270 6.83 -4.04 -36.64
C SER B 270 5.54 -4.38 -37.39
N ILE B 271 4.78 -3.35 -37.76
CA ILE B 271 3.48 -3.52 -38.39
C ILE B 271 3.60 -3.57 -39.91
N ARG B 272 2.96 -4.58 -40.50
CA ARG B 272 2.85 -4.75 -41.95
C ARG B 272 1.48 -5.32 -42.29
N GLU B 273 0.98 -4.96 -43.47
CA GLU B 273 -0.34 -5.36 -43.95
C GLU B 273 -0.21 -6.61 -44.81
N CYS B 274 -1.23 -7.47 -44.72
CA CYS B 274 -1.24 -8.69 -45.53
C CYS B 274 -1.14 -8.33 -47.00
N LYS B 275 -0.30 -9.06 -47.74
CA LYS B 275 -0.15 -8.80 -49.16
C LYS B 275 -1.48 -8.96 -49.89
N ASP B 276 -2.25 -9.99 -49.57
CA ASP B 276 -3.62 -10.14 -50.04
C ASP B 276 -4.56 -10.42 -48.87
N TRP B 277 -5.81 -10.01 -49.03
CA TRP B 277 -6.83 -10.42 -48.08
C TRP B 277 -8.15 -10.71 -48.80
N HIS B 278 -8.68 -11.92 -48.62
CA HIS B 278 -9.99 -12.34 -49.12
C HIS B 278 -10.78 -12.88 -47.93
N VAL B 279 -11.89 -12.23 -47.59
CA VAL B 279 -12.61 -12.54 -46.36
C VAL B 279 -14.08 -12.83 -46.60
N SER B 280 -14.60 -13.80 -45.83
CA SER B 280 -16.01 -14.23 -45.84
C SER B 280 -16.37 -14.92 -47.15
N THR B 287 -11.65 2.19 -50.22
CA THR B 287 -12.78 3.05 -49.86
C THR B 287 -13.34 2.67 -48.46
N HIS B 288 -12.66 3.14 -47.39
CA HIS B 288 -13.01 2.81 -45.99
C HIS B 288 -13.73 3.98 -45.36
N TYR B 289 -14.95 3.73 -44.92
CA TYR B 289 -15.74 4.75 -44.25
C TYR B 289 -15.23 5.12 -42.85
N MET B 290 -14.47 4.25 -42.18
CA MET B 290 -13.94 4.66 -40.88
C MET B 290 -12.76 5.62 -41.05
N MET B 291 -11.91 5.35 -42.04
CA MET B 291 -10.84 6.28 -42.37
C MET B 291 -11.39 7.58 -42.94
N ILE B 292 -12.40 7.50 -43.83
CA ILE B 292 -13.06 8.71 -44.31
C ILE B 292 -13.87 9.41 -43.22
N PHE B 293 -14.28 8.67 -42.18
CA PHE B 293 -14.86 9.31 -40.99
C PHE B 293 -13.81 10.04 -40.19
N ASP B 294 -12.62 9.47 -40.07
CA ASP B 294 -11.56 10.19 -39.39
C ASP B 294 -11.10 11.39 -40.20
N ALA B 295 -11.25 11.32 -41.52
CA ALA B 295 -11.03 12.47 -42.37
C ALA B 295 -12.18 13.48 -42.27
N PHE B 296 -13.41 13.02 -41.94
CA PHE B 296 -14.59 13.88 -41.80
C PHE B 296 -14.71 14.52 -40.42
N VAL B 297 -14.32 13.80 -39.39
CA VAL B 297 -14.01 14.37 -38.10
C VAL B 297 -12.77 15.24 -38.20
N ILE B 298 -11.84 14.87 -39.10
CA ILE B 298 -10.71 15.72 -39.46
C ILE B 298 -11.16 16.95 -40.21
N LEU B 299 -12.25 16.83 -40.98
CA LEU B 299 -12.96 17.96 -41.57
C LEU B 299 -13.71 18.73 -40.51
N THR B 300 -14.20 18.02 -39.50
CA THR B 300 -14.72 18.67 -38.31
C THR B 300 -13.62 19.45 -37.59
N CYS B 301 -12.40 18.89 -37.58
CA CYS B 301 -11.24 19.50 -36.94
C CYS B 301 -10.69 20.67 -37.73
N LEU B 302 -10.71 20.56 -39.07
CA LEU B 302 -10.34 21.70 -39.90
C LEU B 302 -11.43 22.75 -39.91
N VAL B 303 -12.69 22.33 -39.86
CA VAL B 303 -13.78 23.26 -39.63
C VAL B 303 -13.67 23.89 -38.26
N SER B 304 -13.06 23.15 -37.32
CA SER B 304 -12.77 23.61 -35.97
C SER B 304 -11.55 24.52 -35.92
N LEU B 305 -10.58 24.27 -36.78
CA LEU B 305 -9.47 25.19 -36.96
C LEU B 305 -9.87 26.37 -37.81
N ILE B 306 -10.99 26.24 -38.53
CA ILE B 306 -11.66 27.32 -39.24
C ILE B 306 -12.60 28.13 -38.35
N LEU B 307 -13.23 27.49 -37.36
CA LEU B 307 -13.90 28.17 -36.25
C LEU B 307 -12.89 28.68 -35.22
N CYS B 308 -11.68 28.12 -35.24
CA CYS B 308 -10.47 28.60 -34.59
C CYS B 308 -9.74 29.65 -35.43
N ILE B 309 -10.01 29.70 -36.73
CA ILE B 309 -9.61 30.80 -37.61
C ILE B 309 -10.60 31.96 -37.56
N ARG B 310 -11.89 31.66 -37.32
CA ARG B 310 -12.88 32.67 -37.00
C ARG B 310 -12.76 33.14 -35.56
N SER B 311 -12.28 32.24 -34.70
CA SER B 311 -11.83 32.61 -33.38
C SER B 311 -10.53 33.40 -33.41
N VAL B 312 -9.67 33.10 -34.39
CA VAL B 312 -8.40 33.81 -34.55
C VAL B 312 -8.56 35.16 -35.21
N ILE B 313 -9.47 35.29 -36.19
CA ILE B 313 -9.88 36.60 -36.66
C ILE B 313 -10.74 37.31 -35.61
N ARG B 314 -11.40 36.52 -34.76
CA ARG B 314 -12.07 37.04 -33.56
C ARG B 314 -11.06 37.59 -32.56
N GLY B 315 -9.92 36.90 -32.44
CA GLY B 315 -8.78 37.36 -31.64
C GLY B 315 -8.00 38.48 -32.30
N LEU B 316 -8.03 38.53 -33.63
CA LEU B 316 -7.45 39.65 -34.36
C LEU B 316 -8.34 40.88 -34.21
N GLN B 317 -9.65 40.68 -34.24
CA GLN B 317 -10.60 41.75 -33.94
C GLN B 317 -10.52 42.17 -32.47
N LEU B 318 -10.26 41.20 -31.55
CA LEU B 318 -10.04 41.50 -30.13
C LEU B 318 -8.64 42.06 -29.84
N GLN B 319 -7.70 41.90 -30.78
CA GLN B 319 -6.42 42.62 -30.73
C GLN B 319 -6.58 44.05 -31.24
N GLN B 320 -7.34 44.24 -32.31
CA GLN B 320 -7.64 45.57 -32.81
C GLN B 320 -8.41 46.38 -31.78
N GLU B 321 -9.45 45.77 -31.21
CA GLU B 321 -10.18 46.40 -30.12
C GLU B 321 -9.34 46.50 -28.85
N PHE B 322 -8.50 45.50 -28.57
CA PHE B 322 -7.60 45.57 -27.41
C PHE B 322 -6.49 46.58 -27.60
N VAL B 323 -6.01 46.77 -28.83
CA VAL B 323 -4.97 47.76 -29.15
C VAL B 323 -5.27 49.15 -28.57
N GLY B 345 -5.92 32.58 -24.24
CA GLY B 345 -7.30 32.69 -24.69
C GLY B 345 -8.05 31.38 -24.74
N TRP B 346 -9.30 31.38 -24.23
CA TRP B 346 -10.12 30.17 -24.22
C TRP B 346 -10.11 29.55 -25.58
N TYR B 347 -10.15 30.41 -26.59
CA TYR B 347 -9.98 29.89 -27.93
C TYR B 347 -8.55 29.40 -28.13
N ILE B 348 -7.53 30.12 -27.64
CA ILE B 348 -6.14 29.69 -27.92
C ILE B 348 -5.93 28.27 -27.47
N MET B 349 -6.64 27.91 -26.41
CA MET B 349 -6.77 26.53 -26.02
C MET B 349 -7.58 25.75 -27.05
N ILE B 350 -8.75 26.29 -27.47
CA ILE B 350 -9.66 25.53 -28.35
C ILE B 350 -8.98 25.18 -29.68
N ILE B 351 -8.23 26.13 -30.21
CA ILE B 351 -7.50 26.06 -31.45
C ILE B 351 -6.20 25.29 -31.31
N ILE B 352 -5.47 25.51 -30.21
CA ILE B 352 -4.32 24.67 -29.92
C ILE B 352 -4.73 23.21 -29.86
N SER B 353 -5.91 22.96 -29.29
CA SER B 353 -6.50 21.63 -29.26
C SER B 353 -6.72 21.15 -30.68
N ASP B 354 -7.73 21.68 -31.37
CA ASP B 354 -8.05 21.10 -32.67
C ASP B 354 -6.90 21.27 -33.71
N ILE B 355 -5.82 21.96 -33.35
CA ILE B 355 -4.58 21.91 -34.11
C ILE B 355 -3.80 20.66 -33.79
N LEU B 356 -3.71 20.33 -32.51
CA LEU B 356 -3.16 19.03 -32.15
C LEU B 356 -4.07 17.91 -32.63
N THR B 357 -5.37 18.19 -32.76
CA THR B 357 -6.32 17.23 -33.26
C THR B 357 -6.25 17.17 -34.75
N ILE B 358 -5.86 18.28 -35.36
CA ILE B 358 -5.75 18.37 -36.80
C ILE B 358 -4.45 17.72 -37.28
N ILE B 359 -3.35 18.11 -36.66
CA ILE B 359 -2.09 17.39 -36.82
C ILE B 359 -2.25 15.97 -36.36
N GLY B 360 -3.18 15.75 -35.44
CA GLY B 360 -3.46 14.41 -35.00
C GLY B 360 -4.20 13.62 -36.06
N SER B 361 -5.16 14.25 -36.74
CA SER B 361 -5.94 13.54 -37.75
C SER B 361 -5.11 13.30 -38.99
N ILE B 362 -4.33 14.31 -39.38
CA ILE B 362 -3.36 14.15 -40.45
C ILE B 362 -2.35 13.06 -40.11
N LEU B 363 -1.90 13.02 -38.85
CA LEU B 363 -0.87 12.06 -38.50
C LEU B 363 -1.42 10.65 -38.36
N LYS B 364 -2.67 10.48 -37.92
CA LYS B 364 -3.25 9.13 -37.92
C LYS B 364 -3.49 8.69 -39.35
N MET B 365 -3.77 9.65 -40.23
CA MET B 365 -3.64 9.37 -41.64
C MET B 365 -2.20 8.98 -41.98
N GLU B 366 -1.24 9.53 -41.26
CA GLU B 366 0.18 9.36 -41.60
C GLU B 366 0.72 7.98 -41.18
N ILE B 367 0.38 7.50 -39.97
CA ILE B 367 0.67 6.13 -39.57
C ILE B 367 -0.27 5.13 -40.25
N GLN B 368 -1.38 5.62 -40.84
CA GLN B 368 -2.13 4.80 -41.80
C GLN B 368 -1.30 4.55 -43.07
N ALA B 369 -0.56 5.57 -43.53
CA ALA B 369 0.33 5.37 -44.68
C ALA B 369 1.61 4.59 -44.32
N LYS B 370 2.24 4.93 -43.18
CA LYS B 370 3.59 4.44 -42.85
C LYS B 370 3.60 3.04 -42.27
N SER B 371 2.61 2.69 -41.43
CA SER B 371 2.50 1.38 -40.74
C SER B 371 3.65 1.15 -39.76
N LEU B 372 3.96 2.16 -38.95
CA LEU B 372 5.24 2.22 -38.24
C LEU B 372 5.32 1.29 -37.02
N THR B 373 4.33 1.32 -36.11
CA THR B 373 4.17 0.57 -34.82
C THR B 373 4.81 1.20 -33.55
N SER B 374 5.47 2.33 -33.77
CA SER B 374 6.06 3.22 -32.80
C SER B 374 5.33 4.56 -32.98
N TYR B 375 4.15 4.48 -33.58
CA TYR B 375 3.31 5.64 -33.85
C TYR B 375 2.58 6.02 -32.57
N ASP B 376 2.91 5.35 -31.48
CA ASP B 376 2.30 5.60 -30.17
C ASP B 376 2.33 7.11 -29.97
N VAL B 377 3.38 7.74 -30.48
CA VAL B 377 3.52 9.17 -30.40
C VAL B 377 2.28 9.74 -31.04
N CYS B 378 2.01 9.33 -32.26
CA CYS B 378 0.78 9.81 -32.91
C CYS B 378 -0.39 9.75 -31.95
N SER B 379 -0.40 8.74 -31.04
CA SER B 379 -1.41 8.64 -29.98
C SER B 379 -1.27 9.81 -29.00
N ILE B 380 -0.06 10.04 -28.46
CA ILE B 380 0.17 11.12 -27.49
C ILE B 380 -0.25 12.47 -28.06
N LEU B 381 0.21 12.74 -29.28
CA LEU B 381 -0.22 13.90 -30.06
C LEU B 381 -1.73 13.99 -30.06
N LEU B 382 -2.36 12.87 -30.39
CA LEU B 382 -3.79 12.85 -30.62
C LEU B 382 -4.56 13.18 -29.35
N GLY B 383 -4.06 12.71 -28.21
CA GLY B 383 -4.78 12.79 -26.95
C GLY B 383 -4.59 14.07 -26.17
N THR B 384 -3.42 14.71 -26.34
CA THR B 384 -3.26 16.06 -25.80
C THR B 384 -4.48 16.90 -26.16
N SER B 385 -4.95 16.71 -27.39
CA SER B 385 -6.21 17.26 -27.86
C SER B 385 -7.37 16.92 -26.93
N THR B 386 -7.61 15.63 -26.71
CA THR B 386 -8.68 15.19 -25.83
C THR B 386 -8.65 16.02 -24.57
N MET B 387 -7.45 16.19 -24.03
CA MET B 387 -7.24 16.97 -22.82
C MET B 387 -7.82 18.37 -22.98
N LEU B 388 -7.16 19.15 -23.84
CA LEU B 388 -7.44 20.58 -23.89
C LEU B 388 -8.91 20.82 -24.26
N VAL B 389 -9.44 19.96 -25.13
CA VAL B 389 -10.85 20.00 -25.48
C VAL B 389 -11.73 19.75 -24.28
N TRP B 390 -11.26 18.99 -23.31
CA TRP B 390 -12.10 18.81 -22.14
C TRP B 390 -11.94 19.89 -21.09
N LEU B 391 -10.82 20.60 -21.04
CA LEU B 391 -10.88 21.91 -20.37
C LEU B 391 -11.90 22.80 -21.07
N GLY B 392 -12.12 22.56 -22.36
CA GLY B 392 -13.29 23.13 -23.01
C GLY B 392 -14.59 22.62 -22.42
N VAL B 393 -14.65 21.31 -22.06
CA VAL B 393 -15.80 20.82 -21.29
C VAL B 393 -15.94 21.64 -20.02
N ILE B 394 -14.80 22.13 -19.53
CA ILE B 394 -14.77 23.00 -18.37
C ILE B 394 -15.47 24.33 -18.67
N ARG B 395 -15.09 25.05 -19.74
CA ARG B 395 -15.78 26.32 -20.01
C ARG B 395 -17.19 26.15 -20.57
N TYR B 396 -17.59 24.91 -20.90
CA TYR B 396 -18.99 24.63 -21.21
C TYR B 396 -19.84 24.64 -19.93
N LEU B 397 -19.50 23.79 -18.94
CA LEU B 397 -20.31 23.79 -17.71
C LEU B 397 -20.20 25.13 -17.00
N GLY B 398 -18.99 25.67 -17.02
CA GLY B 398 -18.76 27.03 -16.63
C GLY B 398 -19.64 27.96 -17.45
N PHE B 399 -19.88 27.62 -18.73
CA PHE B 399 -20.76 28.41 -19.59
C PHE B 399 -22.19 28.43 -19.07
N PHE B 400 -22.68 27.30 -18.54
CA PHE B 400 -24.01 27.32 -17.96
C PHE B 400 -24.07 28.17 -16.69
N ALA B 401 -23.27 27.83 -15.67
CA ALA B 401 -23.46 28.49 -14.38
C ALA B 401 -23.08 29.97 -14.44
N LYS B 402 -21.99 30.30 -15.14
CA LYS B 402 -21.46 31.60 -15.54
C LYS B 402 -20.59 32.30 -14.49
N TYR B 403 -20.53 31.81 -13.26
CA TYR B 403 -19.64 32.43 -12.27
C TYR B 403 -18.35 31.62 -12.02
N ASN B 404 -18.24 30.38 -12.55
CA ASN B 404 -16.99 29.66 -12.83
C ASN B 404 -15.93 29.84 -11.75
N LEU B 405 -16.34 29.93 -10.49
CA LEU B 405 -15.43 30.16 -9.39
C LEU B 405 -14.34 29.10 -9.25
N LEU B 406 -14.67 27.83 -9.49
CA LEU B 406 -13.66 26.79 -9.33
C LEU B 406 -12.46 27.01 -10.25
N ILE B 407 -12.70 27.39 -11.49
CA ILE B 407 -11.60 27.63 -12.41
C ILE B 407 -11.21 29.10 -12.37
N LEU B 408 -11.96 29.87 -11.59
CA LEU B 408 -11.76 31.32 -11.45
C LEU B 408 -10.74 31.62 -10.37
N THR B 409 -10.92 30.97 -9.21
CA THR B 409 -9.92 31.02 -8.15
C THR B 409 -8.63 30.28 -8.55
N LEU B 410 -8.76 29.09 -9.15
CA LEU B 410 -7.57 28.33 -9.57
C LEU B 410 -6.68 29.17 -10.48
N GLN B 411 -7.27 29.68 -11.55
CA GLN B 411 -6.62 30.65 -12.42
C GLN B 411 -6.01 31.76 -11.58
N ALA B 412 -6.80 32.31 -10.67
CA ALA B 412 -6.41 33.53 -9.98
C ALA B 412 -5.04 33.39 -9.36
N ALA B 413 -4.88 32.42 -8.48
CA ALA B 413 -3.63 32.37 -7.73
C ALA B 413 -2.61 31.39 -8.28
N LEU B 414 -2.84 30.79 -9.49
CA LEU B 414 -1.78 30.00 -10.15
C LEU B 414 -0.39 30.63 -10.05
N PRO B 415 -0.24 32.02 -9.92
CA PRO B 415 1.10 32.62 -9.70
C PRO B 415 1.93 32.18 -8.51
N ASN B 416 1.37 32.30 -7.31
CA ASN B 416 2.04 31.77 -6.13
C ASN B 416 2.18 30.25 -6.26
N VAL B 417 1.35 29.66 -7.12
CA VAL B 417 1.31 28.22 -7.29
C VAL B 417 2.53 27.73 -8.03
N ILE B 418 2.68 28.19 -9.27
CA ILE B 418 3.82 27.84 -10.06
C ILE B 418 5.11 28.34 -9.42
N ARG B 419 5.05 29.50 -8.74
CA ARG B 419 6.25 30.03 -8.12
C ARG B 419 6.69 29.08 -7.02
N PHE B 420 5.74 28.60 -6.24
CA PHE B 420 6.01 27.64 -5.19
C PHE B 420 6.52 26.29 -5.73
N CYS B 421 5.86 25.76 -6.77
CA CYS B 421 6.27 24.49 -7.36
C CYS B 421 7.72 24.52 -7.80
N CYS B 422 8.05 25.44 -8.71
CA CYS B 422 9.39 25.42 -9.26
C CYS B 422 10.42 25.88 -8.20
N CYS B 423 10.01 26.71 -7.23
CA CYS B 423 10.98 27.13 -6.21
C CYS B 423 11.27 26.02 -5.19
N ALA B 424 10.25 25.47 -4.57
CA ALA B 424 10.50 24.44 -3.56
C ALA B 424 10.99 23.16 -4.21
N ALA B 425 10.53 22.88 -5.43
CA ALA B 425 10.92 21.67 -6.16
C ALA B 425 12.43 21.55 -6.25
N MET B 426 13.12 22.68 -6.14
CA MET B 426 14.52 22.68 -5.84
C MET B 426 14.80 21.91 -4.55
N ILE B 427 14.18 22.33 -3.43
CA ILE B 427 14.39 21.62 -2.18
C ILE B 427 14.23 20.13 -2.36
N TYR B 428 13.21 19.75 -3.13
CA TYR B 428 13.02 18.34 -3.45
C TYR B 428 14.30 17.79 -4.04
N LEU B 429 14.71 18.41 -5.13
CA LEU B 429 15.84 17.91 -5.88
C LEU B 429 17.00 17.61 -4.93
N GLY B 430 17.32 18.60 -4.10
CA GLY B 430 18.45 18.44 -3.24
C GLY B 430 18.30 17.22 -2.39
N TYR B 431 17.11 17.03 -1.79
CA TYR B 431 16.97 15.85 -0.95
C TYR B 431 17.22 14.58 -1.76
N CYS B 432 16.68 14.52 -2.97
CA CYS B 432 16.86 13.33 -3.80
C CYS B 432 18.33 13.00 -3.93
N PHE B 433 19.13 14.05 -4.19
CA PHE B 433 20.58 13.91 -4.18
C PHE B 433 21.08 13.34 -2.84
N CYS B 434 20.71 13.94 -1.72
CA CYS B 434 21.24 13.46 -0.46
C CYS B 434 20.91 11.99 -0.32
N GLY B 435 19.68 11.63 -0.66
CA GLY B 435 19.26 10.25 -0.61
C GLY B 435 20.07 9.48 -1.64
N TRP B 436 20.31 10.16 -2.75
CA TRP B 436 21.00 9.59 -3.89
C TRP B 436 22.43 9.07 -3.69
N ILE B 437 23.25 9.77 -2.92
CA ILE B 437 24.61 9.31 -2.75
C ILE B 437 24.71 8.42 -1.52
N VAL B 438 24.04 8.79 -0.42
CA VAL B 438 24.11 7.93 0.75
C VAL B 438 23.05 6.83 0.78
N LEU B 439 21.78 7.20 0.65
CA LEU B 439 20.69 6.23 0.69
C LEU B 439 20.55 5.23 -0.46
N GLY B 440 20.70 5.73 -1.68
CA GLY B 440 20.53 4.98 -2.90
C GLY B 440 21.37 3.74 -3.11
N PRO B 441 22.64 3.72 -2.66
CA PRO B 441 23.31 2.44 -2.58
C PRO B 441 22.40 1.39 -1.98
N TYR B 442 21.70 1.76 -0.95
CA TYR B 442 20.98 0.80 -0.13
C TYR B 442 19.59 0.45 -0.67
N HIS B 443 18.95 1.38 -1.44
CA HIS B 443 17.49 1.34 -1.69
C HIS B 443 17.08 0.20 -2.62
N ASP B 444 17.62 0.16 -3.81
CA ASP B 444 17.04 -0.68 -4.85
C ASP B 444 18.18 -1.47 -5.50
N LYS B 445 17.83 -2.65 -6.05
CA LYS B 445 18.83 -3.42 -6.81
C LYS B 445 19.06 -2.81 -8.19
N PHE B 446 18.01 -2.20 -8.79
CA PHE B 446 18.20 -1.37 -9.99
C PHE B 446 18.98 -0.10 -9.69
N ARG B 447 18.79 0.46 -8.49
CA ARG B 447 19.57 1.59 -7.93
C ARG B 447 19.73 2.71 -8.95
N SER B 448 18.62 3.13 -9.51
CA SER B 448 18.58 4.28 -10.37
C SER B 448 18.07 5.49 -9.57
N LEU B 449 18.81 6.61 -9.64
CA LEU B 449 18.40 7.90 -9.04
C LEU B 449 17.00 8.31 -9.47
N ASN B 450 16.65 8.02 -10.73
CA ASN B 450 15.28 8.21 -11.20
C ASN B 450 14.31 7.53 -10.24
N MET B 451 14.55 6.25 -9.96
CA MET B 451 13.69 5.53 -9.01
C MET B 451 13.69 6.19 -7.63
N VAL B 452 14.85 6.69 -7.16
CA VAL B 452 14.88 7.32 -5.84
C VAL B 452 14.02 8.57 -5.83
N SER B 453 14.11 9.38 -6.90
CA SER B 453 13.23 10.53 -7.08
C SER B 453 11.76 10.11 -7.03
N GLU B 454 11.43 9.05 -7.76
CA GLU B 454 10.07 8.55 -7.80
C GLU B 454 9.57 8.15 -6.41
N CYS B 455 10.38 7.41 -5.62
CA CYS B 455 9.88 6.87 -4.34
C CYS B 455 9.85 7.93 -3.21
N LEU B 456 10.68 8.98 -3.32
CA LEU B 456 10.41 10.20 -2.56
C LEU B 456 9.02 10.69 -2.78
N PHE B 457 8.74 11.04 -4.03
CA PHE B 457 7.42 11.57 -4.28
C PHE B 457 6.36 10.51 -3.91
N SER B 458 6.75 9.22 -3.89
CA SER B 458 5.88 8.15 -3.37
C SER B 458 5.48 8.43 -1.92
N LEU B 459 6.46 8.68 -1.03
CA LEU B 459 6.08 9.04 0.34
C LEU B 459 5.25 10.33 0.37
N ILE B 460 5.47 11.24 -0.60
CA ILE B 460 4.61 12.41 -0.74
C ILE B 460 3.16 12.03 -0.98
N ASN B 461 2.99 10.80 -1.46
CA ASN B 461 1.69 10.21 -1.74
C ASN B 461 1.21 9.32 -0.60
N GLY B 462 2.02 9.23 0.46
CA GLY B 462 1.68 8.43 1.63
C GLY B 462 1.97 6.94 1.68
N ASP B 463 2.72 6.41 0.71
CA ASP B 463 3.06 4.98 0.71
C ASP B 463 4.53 4.74 0.42
N ASP B 464 5.09 3.60 0.84
CA ASP B 464 6.50 3.35 0.58
C ASP B 464 7.29 3.51 1.85
N MET B 465 6.65 4.04 2.87
CA MET B 465 7.28 4.16 4.17
C MET B 465 7.50 2.71 4.58
N PHE B 466 6.51 1.88 4.28
CA PHE B 466 6.51 0.47 4.56
C PHE B 466 7.62 -0.28 3.83
N ALA B 467 7.92 0.04 2.57
CA ALA B 467 9.01 -0.77 2.01
C ALA B 467 10.38 -0.11 2.22
N THR B 468 10.40 1.23 2.43
CA THR B 468 11.63 1.98 2.72
C THR B 468 12.11 1.74 4.16
N PHE B 469 11.21 1.88 5.14
CA PHE B 469 11.56 1.61 6.52
C PHE B 469 11.97 0.16 6.72
N ALA B 470 11.43 -0.74 5.89
CA ALA B 470 11.58 -2.17 6.13
C ALA B 470 13.00 -2.64 5.87
N LYS B 471 13.58 -2.32 4.72
CA LYS B 471 14.87 -2.90 4.35
C LYS B 471 15.97 -2.18 5.14
N MET B 472 16.75 -2.95 5.92
CA MET B 472 17.50 -2.47 7.09
C MET B 472 19.00 -2.41 6.81
N GLN B 473 19.60 -1.23 7.05
CA GLN B 473 21.02 -0.96 6.84
C GLN B 473 21.84 -1.94 7.67
N GLN B 474 21.89 -1.68 9.00
CA GLN B 474 22.48 -2.57 9.99
C GLN B 474 23.99 -2.75 9.84
N LYS B 475 24.57 -2.33 8.70
CA LYS B 475 26.02 -2.38 8.57
C LYS B 475 26.68 -1.27 9.40
N SER B 476 26.21 -0.03 9.24
CA SER B 476 26.67 1.12 10.02
C SER B 476 25.49 1.67 10.79
N TYR B 477 25.66 1.74 12.10
CA TYR B 477 24.74 2.49 12.94
C TYR B 477 24.64 3.95 12.49
N LEU B 478 25.71 4.50 11.89
CA LEU B 478 25.63 5.84 11.30
C LEU B 478 24.79 5.83 10.04
N VAL B 479 24.89 4.75 9.26
CA VAL B 479 24.13 4.64 8.00
C VAL B 479 22.63 4.69 8.25
N TRP B 480 22.12 3.70 8.99
CA TRP B 480 20.72 3.70 9.38
C TRP B 480 20.38 4.95 10.17
N LEU B 481 21.32 5.45 10.99
CA LEU B 481 21.05 6.63 11.80
C LEU B 481 20.67 7.82 10.94
N PHE B 482 21.51 8.14 9.96
CA PHE B 482 21.10 9.18 9.03
C PHE B 482 19.81 8.75 8.35
N SER B 483 19.68 7.45 8.06
CA SER B 483 18.53 6.96 7.29
C SER B 483 17.22 7.42 7.90
N ARG B 484 17.10 7.24 9.21
CA ARG B 484 15.92 7.73 9.92
C ARG B 484 15.95 9.28 9.99
N ILE B 485 17.17 9.86 10.11
CA ILE B 485 17.31 11.31 10.22
C ILE B 485 16.61 12.02 9.07
N TYR B 486 16.97 11.69 7.84
CA TYR B 486 16.40 12.38 6.69
C TYR B 486 14.99 11.94 6.41
N LEU B 487 14.74 10.64 6.43
CA LEU B 487 13.42 10.21 5.99
C LEU B 487 12.34 10.85 6.83
N TYR B 488 12.61 11.03 8.11
CA TYR B 488 11.70 11.82 8.91
C TYR B 488 11.89 13.32 8.68
N SER B 489 13.10 13.73 8.31
CA SER B 489 13.39 15.13 8.04
C SER B 489 12.53 15.66 6.90
N PHE B 490 12.61 15.02 5.74
CA PHE B 490 11.85 15.45 4.58
C PHE B 490 10.38 15.07 4.75
N ILE B 491 10.08 13.78 5.09
CA ILE B 491 8.69 13.34 5.28
C ILE B 491 8.03 14.34 6.20
N SER B 492 8.86 14.87 7.09
CA SER B 492 8.63 16.03 7.91
C SER B 492 8.37 17.31 7.11
N LEU B 493 9.37 17.86 6.38
CA LEU B 493 9.27 19.23 5.87
C LEU B 493 8.09 19.41 4.95
N PHE B 494 7.54 18.33 4.40
CA PHE B 494 6.40 18.53 3.52
C PHE B 494 5.05 18.48 4.20
N ILE B 495 4.86 17.51 5.10
CA ILE B 495 3.59 17.43 5.79
C ILE B 495 3.45 18.69 6.62
N TYR B 496 4.51 19.03 7.33
CA TYR B 496 4.53 20.24 8.14
C TYR B 496 4.51 21.45 7.23
N MET B 497 5.29 21.35 6.17
CA MET B 497 5.45 22.41 5.17
C MET B 497 4.74 22.40 3.82
N ILE B 498 4.78 21.26 3.12
CA ILE B 498 4.22 21.22 1.76
C ILE B 498 2.74 21.41 1.48
N LEU B 499 1.90 20.63 2.12
CA LEU B 499 0.47 20.76 1.93
C LEU B 499 -0.01 22.09 2.46
N SER B 500 0.57 22.52 3.57
CA SER B 500 0.15 23.75 4.24
C SER B 500 0.27 25.03 3.42
N LEU B 501 1.39 25.25 2.74
CA LEU B 501 1.53 26.47 1.95
C LEU B 501 0.43 26.36 0.90
N PHE B 502 0.31 25.15 0.39
CA PHE B 502 -0.70 24.79 -0.63
C PHE B 502 -2.09 25.16 -0.19
N ILE B 503 -2.48 24.44 0.84
CA ILE B 503 -3.77 24.61 1.46
C ILE B 503 -3.98 26.08 1.66
N ALA B 504 -2.87 26.81 1.80
CA ALA B 504 -2.88 28.21 2.23
C ALA B 504 -3.28 29.18 1.13
N LEU B 505 -2.40 29.35 0.16
CA LEU B 505 -2.71 30.27 -0.92
C LEU B 505 -4.01 29.87 -1.57
N ILE B 506 -4.27 28.56 -1.59
CA ILE B 506 -5.56 28.07 -2.01
C ILE B 506 -6.67 28.71 -1.18
N THR B 507 -6.53 28.70 0.15
CA THR B 507 -7.55 29.32 1.01
C THR B 507 -7.72 30.79 0.66
N ASP B 508 -6.60 31.52 0.61
CA ASP B 508 -6.58 32.98 0.48
C ASP B 508 -7.33 33.45 -0.77
N THR B 509 -6.92 32.93 -1.92
CA THR B 509 -7.60 33.36 -3.12
C THR B 509 -9.00 32.77 -3.22
N TYR B 510 -9.32 31.69 -2.50
CA TYR B 510 -10.73 31.39 -2.39
C TYR B 510 -11.45 32.55 -1.76
N GLU B 511 -10.89 33.07 -0.67
CA GLU B 511 -11.50 34.22 0.02
C GLU B 511 -11.74 35.40 -0.94
N THR B 512 -10.69 35.90 -1.61
CA THR B 512 -10.94 37.07 -2.44
C THR B 512 -11.83 36.72 -3.64
N ILE B 513 -11.87 35.45 -4.05
CA ILE B 513 -12.81 35.03 -5.07
C ILE B 513 -14.22 35.30 -4.60
N LYS B 514 -14.56 34.75 -3.44
CA LYS B 514 -15.89 34.97 -2.86
C LYS B 514 -16.13 36.45 -2.53
N GLN B 515 -15.06 37.16 -2.19
CA GLN B 515 -15.19 38.54 -1.77
C GLN B 515 -15.55 39.43 -2.95
N TYR B 516 -14.65 39.50 -3.94
CA TYR B 516 -14.85 40.34 -5.13
C TYR B 516 -16.06 39.87 -5.93
N GLN B 517 -16.41 38.58 -5.85
CA GLN B 517 -17.73 38.20 -6.30
C GLN B 517 -18.80 38.93 -5.50
N GLN B 518 -18.71 38.85 -4.17
CA GLN B 518 -19.69 39.59 -3.38
C GLN B 518 -19.33 41.09 -3.41
N THR B 524 -12.58 47.98 -12.09
CA THR B 524 -11.77 48.15 -13.30
C THR B 524 -12.29 49.30 -14.16
N GLU B 525 -11.38 50.18 -14.58
CA GLU B 525 -11.77 51.26 -15.49
C GLU B 525 -12.17 50.72 -16.86
N LEU B 526 -11.56 49.61 -17.29
CA LEU B 526 -11.90 49.02 -18.58
C LEU B 526 -13.35 48.56 -18.61
N ARG B 527 -13.77 47.82 -17.58
CA ARG B 527 -15.15 47.41 -17.49
C ARG B 527 -16.08 48.62 -17.31
N THR B 528 -15.60 49.67 -16.65
CA THR B 528 -16.42 50.87 -16.45
C THR B 528 -16.72 51.56 -17.78
N PHE B 529 -15.69 51.75 -18.61
CA PHE B 529 -15.93 52.27 -19.96
C PHE B 529 -16.72 51.29 -20.82
N ILE B 530 -16.62 49.98 -20.53
CA ILE B 530 -17.47 49.01 -21.18
C ILE B 530 -18.93 49.19 -20.79
N SER B 531 -19.19 49.55 -19.53
CA SER B 531 -20.54 49.77 -19.04
C SER B 531 -21.18 50.97 -19.74
N ARG C 45 -49.33 30.65 15.22
CA ARG C 45 -50.39 30.29 16.16
C ARG C 45 -50.04 29.00 16.89
N LYS C 46 -51.05 28.27 17.34
CA LYS C 46 -50.82 26.93 17.86
C LYS C 46 -50.29 26.00 16.76
N LEU C 47 -50.75 26.20 15.53
CA LEU C 47 -50.24 25.41 14.41
C LEU C 47 -48.75 25.58 14.26
N LYS C 48 -48.25 26.81 14.41
CA LYS C 48 -46.82 27.05 14.33
C LYS C 48 -46.06 26.39 15.47
N PHE C 49 -46.71 26.15 16.63
CA PHE C 49 -46.03 25.48 17.74
C PHE C 49 -45.97 23.97 17.53
N PHE C 50 -47.09 23.35 17.14
CA PHE C 50 -47.04 21.93 16.75
C PHE C 50 -46.03 21.73 15.64
N PHE C 51 -45.90 22.70 14.72
CA PHE C 51 -44.94 22.57 13.61
C PHE C 51 -43.51 22.91 14.02
N MET C 52 -43.25 24.18 14.35
CA MET C 52 -41.94 24.53 14.90
C MET C 52 -41.89 24.12 16.36
N ASN C 53 -42.01 22.82 16.61
CA ASN C 53 -41.98 22.29 17.98
C ASN C 53 -40.71 21.52 18.27
N PRO C 54 -40.35 21.42 19.60
CA PRO C 54 -39.12 20.66 19.85
C PRO C 54 -39.44 19.29 20.43
N CYS C 55 -38.94 18.23 19.79
CA CYS C 55 -39.17 16.87 20.25
C CYS C 55 -38.96 16.80 21.75
N GLU C 56 -37.78 17.23 22.20
CA GLU C 56 -37.44 17.25 23.61
C GLU C 56 -38.29 18.25 24.40
N LYS C 57 -38.63 19.41 23.82
CA LYS C 57 -39.60 20.29 24.48
C LYS C 57 -40.99 19.68 24.44
N PHE C 58 -41.31 18.92 23.39
CA PHE C 58 -42.56 18.16 23.36
C PHE C 58 -42.62 17.15 24.48
N TRP C 59 -41.46 16.69 24.97
CA TRP C 59 -41.46 15.83 26.15
C TRP C 59 -42.11 16.54 27.34
N ALA C 60 -41.98 17.87 27.44
CA ALA C 60 -42.60 18.60 28.55
C ALA C 60 -44.12 18.46 28.53
N ARG C 61 -44.72 18.57 27.34
CA ARG C 61 -46.15 18.31 27.15
C ARG C 61 -46.44 16.81 27.20
N GLY C 62 -47.69 16.46 27.50
CA GLY C 62 -48.14 15.07 27.58
C GLY C 62 -48.83 14.54 26.33
N ARG C 63 -48.77 13.21 26.17
CA ARG C 63 -49.39 12.33 25.18
C ARG C 63 -48.73 12.45 23.80
N LYS C 64 -47.77 13.39 23.59
CA LYS C 64 -46.81 13.45 22.48
C LYS C 64 -45.69 12.39 22.48
N PRO C 65 -45.13 11.95 23.62
CA PRO C 65 -43.94 11.08 23.55
C PRO C 65 -44.14 9.73 22.84
N TRP C 66 -45.38 9.33 22.50
CA TRP C 66 -45.67 8.03 21.88
C TRP C 66 -45.09 7.89 20.46
N LYS C 67 -45.11 8.98 19.67
CA LYS C 67 -44.64 8.91 18.28
C LYS C 67 -43.15 8.59 18.22
N LEU C 68 -42.32 9.25 19.05
CA LEU C 68 -40.88 8.98 19.01
C LEU C 68 -40.58 7.51 19.33
N ALA C 69 -41.15 6.98 20.42
CA ALA C 69 -40.87 5.59 20.81
C ALA C 69 -41.32 4.63 19.72
N ILE C 70 -42.46 4.92 19.09
CA ILE C 70 -42.79 4.23 17.85
C ILE C 70 -41.61 4.27 16.88
N GLN C 71 -41.03 5.47 16.69
CA GLN C 71 -39.98 5.63 15.70
C GLN C 71 -38.66 4.94 16.10
N ILE C 72 -38.32 4.89 17.40
CA ILE C 72 -37.15 4.12 17.86
C ILE C 72 -37.40 2.63 17.67
N LEU C 73 -38.62 2.20 17.96
CA LEU C 73 -38.96 0.83 17.64
C LEU C 73 -38.65 0.56 16.17
N LYS C 74 -39.06 1.46 15.28
CA LYS C 74 -38.71 1.32 13.86
C LYS C 74 -37.19 1.29 13.67
N ILE C 75 -36.46 2.09 14.45
CA ILE C 75 -35.01 2.14 14.35
C ILE C 75 -34.40 0.76 14.59
N ALA C 76 -34.58 0.23 15.79
CA ALA C 76 -33.93 -1.04 16.12
C ALA C 76 -34.59 -2.25 15.46
N MET C 77 -35.87 -2.16 15.12
CA MET C 77 -36.51 -3.17 14.28
C MET C 77 -35.75 -3.25 12.98
N VAL C 78 -35.81 -2.18 12.19
CA VAL C 78 -35.08 -2.13 10.95
C VAL C 78 -33.64 -2.56 11.18
N THR C 79 -33.06 -2.13 12.30
CA THR C 79 -31.70 -2.51 12.65
C THR C 79 -31.56 -4.03 12.71
N ILE C 80 -32.43 -4.68 13.47
CA ILE C 80 -32.42 -6.13 13.53
C ILE C 80 -32.65 -6.74 12.15
N GLN C 81 -33.62 -6.21 11.40
CA GLN C 81 -33.91 -6.71 10.06
C GLN C 81 -32.63 -6.74 9.26
N LEU C 82 -31.84 -5.68 9.39
CA LEU C 82 -30.49 -5.74 8.90
C LEU C 82 -29.82 -6.96 9.47
N VAL C 83 -29.71 -7.00 10.78
CA VAL C 83 -28.85 -7.96 11.47
C VAL C 83 -29.07 -9.36 10.97
N LEU C 84 -30.25 -9.84 11.29
CA LEU C 84 -30.69 -11.15 10.91
C LEU C 84 -30.56 -11.33 9.41
N PHE C 85 -30.91 -10.30 8.66
CA PHE C 85 -30.84 -10.43 7.23
C PHE C 85 -29.39 -10.69 6.83
N GLY C 86 -28.46 -9.92 7.43
CA GLY C 86 -27.04 -10.02 7.09
C GLY C 86 -26.47 -11.39 7.37
N LEU C 87 -26.83 -11.96 8.52
CA LEU C 87 -26.55 -13.36 8.63
C LEU C 87 -27.02 -13.99 7.37
N SER C 88 -28.27 -13.74 7.03
CA SER C 88 -28.86 -14.54 5.99
C SER C 88 -28.03 -14.44 4.70
N ASN C 89 -27.89 -13.22 4.16
CA ASN C 89 -27.25 -13.05 2.86
C ASN C 89 -25.81 -13.54 2.87
N GLN C 90 -25.10 -13.25 3.94
CA GLN C 90 -23.69 -13.61 3.97
C GLN C 90 -23.49 -15.12 4.05
N MET C 91 -24.25 -15.79 4.93
CA MET C 91 -24.13 -17.23 5.08
C MET C 91 -24.40 -17.92 3.77
N VAL C 92 -25.53 -17.59 3.16
CA VAL C 92 -25.81 -18.10 1.83
C VAL C 92 -24.57 -17.92 0.96
N VAL C 93 -24.15 -16.66 0.84
CA VAL C 93 -23.15 -16.23 -0.12
C VAL C 93 -21.88 -17.00 0.08
N ALA C 94 -21.33 -16.86 1.27
CA ALA C 94 -20.09 -17.52 1.60
C ALA C 94 -20.17 -19.01 1.34
N PHE C 95 -21.35 -19.62 1.56
CA PHE C 95 -21.38 -21.01 1.17
C PHE C 95 -21.19 -21.16 -0.32
N LYS C 96 -21.81 -20.27 -1.10
CA LYS C 96 -21.66 -20.37 -2.55
C LYS C 96 -20.21 -20.22 -2.96
N GLU C 97 -19.54 -19.22 -2.40
CA GLU C 97 -18.14 -18.98 -2.76
C GLU C 97 -17.27 -20.11 -2.31
N GLU C 98 -17.57 -20.64 -1.14
CA GLU C 98 -16.83 -21.73 -0.61
C GLU C 98 -16.87 -22.77 -1.68
N ASN C 99 -18.09 -23.35 -1.80
CA ASN C 99 -18.29 -24.44 -2.74
C ASN C 99 -17.67 -24.04 -4.08
N THR C 100 -17.81 -22.75 -4.43
CA THR C 100 -17.40 -22.22 -5.72
C THR C 100 -15.91 -22.46 -5.88
N ILE C 101 -15.13 -21.66 -5.16
CA ILE C 101 -13.69 -21.65 -5.27
C ILE C 101 -13.19 -23.08 -5.35
N ALA C 102 -13.87 -23.95 -4.61
CA ALA C 102 -13.42 -25.31 -4.58
C ALA C 102 -13.68 -26.02 -5.88
N PHE C 103 -14.75 -25.68 -6.56
CA PHE C 103 -15.02 -26.39 -7.80
C PHE C 103 -13.84 -26.22 -8.76
N LYS C 104 -13.29 -25.00 -8.79
CA LYS C 104 -11.99 -24.79 -9.41
C LYS C 104 -10.99 -25.73 -8.80
N HIS C 105 -11.09 -25.95 -7.48
CA HIS C 105 -10.07 -26.78 -6.87
C HIS C 105 -10.12 -28.21 -7.39
N LEU C 106 -11.30 -28.73 -7.71
CA LEU C 106 -11.41 -30.09 -8.25
C LEU C 106 -10.99 -30.16 -9.71
N PHE C 107 -11.54 -29.26 -10.53
CA PHE C 107 -11.52 -29.44 -11.97
C PHE C 107 -10.39 -28.76 -12.72
N LEU C 108 -9.65 -27.80 -12.11
CA LEU C 108 -8.44 -27.27 -12.77
C LEU C 108 -7.32 -28.30 -12.56
N LYS C 109 -6.67 -28.72 -13.67
CA LYS C 109 -5.69 -29.79 -13.58
C LYS C 109 -4.59 -29.42 -12.62
N GLY C 110 -4.28 -28.11 -12.56
CA GLY C 110 -3.26 -27.63 -11.65
C GLY C 110 -3.45 -26.20 -11.16
N TYR C 111 -2.78 -25.96 -10.04
CA TYR C 111 -2.49 -24.66 -9.46
C TYR C 111 -1.00 -24.53 -9.19
N MET C 112 -0.54 -23.26 -9.15
CA MET C 112 0.86 -22.87 -9.27
C MET C 112 1.40 -22.46 -7.91
N ASP C 113 2.64 -22.02 -7.97
CA ASP C 113 3.25 -21.35 -6.84
C ASP C 113 2.65 -19.96 -6.57
N ARG C 114 2.22 -19.25 -7.63
CA ARG C 114 1.42 -18.03 -7.46
C ARG C 114 -0.08 -18.32 -7.38
N MET C 115 -0.76 -17.74 -6.37
CA MET C 115 -2.18 -18.05 -6.12
C MET C 115 -3.03 -17.72 -7.31
N ASP C 116 -2.61 -16.71 -8.09
CA ASP C 116 -3.36 -16.10 -9.19
C ASP C 116 -3.52 -16.98 -10.42
N ASP C 117 -4.78 -17.08 -10.90
CA ASP C 117 -5.15 -18.07 -11.91
C ASP C 117 -5.09 -17.47 -13.27
N THR C 118 -4.82 -16.19 -13.30
CA THR C 118 -4.81 -15.44 -14.52
C THR C 118 -4.04 -16.18 -15.59
N TYR C 119 -3.07 -17.02 -15.19
CA TYR C 119 -2.27 -17.79 -16.13
C TYR C 119 -2.91 -19.11 -16.62
N ALA C 120 -2.58 -19.44 -17.89
CA ALA C 120 -3.17 -20.52 -18.70
C ALA C 120 -2.20 -21.10 -19.75
N VAL C 121 -2.66 -22.22 -20.33
CA VAL C 121 -1.80 -23.17 -21.02
C VAL C 121 -0.96 -22.51 -22.09
N TYR C 122 0.22 -23.07 -22.27
CA TYR C 122 0.95 -22.89 -23.49
C TYR C 122 0.87 -24.09 -24.43
N THR C 123 0.24 -25.21 -24.02
CA THR C 123 0.53 -26.50 -24.67
C THR C 123 -0.74 -27.20 -25.19
N GLN C 124 -0.51 -28.07 -26.21
CA GLN C 124 -1.53 -28.97 -26.72
C GLN C 124 -1.79 -30.12 -25.74
N SER C 125 -0.73 -30.80 -25.29
CA SER C 125 -0.82 -31.76 -24.20
C SER C 125 -1.32 -31.12 -22.91
N ASP C 126 -1.24 -29.79 -22.82
CA ASP C 126 -1.81 -29.08 -21.67
C ASP C 126 -3.33 -29.04 -21.72
N VAL C 127 -3.88 -28.68 -22.87
CA VAL C 127 -5.33 -28.64 -22.99
C VAL C 127 -5.91 -30.05 -22.88
N TYR C 128 -5.39 -31.01 -23.69
CA TYR C 128 -5.87 -32.40 -23.55
C TYR C 128 -5.62 -32.90 -22.15
N ASP C 129 -4.61 -32.31 -21.48
CA ASP C 129 -4.33 -32.60 -20.09
C ASP C 129 -5.45 -32.11 -19.17
N GLN C 130 -5.88 -30.85 -19.33
CA GLN C 130 -6.97 -30.30 -18.52
C GLN C 130 -8.27 -31.04 -18.76
N LEU C 131 -8.48 -31.47 -20.01
CA LEU C 131 -9.65 -32.26 -20.40
C LEU C 131 -9.66 -33.61 -19.71
N ILE C 132 -8.55 -34.35 -19.82
CA ILE C 132 -8.48 -35.62 -19.12
C ILE C 132 -8.77 -35.42 -17.65
N PHE C 133 -8.05 -34.47 -17.05
CA PHE C 133 -8.15 -34.27 -15.61
C PHE C 133 -9.58 -33.97 -15.21
N ALA C 134 -10.28 -33.15 -16.01
CA ALA C 134 -11.61 -32.68 -15.65
C ALA C 134 -12.73 -33.66 -16.04
N VAL C 135 -12.61 -34.34 -17.18
CA VAL C 135 -13.61 -35.34 -17.54
C VAL C 135 -13.56 -36.52 -16.56
N ASN C 136 -12.35 -37.01 -16.34
CA ASN C 136 -12.05 -37.93 -15.25
C ASN C 136 -12.38 -37.32 -13.90
N GLN C 137 -12.43 -35.98 -13.81
CA GLN C 137 -12.92 -35.39 -12.59
C GLN C 137 -14.43 -35.64 -12.47
N TYR C 138 -15.16 -35.43 -13.56
CA TYR C 138 -16.55 -35.80 -13.58
C TYR C 138 -16.71 -37.23 -13.11
N LEU C 139 -15.87 -38.12 -13.65
CA LEU C 139 -15.95 -39.53 -13.30
C LEU C 139 -15.69 -39.75 -11.82
N GLN C 140 -14.51 -39.31 -11.36
CA GLN C 140 -13.89 -39.63 -10.08
C GLN C 140 -14.37 -38.74 -8.99
N LEU C 141 -15.40 -37.93 -9.26
CA LEU C 141 -15.97 -37.04 -8.25
C LEU C 141 -16.57 -37.81 -7.07
N TYR C 142 -17.35 -38.87 -7.36
CA TYR C 142 -17.98 -39.67 -6.31
C TYR C 142 -16.92 -40.20 -5.36
N ASN C 143 -15.84 -40.72 -5.91
CA ASN C 143 -14.78 -41.25 -5.08
C ASN C 143 -13.93 -40.13 -4.45
N VAL C 144 -13.35 -39.25 -5.28
CA VAL C 144 -12.25 -38.39 -4.86
C VAL C 144 -12.70 -37.10 -4.19
N SER C 145 -13.77 -36.49 -4.70
CA SER C 145 -14.21 -35.20 -4.18
C SER C 145 -14.65 -35.36 -2.74
N VAL C 146 -14.02 -34.59 -1.83
CA VAL C 146 -14.36 -34.69 -0.42
C VAL C 146 -15.68 -33.98 -0.07
N GLY C 147 -16.23 -33.17 -0.97
CA GLY C 147 -17.57 -32.62 -0.79
C GLY C 147 -18.71 -33.60 -1.08
N ASN C 148 -19.86 -33.34 -0.44
CA ASN C 148 -21.08 -34.16 -0.62
C ASN C 148 -21.59 -34.11 -2.06
N HIS C 149 -21.43 -32.95 -2.70
CA HIS C 149 -22.10 -32.65 -3.96
C HIS C 149 -21.91 -33.77 -4.97
N ALA C 150 -23.02 -34.14 -5.61
CA ALA C 150 -23.08 -35.29 -6.52
C ALA C 150 -23.95 -34.98 -7.72
N TYR C 151 -23.88 -35.89 -8.71
CA TYR C 151 -24.61 -35.75 -9.95
C TYR C 151 -26.10 -35.87 -9.67
N GLU C 152 -26.90 -35.15 -10.46
CA GLU C 152 -28.35 -35.28 -10.43
C GLU C 152 -28.86 -35.54 -11.83
N ASN C 153 -29.69 -36.57 -11.99
CA ASN C 153 -30.27 -36.91 -13.29
C ASN C 153 -31.41 -35.93 -13.66
N ALA C 160 -24.13 -36.32 -17.80
CA ALA C 160 -25.03 -35.17 -17.67
C ALA C 160 -24.30 -33.87 -17.98
N MET C 161 -22.98 -33.95 -18.16
CA MET C 161 -22.17 -32.78 -18.45
C MET C 161 -22.17 -32.48 -19.95
N ALA C 162 -21.21 -31.67 -20.38
CA ALA C 162 -21.10 -31.30 -21.77
C ALA C 162 -19.86 -30.42 -21.94
N ILE C 163 -19.40 -30.30 -23.19
CA ILE C 163 -18.30 -29.43 -23.57
C ILE C 163 -18.67 -28.81 -24.89
N CYS C 164 -18.52 -27.49 -24.98
CA CYS C 164 -18.76 -26.78 -26.22
C CYS C 164 -17.43 -26.43 -26.85
N GLN C 165 -17.37 -26.47 -28.18
CA GLN C 165 -16.22 -25.92 -28.91
C GLN C 165 -16.78 -25.08 -30.03
N HIS C 166 -16.26 -23.87 -30.16
CA HIS C 166 -16.73 -22.94 -31.16
C HIS C 166 -15.71 -22.95 -32.29
N PHE C 167 -16.18 -23.06 -33.54
CA PHE C 167 -15.29 -23.21 -34.69
C PHE C 167 -15.53 -22.10 -35.71
N TYR C 168 -14.52 -21.91 -36.57
CA TYR C 168 -14.55 -20.90 -37.63
C TYR C 168 -15.22 -21.44 -38.90
N LYS C 169 -16.08 -20.61 -39.52
CA LYS C 169 -16.90 -21.07 -40.64
C LYS C 169 -16.06 -21.52 -41.82
N ARG C 170 -15.28 -20.60 -42.39
CA ARG C 170 -14.26 -20.94 -43.37
C ARG C 170 -12.99 -20.25 -42.94
N GLY C 171 -12.00 -21.01 -42.47
CA GLY C 171 -10.70 -20.46 -42.18
C GLY C 171 -9.73 -20.69 -43.33
N ASN C 172 -8.79 -19.78 -43.47
CA ASN C 172 -7.60 -20.03 -44.27
C ASN C 172 -6.42 -19.25 -43.71
N ILE C 173 -5.29 -19.91 -43.54
CA ILE C 173 -4.06 -19.26 -43.10
C ILE C 173 -2.98 -19.59 -44.12
N TYR C 174 -2.37 -18.57 -44.69
CA TYR C 174 -1.29 -18.74 -45.65
C TYR C 174 -0.15 -17.81 -45.22
N PRO C 175 0.73 -18.29 -44.34
CA PRO C 175 1.90 -17.48 -43.95
C PRO C 175 2.89 -17.29 -45.09
N GLY C 176 3.05 -18.29 -45.96
CA GLY C 176 4.06 -18.22 -47.00
C GLY C 176 3.91 -17.05 -47.96
N ASN C 177 2.69 -16.87 -48.51
CA ASN C 177 2.37 -15.72 -49.36
C ASN C 177 1.79 -14.53 -48.60
N ASP C 178 1.72 -14.60 -47.28
CA ASP C 178 1.18 -13.61 -46.36
C ASP C 178 -0.35 -13.56 -46.42
N THR C 179 -0.99 -14.38 -47.26
CA THR C 179 -2.44 -14.34 -47.40
C THR C 179 -3.12 -14.81 -46.11
N PHE C 180 -4.17 -14.09 -45.72
CA PHE C 180 -4.91 -14.40 -44.51
C PHE C 180 -6.39 -14.30 -44.82
N ASP C 181 -7.10 -15.42 -44.70
CA ASP C 181 -8.52 -15.49 -45.05
C ASP C 181 -9.31 -15.96 -43.84
N ILE C 182 -10.41 -15.24 -43.54
CA ILE C 182 -11.24 -15.58 -42.40
C ILE C 182 -12.70 -15.47 -42.80
N ASP C 183 -13.55 -16.28 -42.14
CA ASP C 183 -14.99 -16.19 -42.30
C ASP C 183 -15.60 -15.79 -40.96
N PRO C 184 -16.22 -14.61 -40.85
CA PRO C 184 -16.75 -14.18 -39.55
C PRO C 184 -18.02 -14.92 -39.15
N GLU C 185 -17.97 -16.27 -39.14
CA GLU C 185 -19.07 -17.09 -38.68
C GLU C 185 -18.54 -18.24 -37.85
N ILE C 186 -19.12 -18.42 -36.66
CA ILE C 186 -18.70 -19.46 -35.72
C ILE C 186 -19.81 -20.47 -35.58
N GLU C 187 -19.47 -21.73 -35.81
CA GLU C 187 -20.40 -22.83 -35.61
C GLU C 187 -19.99 -23.56 -34.35
N THR C 188 -20.92 -23.67 -33.41
CA THR C 188 -20.64 -24.31 -32.12
C THR C 188 -21.10 -25.76 -32.14
N GLU C 189 -20.17 -26.67 -31.86
CA GLU C 189 -20.47 -28.07 -31.69
C GLU C 189 -20.50 -28.36 -30.19
N CYS C 190 -21.59 -28.95 -29.73
CA CYS C 190 -21.73 -29.29 -28.32
C CYS C 190 -21.68 -30.81 -28.19
N PHE C 191 -20.98 -31.23 -27.15
CA PHE C 191 -20.71 -32.63 -26.86
C PHE C 191 -21.27 -32.92 -25.49
N PHE C 192 -21.77 -34.13 -25.31
CA PHE C 192 -22.45 -34.46 -24.08
C PHE C 192 -21.71 -35.54 -23.30
N VAL C 193 -21.59 -35.30 -22.00
CA VAL C 193 -21.00 -36.25 -21.08
C VAL C 193 -22.10 -36.96 -20.30
N GLU C 194 -22.00 -38.32 -20.22
CA GLU C 194 -22.77 -39.17 -19.32
C GLU C 194 -21.92 -39.47 -18.09
N PRO C 195 -22.42 -39.25 -16.86
CA PRO C 195 -21.53 -39.17 -15.68
C PRO C 195 -20.80 -40.47 -15.28
N ASP C 196 -21.11 -41.63 -15.83
CA ASP C 196 -20.32 -42.79 -15.42
C ASP C 196 -19.77 -43.65 -16.57
N ASN C 207 -16.22 -44.07 -20.03
CA ASN C 207 -14.95 -43.74 -19.39
C ASN C 207 -13.94 -43.16 -20.41
N LYS C 208 -13.91 -43.73 -21.63
CA LYS C 208 -13.01 -43.28 -22.67
C LYS C 208 -13.36 -41.88 -23.17
N LEU C 209 -12.33 -41.09 -23.47
CA LEU C 209 -12.47 -39.70 -23.92
C LEU C 209 -11.88 -39.54 -25.31
N ASN C 210 -12.70 -39.08 -26.25
CA ASN C 210 -12.32 -38.83 -27.63
C ASN C 210 -12.32 -37.33 -27.85
N LEU C 211 -11.20 -36.80 -28.33
CA LEU C 211 -11.03 -35.36 -28.50
C LEU C 211 -10.73 -35.01 -29.94
N THR C 212 -11.50 -34.08 -30.50
CA THR C 212 -11.27 -33.56 -31.84
C THR C 212 -11.05 -32.06 -31.75
N LEU C 213 -9.80 -31.63 -31.95
CA LEU C 213 -9.48 -30.22 -31.90
C LEU C 213 -8.42 -29.87 -32.94
N ASP C 214 -8.62 -28.70 -33.57
CA ASP C 214 -7.69 -28.13 -34.55
C ASP C 214 -7.20 -26.83 -33.91
N PHE C 215 -5.90 -26.68 -33.78
CA PHE C 215 -5.33 -25.49 -33.12
C PHE C 215 -5.51 -24.09 -33.72
N HIS C 216 -5.30 -23.91 -35.01
CA HIS C 216 -5.42 -22.59 -35.62
C HIS C 216 -6.84 -22.02 -35.57
N ARG C 217 -7.78 -22.90 -35.84
CA ARG C 217 -9.21 -22.65 -35.90
C ARG C 217 -9.85 -22.46 -34.54
N LEU C 218 -9.13 -22.67 -33.42
CA LEU C 218 -9.79 -22.65 -32.11
C LEU C 218 -9.91 -21.22 -31.59
N LEU C 219 -11.15 -20.79 -31.40
CA LEU C 219 -11.46 -19.49 -30.82
C LEU C 219 -11.78 -19.67 -29.36
N THR C 220 -12.81 -20.43 -29.05
CA THR C 220 -13.15 -20.67 -27.67
C THR C 220 -13.57 -22.11 -27.49
N VAL C 221 -13.17 -22.66 -26.35
CA VAL C 221 -13.71 -23.91 -25.84
C VAL C 221 -14.33 -23.60 -24.49
N GLU C 222 -15.37 -24.34 -24.20
CA GLU C 222 -16.00 -24.34 -22.89
C GLU C 222 -16.43 -25.77 -22.55
N LEU C 223 -16.84 -25.95 -21.32
CA LEU C 223 -17.64 -27.08 -20.89
C LEU C 223 -18.66 -26.52 -19.92
N GLN C 224 -19.87 -27.12 -19.95
CA GLN C 224 -20.94 -26.80 -19.01
C GLN C 224 -21.40 -28.09 -18.34
N PHE C 225 -22.09 -27.90 -17.22
CA PHE C 225 -22.64 -28.98 -16.41
C PHE C 225 -23.20 -28.27 -15.18
N LYS C 226 -24.14 -28.86 -14.40
CA LYS C 226 -24.69 -28.26 -13.16
C LYS C 226 -24.80 -29.33 -12.08
N LEU C 227 -24.14 -29.12 -10.95
CA LEU C 227 -24.08 -30.13 -9.90
C LEU C 227 -24.89 -29.70 -8.68
N LYS C 228 -25.37 -30.69 -7.97
CA LYS C 228 -26.34 -30.43 -6.92
C LYS C 228 -25.64 -30.37 -5.58
N ALA C 229 -26.04 -29.40 -4.77
CA ALA C 229 -25.62 -29.33 -3.39
C ALA C 229 -26.73 -28.76 -2.49
N ILE C 230 -26.91 -29.40 -1.33
CA ILE C 230 -27.86 -28.96 -0.31
C ILE C 230 -27.07 -28.57 0.93
N ASN C 231 -27.20 -27.30 1.35
CA ASN C 231 -26.31 -26.68 2.32
C ASN C 231 -26.75 -27.04 3.73
N LEU C 232 -25.90 -27.78 4.44
CA LEU C 232 -26.33 -28.37 5.71
C LEU C 232 -26.44 -27.31 6.80
N GLN C 233 -25.37 -26.55 7.03
CA GLN C 233 -25.38 -25.60 8.12
C GLN C 233 -26.31 -24.42 7.85
N THR C 234 -26.87 -24.34 6.64
CA THR C 234 -27.80 -23.26 6.28
C THR C 234 -29.22 -23.58 6.77
N VAL C 235 -29.84 -24.65 6.24
CA VAL C 235 -31.19 -25.07 6.66
C VAL C 235 -31.22 -25.70 8.07
N ARG C 236 -30.07 -26.14 8.59
CA ARG C 236 -30.05 -26.79 9.91
C ARG C 236 -30.48 -25.82 11.01
N HIS C 237 -29.74 -24.72 11.17
CA HIS C 237 -29.96 -23.79 12.27
C HIS C 237 -31.09 -22.78 12.00
N GLN C 238 -31.13 -22.17 10.81
CA GLN C 238 -32.05 -21.09 10.48
C GLN C 238 -32.83 -21.44 9.21
N GLU C 239 -33.64 -20.50 8.72
CA GLU C 239 -34.46 -20.74 7.53
C GLU C 239 -33.86 -20.02 6.32
N LEU C 240 -33.23 -20.78 5.43
CA LEU C 240 -32.91 -20.38 4.07
C LEU C 240 -32.89 -21.62 3.21
N PRO C 241 -33.24 -21.54 1.91
CA PRO C 241 -33.30 -22.76 1.08
C PRO C 241 -31.96 -23.48 1.03
N ASP C 242 -31.99 -24.80 1.27
CA ASP C 242 -30.76 -25.58 1.43
C ASP C 242 -30.16 -26.08 0.11
N CYS C 243 -30.95 -26.23 -0.96
CA CYS C 243 -30.38 -26.68 -2.23
C CYS C 243 -30.09 -25.48 -3.12
N TYR C 244 -28.91 -25.45 -3.74
CA TYR C 244 -28.64 -24.56 -4.88
C TYR C 244 -27.82 -25.39 -5.83
N ASP C 245 -28.29 -25.58 -7.05
CA ASP C 245 -27.47 -26.25 -8.02
C ASP C 245 -26.47 -25.24 -8.54
N PHE C 246 -25.19 -25.56 -8.47
CA PHE C 246 -24.18 -24.71 -9.08
C PHE C 246 -23.98 -25.24 -10.50
N THR C 247 -24.48 -24.48 -11.46
CA THR C 247 -24.28 -24.75 -12.87
C THR C 247 -22.93 -24.17 -13.23
N LEU C 248 -22.00 -25.05 -13.53
CA LEU C 248 -20.62 -24.73 -13.82
C LEU C 248 -20.38 -24.64 -15.33
N THR C 249 -19.54 -23.67 -15.72
CA THR C 249 -18.88 -23.59 -17.03
C THR C 249 -17.39 -23.33 -16.84
N ILE C 250 -16.53 -24.31 -17.19
CA ILE C 250 -15.09 -24.07 -17.25
C ILE C 250 -14.73 -23.78 -18.68
N THR C 251 -13.72 -22.92 -18.88
CA THR C 251 -13.44 -22.43 -20.22
C THR C 251 -11.96 -22.23 -20.50
N PHE C 252 -11.62 -22.45 -21.76
CA PHE C 252 -10.30 -22.19 -22.29
C PHE C 252 -10.53 -21.42 -23.58
N ASP C 253 -9.96 -20.22 -23.71
CA ASP C 253 -10.17 -19.38 -24.89
C ASP C 253 -8.84 -19.05 -25.57
N ASN C 254 -8.78 -19.30 -26.87
CA ASN C 254 -7.78 -18.69 -27.73
C ASN C 254 -8.27 -17.38 -28.30
N LYS C 255 -9.34 -16.81 -27.70
CA LYS C 255 -10.14 -15.75 -28.28
C LYS C 255 -9.26 -14.74 -28.99
N ALA C 256 -8.10 -14.42 -28.42
CA ALA C 256 -7.16 -13.52 -29.10
C ALA C 256 -6.21 -14.21 -30.12
N HIS C 257 -6.09 -15.56 -30.10
CA HIS C 257 -5.23 -16.35 -31.02
C HIS C 257 -3.73 -16.15 -30.75
N SER C 258 -3.32 -15.91 -29.48
CA SER C 258 -1.95 -15.47 -29.18
C SER C 258 -0.98 -16.59 -28.83
N GLY C 259 -1.43 -17.78 -28.50
CA GLY C 259 -0.51 -18.75 -27.99
C GLY C 259 -0.62 -19.00 -26.51
N ARG C 260 -1.46 -18.24 -25.79
CA ARG C 260 -1.84 -18.56 -24.41
C ARG C 260 -3.37 -18.63 -24.33
N ILE C 261 -3.92 -19.78 -23.93
CA ILE C 261 -5.37 -19.97 -23.97
C ILE C 261 -5.91 -19.77 -22.57
N LYS C 262 -6.56 -18.60 -22.33
CA LYS C 262 -6.81 -18.10 -20.97
C LYS C 262 -7.99 -18.87 -20.34
N ILE C 263 -7.67 -19.67 -19.30
CA ILE C 263 -8.53 -20.65 -18.66
C ILE C 263 -9.16 -20.03 -17.41
N SER C 264 -10.49 -20.14 -17.28
CA SER C 264 -11.15 -19.79 -16.03
C SER C 264 -12.38 -20.68 -15.85
N LEU C 265 -12.69 -21.01 -14.61
CA LEU C 265 -13.90 -21.76 -14.31
C LEU C 265 -14.87 -20.80 -13.61
N ASP C 266 -16.11 -20.75 -14.10
CA ASP C 266 -17.12 -19.83 -13.60
C ASP C 266 -18.43 -20.54 -13.35
N ASN C 267 -19.03 -20.27 -12.21
CA ASN C 267 -20.22 -20.99 -11.75
C ASN C 267 -21.34 -19.99 -11.43
N ASP C 268 -22.52 -20.24 -12.01
CA ASP C 268 -23.78 -19.63 -11.61
C ASP C 268 -24.57 -20.62 -10.78
N ILE C 269 -25.11 -20.19 -9.65
CA ILE C 269 -25.77 -21.12 -8.74
C ILE C 269 -27.22 -20.65 -8.55
N SER C 270 -28.16 -21.61 -8.60
CA SER C 270 -29.60 -21.38 -8.52
C SER C 270 -30.18 -22.02 -7.25
N ILE C 271 -31.05 -21.27 -6.57
CA ILE C 271 -31.62 -21.70 -5.29
C ILE C 271 -32.91 -22.49 -5.49
N ARG C 272 -33.00 -23.65 -4.82
CA ARG C 272 -34.18 -24.49 -4.79
C ARG C 272 -34.30 -25.12 -3.41
N GLU C 273 -35.55 -25.36 -3.00
CA GLU C 273 -35.86 -25.92 -1.70
C GLU C 273 -36.01 -27.44 -1.79
N CYS C 274 -35.59 -28.12 -0.73
CA CYS C 274 -35.71 -29.58 -0.69
C CYS C 274 -37.17 -29.98 -0.89
N LYS C 275 -37.39 -30.99 -1.73
CA LYS C 275 -38.75 -31.45 -1.97
C LYS C 275 -39.41 -31.90 -0.67
N ASP C 276 -38.69 -32.65 0.16
CA ASP C 276 -39.14 -32.97 1.52
C ASP C 276 -38.04 -32.64 2.53
N TRP C 277 -38.46 -32.32 3.75
CA TRP C 277 -37.51 -32.21 4.84
C TRP C 277 -38.10 -32.78 6.12
N HIS C 278 -37.39 -33.74 6.73
CA HIS C 278 -37.73 -34.33 8.03
C HIS C 278 -36.48 -34.21 8.91
N VAL C 279 -36.58 -33.45 10.01
CA VAL C 279 -35.41 -33.10 10.80
C VAL C 279 -35.58 -33.45 12.28
N SER C 280 -34.48 -33.92 12.89
CA SER C 280 -34.38 -34.27 14.32
C SER C 280 -35.23 -35.49 14.63
N THR C 287 -45.79 -22.09 8.87
CA THR C 287 -45.97 -21.14 9.97
C THR C 287 -44.60 -20.79 10.61
N HIS C 288 -43.83 -19.88 9.96
CA HIS C 288 -42.50 -19.50 10.40
C HIS C 288 -42.55 -18.14 11.09
N TYR C 289 -42.13 -18.13 12.35
CA TYR C 289 -42.10 -16.90 13.12
C TYR C 289 -41.02 -15.91 12.66
N MET C 290 -39.96 -16.36 11.99
CA MET C 290 -38.99 -15.38 11.51
C MET C 290 -39.50 -14.65 10.27
N MET C 291 -40.17 -15.37 9.38
CA MET C 291 -40.85 -14.74 8.25
C MET C 291 -42.00 -13.87 8.70
N ILE C 292 -42.81 -14.34 9.65
CA ILE C 292 -43.87 -13.50 10.23
C ILE C 292 -43.30 -12.35 11.05
N PHE C 293 -42.07 -12.48 11.56
CA PHE C 293 -41.38 -11.34 12.17
C PHE C 293 -40.95 -10.34 11.12
N ASP C 294 -40.48 -10.81 9.98
CA ASP C 294 -40.16 -9.86 8.92
C ASP C 294 -41.42 -9.21 8.35
N ALA C 295 -42.54 -9.92 8.44
CA ALA C 295 -43.82 -9.32 8.10
C ALA C 295 -44.31 -8.37 9.21
N PHE C 296 -43.89 -8.58 10.46
CA PHE C 296 -44.26 -7.74 11.60
C PHE C 296 -43.37 -6.51 11.78
N VAL C 297 -42.10 -6.66 11.47
CA VAL C 297 -41.22 -5.54 11.20
C VAL C 297 -41.63 -4.85 9.92
N ILE C 298 -42.18 -5.63 8.97
CA ILE C 298 -42.81 -5.08 7.77
C ILE C 298 -44.10 -4.35 8.11
N LEU C 299 -44.78 -4.81 9.17
CA LEU C 299 -45.91 -4.10 9.78
C LEU C 299 -45.41 -2.88 10.55
N THR C 300 -44.22 -3.00 11.13
CA THR C 300 -43.52 -1.85 11.67
C THR C 300 -43.18 -0.85 10.57
N CYS C 301 -42.82 -1.36 9.39
CA CYS C 301 -42.47 -0.53 8.23
C CYS C 301 -43.68 0.09 7.57
N LEU C 302 -44.80 -0.64 7.54
CA LEU C 302 -46.06 -0.07 7.07
C LEU C 302 -46.65 0.88 8.09
N VAL C 303 -46.48 0.56 9.37
CA VAL C 303 -46.81 1.51 10.42
C VAL C 303 -45.90 2.71 10.35
N SER C 304 -44.68 2.51 9.83
CA SER C 304 -43.72 3.57 9.60
C SER C 304 -44.00 4.35 8.33
N LEU C 305 -44.57 3.70 7.32
CA LEU C 305 -45.09 4.39 6.16
C LEU C 305 -46.44 5.04 6.45
N ILE C 306 -47.09 4.58 7.53
CA ILE C 306 -48.27 5.21 8.10
C ILE C 306 -47.95 6.36 9.05
N LEU C 307 -46.81 6.29 9.77
CA LEU C 307 -46.23 7.44 10.45
C LEU C 307 -45.50 8.36 9.48
N CYS C 308 -45.15 7.83 8.31
CA CYS C 308 -44.73 8.56 7.11
C CYS C 308 -45.92 9.04 6.28
N ILE C 309 -47.10 8.46 6.47
CA ILE C 309 -48.37 8.99 5.97
C ILE C 309 -48.95 10.05 6.90
N ARG C 310 -48.70 9.93 8.21
CA ARG C 310 -48.97 11.00 9.16
C ARG C 310 -47.93 12.09 9.09
N SER C 311 -46.71 11.72 8.71
CA SER C 311 -45.69 12.67 8.30
C SER C 311 -46.02 13.31 6.97
N VAL C 312 -46.67 12.57 6.07
CA VAL C 312 -47.05 13.08 4.77
C VAL C 312 -48.30 13.95 4.81
N ILE C 313 -49.27 13.61 5.65
CA ILE C 313 -50.35 14.54 5.98
C ILE C 313 -49.84 15.68 6.85
N ARG C 314 -48.76 15.42 7.60
CA ARG C 314 -48.01 16.47 8.30
C ARG C 314 -47.32 17.41 7.31
N GLY C 315 -46.79 16.84 6.22
CA GLY C 315 -46.25 17.60 5.11
C GLY C 315 -47.31 18.24 4.23
N LEU C 316 -48.49 17.64 4.19
CA LEU C 316 -49.62 18.27 3.51
C LEU C 316 -50.15 19.44 4.33
N GLN C 317 -50.17 19.27 5.66
CA GLN C 317 -50.49 20.37 6.56
C GLN C 317 -49.40 21.45 6.54
N LEU C 318 -48.12 21.04 6.39
CA LEU C 318 -47.00 21.98 6.22
C LEU C 318 -46.92 22.58 4.81
N GLN C 319 -47.58 21.96 3.83
CA GLN C 319 -47.81 22.58 2.52
C GLN C 319 -48.94 23.60 2.58
N GLN C 320 -50.03 23.27 3.28
CA GLN C 320 -51.13 24.20 3.46
C GLN C 320 -50.67 25.42 4.25
N GLU C 321 -49.95 25.19 5.34
CA GLU C 321 -49.35 26.28 6.10
C GLU C 321 -48.24 26.97 5.32
N PHE C 322 -47.45 26.20 4.55
CA PHE C 322 -46.40 26.81 3.71
C PHE C 322 -46.97 27.58 2.54
N VAL C 323 -48.10 27.14 1.99
CA VAL C 323 -48.79 27.83 0.88
C VAL C 323 -48.96 29.33 1.14
N GLY C 345 -37.28 16.92 2.89
CA GLY C 345 -37.82 16.84 4.24
C GLY C 345 -37.28 15.68 5.06
N TRP C 346 -36.92 15.95 6.34
CA TRP C 346 -36.40 14.92 7.22
C TRP C 346 -37.30 13.72 7.16
N TYR C 347 -38.59 13.98 7.11
CA TYR C 347 -39.50 12.88 6.90
C TYR C 347 -39.34 12.32 5.49
N ILE C 348 -39.18 13.16 4.45
CA ILE C 348 -39.11 12.63 3.08
C ILE C 348 -38.02 11.59 2.97
N MET C 349 -36.98 11.81 3.75
CA MET C 349 -35.98 10.79 3.97
C MET C 349 -36.57 9.63 4.77
N ILE C 350 -37.28 9.93 5.88
CA ILE C 350 -37.75 8.85 6.78
C ILE C 350 -38.69 7.89 6.05
N ILE C 351 -39.56 8.45 5.22
CA ILE C 351 -40.56 7.77 4.44
C ILE C 351 -39.97 7.14 3.20
N ILE C 352 -39.06 7.85 2.52
CA ILE C 352 -38.33 7.23 1.42
C ILE C 352 -37.59 5.99 1.92
N SER C 353 -37.06 6.07 3.14
CA SER C 353 -36.44 4.93 3.80
C SER C 353 -37.46 3.83 3.97
N ASP C 354 -38.40 3.98 4.90
CA ASP C 354 -39.29 2.85 5.19
C ASP C 354 -40.18 2.47 3.99
N ILE C 355 -40.12 3.23 2.89
CA ILE C 355 -40.68 2.80 1.60
C ILE C 355 -39.74 1.84 0.91
N LEU C 356 -38.45 2.17 0.91
CA LEU C 356 -37.47 1.19 0.45
C LEU C 356 -37.42 0.00 1.40
N THR C 357 -37.76 0.21 2.66
CA THR C 357 -37.81 -0.86 3.64
C THR C 357 -39.08 -1.63 3.49
N ILE C 358 -40.12 -0.96 3.02
CA ILE C 358 -41.42 -1.58 2.82
C ILE C 358 -41.41 -2.41 1.53
N ILE C 359 -40.99 -1.79 0.44
CA ILE C 359 -40.69 -2.52 -0.77
C ILE C 359 -39.62 -3.54 -0.51
N GLY C 360 -38.77 -3.27 0.47
CA GLY C 360 -37.77 -4.23 0.85
C GLY C 360 -38.36 -5.41 1.57
N SER C 361 -39.33 -5.17 2.45
CA SER C 361 -39.93 -6.26 3.21
C SER C 361 -40.85 -7.09 2.34
N ILE C 362 -41.61 -6.41 1.50
CA ILE C 362 -42.39 -7.09 0.48
C ILE C 362 -41.50 -7.89 -0.46
N LEU C 363 -40.35 -7.34 -0.84
CA LEU C 363 -39.50 -8.03 -1.80
C LEU C 363 -38.74 -9.19 -1.17
N LYS C 364 -38.37 -9.08 0.12
CA LYS C 364 -37.77 -10.26 0.76
C LYS C 364 -38.82 -11.33 0.95
N MET C 365 -40.07 -10.91 1.13
CA MET C 365 -41.17 -11.84 0.93
C MET C 365 -41.17 -12.38 -0.49
N GLU C 366 -40.74 -11.56 -1.45
CA GLU C 366 -40.85 -11.92 -2.86
C GLU C 366 -39.78 -12.93 -3.30
N ILE C 367 -38.52 -12.75 -2.89
CA ILE C 367 -37.48 -13.77 -3.07
C ILE C 367 -37.67 -14.95 -2.12
N GLN C 368 -38.50 -14.79 -1.06
CA GLN C 368 -39.01 -15.96 -0.33
C GLN C 368 -39.93 -16.79 -1.21
N ALA C 369 -40.77 -16.14 -2.03
CA ALA C 369 -41.62 -16.89 -2.97
C ALA C 369 -40.83 -17.42 -4.18
N LYS C 370 -39.95 -16.59 -4.77
CA LYS C 370 -39.33 -16.88 -6.07
C LYS C 370 -38.14 -17.85 -5.97
N SER C 371 -37.32 -17.71 -4.92
CA SER C 371 -36.11 -18.53 -4.70
C SER C 371 -35.04 -18.29 -5.79
N LEU C 372 -34.80 -17.01 -6.11
CA LEU C 372 -34.11 -16.65 -7.35
C LEU C 372 -32.59 -16.87 -7.31
N THR C 373 -31.89 -16.38 -6.28
CA THR C 373 -30.41 -16.41 -6.02
C THR C 373 -29.55 -15.27 -6.63
N SER C 374 -30.25 -14.41 -7.36
CA SER C 374 -29.78 -13.17 -7.93
C SER C 374 -30.64 -12.05 -7.29
N TYR C 375 -31.21 -12.40 -6.13
CA TYR C 375 -32.05 -11.49 -5.38
C TYR C 375 -31.18 -10.53 -4.60
N ASP C 376 -29.87 -10.60 -4.83
CA ASP C 376 -28.90 -9.72 -4.17
C ASP C 376 -29.43 -8.32 -4.26
N VAL C 377 -30.11 -8.03 -5.37
CA VAL C 377 -30.73 -6.73 -5.59
C VAL C 377 -31.64 -6.52 -4.40
N CYS C 378 -32.54 -7.47 -4.19
CA CYS C 378 -33.43 -7.33 -3.04
C CYS C 378 -32.63 -6.90 -1.81
N SER C 379 -31.36 -7.34 -1.69
CA SER C 379 -30.46 -6.89 -0.62
C SER C 379 -30.15 -5.40 -0.78
N ILE C 380 -29.71 -4.97 -1.97
CA ILE C 380 -29.36 -3.55 -2.21
C ILE C 380 -30.54 -2.64 -1.88
N LEU C 381 -31.71 -3.01 -2.42
CA LEU C 381 -32.97 -2.35 -2.10
C LEU C 381 -33.13 -2.25 -0.60
N LEU C 382 -32.92 -3.38 0.08
CA LEU C 382 -33.21 -3.47 1.49
C LEU C 382 -32.33 -2.55 2.30
N GLY C 383 -31.06 -2.42 1.90
CA GLY C 383 -30.04 -1.73 2.67
C GLY C 383 -29.97 -0.23 2.45
N THR C 384 -30.34 0.22 1.26
CA THR C 384 -30.50 1.66 1.05
C THR C 384 -31.32 2.24 2.19
N SER C 385 -32.34 1.49 2.61
CA SER C 385 -33.09 1.78 3.82
C SER C 385 -32.20 1.96 5.04
N THR C 386 -31.41 0.93 5.35
CA THR C 386 -30.51 0.99 6.49
C THR C 386 -29.80 2.33 6.48
N MET C 387 -29.32 2.72 5.31
CA MET C 387 -28.64 3.97 5.12
C MET C 387 -29.48 5.14 5.61
N LEU C 388 -30.57 5.40 4.87
CA LEU C 388 -31.32 6.62 5.08
C LEU C 388 -31.85 6.69 6.50
N VAL C 389 -32.24 5.53 7.03
CA VAL C 389 -32.66 5.42 8.42
C VAL C 389 -31.55 5.80 9.39
N TRP C 390 -30.32 5.60 8.99
CA TRP C 390 -29.27 6.01 9.91
C TRP C 390 -28.85 7.47 9.75
N LEU C 391 -29.07 8.10 8.58
CA LEU C 391 -29.13 9.56 8.62
C LEU C 391 -30.24 10.03 9.54
N GLY C 392 -31.26 9.20 9.72
CA GLY C 392 -32.18 9.41 10.82
C GLY C 392 -31.51 9.27 12.18
N VAL C 393 -30.58 8.30 12.32
CA VAL C 393 -29.75 8.27 13.53
C VAL C 393 -29.05 9.61 13.69
N ILE C 394 -28.76 10.24 12.56
CA ILE C 394 -28.18 11.57 12.55
C ILE C 394 -29.13 12.60 13.16
N ARG C 395 -30.38 12.70 12.69
CA ARG C 395 -31.28 13.71 13.29
C ARG C 395 -31.78 13.31 14.68
N TYR C 396 -31.51 12.08 15.13
CA TYR C 396 -31.74 11.72 16.52
C TYR C 396 -30.69 12.35 17.43
N LEU C 397 -29.40 12.09 17.19
CA LEU C 397 -28.37 12.69 18.06
C LEU C 397 -28.40 14.21 17.92
N GLY C 398 -28.58 14.64 16.67
CA GLY C 398 -28.87 16.02 16.41
C GLY C 398 -30.10 16.45 17.18
N PHE C 399 -31.07 15.54 17.37
CA PHE C 399 -32.28 15.84 18.16
C PHE C 399 -31.94 16.14 19.62
N PHE C 400 -30.97 15.41 20.19
CA PHE C 400 -30.56 15.74 21.55
C PHE C 400 -29.86 17.10 21.63
N ALA C 401 -28.75 17.27 20.91
CA ALA C 401 -27.94 18.48 21.13
C ALA C 401 -28.68 19.74 20.68
N LYS C 402 -29.38 19.66 19.53
CA LYS C 402 -30.32 20.61 18.91
C LYS C 402 -29.67 21.70 18.07
N TYR C 403 -28.35 21.87 18.09
CA TYR C 403 -27.72 22.87 17.23
C TYR C 403 -27.03 22.25 16.00
N ASN C 404 -26.89 20.91 15.93
CA ASN C 404 -26.68 20.12 14.70
C ASN C 404 -25.76 20.78 13.69
N LEU C 405 -24.73 21.47 14.16
CA LEU C 405 -23.81 22.18 13.29
C LEU C 405 -23.10 21.30 12.27
N LEU C 406 -22.73 20.08 12.65
CA LEU C 406 -22.02 19.22 11.72
C LEU C 406 -22.83 18.96 10.46
N ILE C 407 -24.12 18.69 10.62
CA ILE C 407 -24.96 18.43 9.46
C ILE C 407 -25.60 19.73 8.99
N LEU C 408 -25.35 20.80 9.74
CA LEU C 408 -25.91 22.13 9.46
C LEU C 408 -25.03 22.89 8.49
N THR C 409 -23.72 22.88 8.77
CA THR C 409 -22.75 23.42 7.82
C THR C 409 -22.66 22.55 6.56
N LEU C 410 -22.60 21.21 6.72
CA LEU C 410 -22.52 20.34 5.55
C LEU C 410 -23.66 20.61 4.57
N GLN C 411 -24.89 20.55 5.06
CA GLN C 411 -26.07 20.97 4.33
C GLN C 411 -25.82 22.33 3.70
N ALA C 412 -25.35 23.27 4.52
CA ALA C 412 -25.31 24.66 4.09
C ALA C 412 -24.59 24.81 2.77
N ALA C 413 -23.34 24.38 2.70
CA ALA C 413 -22.58 24.67 1.50
C ALA C 413 -22.51 23.52 0.51
N LEU C 414 -23.30 22.42 0.70
CA LEU C 414 -23.41 21.39 -0.34
C LEU C 414 -23.53 21.95 -1.76
N PRO C 415 -24.07 23.23 -1.98
CA PRO C 415 -24.07 23.83 -3.34
C PRO C 415 -22.76 24.00 -4.08
N ASN C 416 -21.81 24.71 -3.45
CA ASN C 416 -20.48 24.79 -4.03
C ASN C 416 -19.85 23.41 -4.10
N VAL C 417 -20.37 22.48 -3.29
CA VAL C 417 -19.84 21.14 -3.19
C VAL C 417 -20.17 20.34 -4.42
N ILE C 418 -21.46 20.14 -4.64
CA ILE C 418 -21.89 19.42 -5.81
C ILE C 418 -21.48 20.14 -7.08
N ARG C 419 -21.45 21.48 -7.05
CA ARG C 419 -21.08 22.22 -8.25
C ARG C 419 -19.62 21.91 -8.58
N PHE C 420 -18.78 21.89 -7.56
CA PHE C 420 -17.38 21.56 -7.73
C PHE C 420 -17.18 20.10 -8.19
N CYS C 421 -17.87 19.15 -7.56
CA CYS C 421 -17.75 17.74 -7.93
C CYS C 421 -18.04 17.52 -9.39
N CYS C 422 -19.26 17.89 -9.82
CA CYS C 422 -19.63 17.57 -11.19
C CYS C 422 -18.86 18.47 -12.19
N CYS C 423 -18.44 19.67 -11.77
CA CYS C 423 -17.68 20.50 -12.71
C CYS C 423 -16.23 20.02 -12.89
N ALA C 424 -15.49 19.86 -11.81
CA ALA C 424 -14.10 19.44 -11.93
C ALA C 424 -14.01 17.99 -12.40
N ALA C 425 -14.99 17.17 -11.99
CA ALA C 425 -15.01 15.75 -12.35
C ALA C 425 -14.91 15.57 -13.86
N MET C 426 -15.32 16.60 -14.59
CA MET C 426 -14.96 16.72 -15.99
C MET C 426 -13.43 16.66 -16.15
N ILE C 427 -12.71 17.58 -15.50
CA ILE C 427 -11.25 17.56 -15.60
C ILE C 427 -10.71 16.17 -15.37
N TYR C 428 -11.27 15.49 -14.37
CA TYR C 428 -10.90 14.10 -14.12
C TYR C 428 -11.05 13.31 -15.40
N LEU C 429 -12.28 13.31 -15.90
CA LEU C 429 -12.61 12.49 -17.05
C LEU C 429 -11.54 12.67 -18.13
N GLY C 430 -11.27 13.92 -18.45
CA GLY C 430 -10.36 14.18 -19.54
C GLY C 430 -9.03 13.52 -19.28
N TYR C 431 -8.52 13.67 -18.05
CA TYR C 431 -7.23 13.05 -17.81
C TYR C 431 -7.30 11.54 -18.03
N CYS C 432 -8.38 10.91 -17.55
CA CYS C 432 -8.51 9.47 -17.70
C CYS C 432 -8.37 9.09 -19.17
N PHE C 433 -9.03 9.85 -20.03
CA PHE C 433 -8.86 9.72 -21.47
C PHE C 433 -7.38 9.85 -21.87
N CYS C 434 -6.71 10.93 -21.47
CA CYS C 434 -5.33 11.10 -21.91
C CYS C 434 -4.54 9.89 -21.49
N GLY C 435 -4.75 9.44 -20.26
CA GLY C 435 -4.07 8.26 -19.76
C GLY C 435 -4.54 7.08 -20.58
N TRP C 436 -5.82 7.13 -20.93
CA TRP C 436 -6.50 6.06 -21.64
C TRP C 436 -5.97 5.68 -23.02
N ILE C 437 -5.57 6.63 -23.84
CA ILE C 437 -5.10 6.28 -25.16
C ILE C 437 -3.59 6.11 -25.15
N VAL C 438 -2.86 6.97 -24.44
CA VAL C 438 -1.42 6.79 -24.41
C VAL C 438 -0.94 5.86 -23.29
N LEU C 439 -1.33 6.15 -22.06
CA LEU C 439 -0.90 5.34 -20.91
C LEU C 439 -1.44 3.91 -20.78
N GLY C 440 -2.74 3.76 -21.02
CA GLY C 440 -3.45 2.51 -20.87
C GLY C 440 -2.97 1.31 -21.66
N PRO C 441 -2.48 1.48 -22.89
CA PRO C 441 -1.75 0.37 -23.50
C PRO C 441 -0.79 -0.23 -22.50
N TYR C 442 -0.11 0.61 -21.76
CA TYR C 442 1.01 0.19 -20.95
C TYR C 442 0.60 -0.35 -19.58
N HIS C 443 -0.56 0.10 -19.03
CA HIS C 443 -0.86 -0.02 -17.58
C HIS C 443 -1.16 -1.46 -17.15
N ASP C 444 -2.15 -2.09 -17.77
CA ASP C 444 -2.68 -3.31 -17.20
C ASP C 444 -2.79 -4.34 -18.32
N LYS C 445 -2.73 -5.63 -17.95
CA LYS C 445 -2.96 -6.69 -18.93
C LYS C 445 -4.44 -6.83 -19.28
N PHE C 446 -5.33 -6.57 -18.29
CA PHE C 446 -6.76 -6.43 -18.58
C PHE C 446 -7.06 -5.18 -19.42
N ARG C 447 -6.29 -4.10 -19.19
CA ARG C 447 -6.28 -2.86 -20.00
C ARG C 447 -7.71 -2.38 -20.28
N SER C 448 -8.47 -2.26 -19.22
CA SER C 448 -9.79 -1.67 -19.29
C SER C 448 -9.70 -0.21 -18.80
N LEU C 449 -10.25 0.73 -19.61
CA LEU C 449 -10.37 2.15 -19.23
C LEU C 449 -11.05 2.33 -17.88
N ASN C 450 -12.03 1.48 -17.57
CA ASN C 450 -12.63 1.44 -16.25
C ASN C 450 -11.55 1.34 -15.20
N MET C 451 -10.66 0.35 -15.34
CA MET C 451 -9.55 0.18 -14.41
C MET C 451 -8.66 1.43 -14.37
N VAL C 452 -8.40 2.07 -15.53
CA VAL C 452 -7.56 3.26 -15.52
C VAL C 452 -8.21 4.37 -14.73
N SER C 453 -9.52 4.57 -14.91
CA SER C 453 -10.30 5.51 -14.11
C SER C 453 -10.15 5.20 -12.62
N GLU C 454 -10.31 3.92 -12.28
CA GLU C 454 -10.20 3.50 -10.88
C GLU C 454 -8.83 3.83 -10.30
N CYS C 455 -7.73 3.54 -11.02
CA CYS C 455 -6.39 3.70 -10.43
C CYS C 455 -5.91 5.17 -10.40
N LEU C 456 -6.45 6.02 -11.28
CA LEU C 456 -6.39 7.47 -11.05
C LEU C 456 -6.92 7.82 -9.70
N PHE C 457 -8.19 7.52 -9.49
CA PHE C 457 -8.78 7.90 -8.22
C PHE C 457 -8.01 7.16 -7.09
N SER C 458 -7.35 6.04 -7.41
CA SER C 458 -6.44 5.38 -6.46
C SER C 458 -5.33 6.32 -5.99
N LEU C 459 -4.60 6.95 -6.94
CA LEU C 459 -3.61 7.94 -6.50
C LEU C 459 -4.26 9.09 -5.75
N ILE C 460 -5.53 9.42 -6.06
CA ILE C 460 -6.28 10.40 -5.28
C ILE C 460 -6.40 9.99 -3.83
N ASN C 461 -6.26 8.68 -3.62
CA ASN C 461 -6.31 8.06 -2.30
C ASN C 461 -4.92 7.84 -1.72
N GLY C 462 -3.89 8.25 -2.46
CA GLY C 462 -2.51 8.11 -2.02
C GLY C 462 -1.73 6.83 -2.23
N ASP C 463 -2.26 5.88 -3.00
CA ASP C 463 -1.55 4.63 -3.26
C ASP C 463 -1.59 4.26 -4.74
N ASP C 464 -0.63 3.45 -5.20
CA ASP C 464 -0.65 3.06 -6.61
C ASP C 464 0.45 3.79 -7.35
N MET C 465 1.05 4.77 -6.68
CA MET C 465 2.17 5.49 -7.25
C MET C 465 3.24 4.42 -7.37
N PHE C 466 3.29 3.57 -6.34
CA PHE C 466 4.22 2.47 -6.26
C PHE C 466 4.03 1.45 -7.36
N ALA C 467 2.79 1.10 -7.75
CA ALA C 467 2.76 0.10 -8.82
C ALA C 467 2.73 0.75 -10.20
N THR C 468 2.28 2.02 -10.29
CA THR C 468 2.26 2.79 -11.54
C THR C 468 3.66 3.27 -11.94
N PHE C 469 4.38 3.88 -10.98
CA PHE C 469 5.76 4.31 -11.24
C PHE C 469 6.66 3.12 -11.57
N ALA C 470 6.32 1.94 -11.03
CA ALA C 470 7.22 0.80 -11.09
C ALA C 470 7.34 0.23 -12.50
N LYS C 471 6.21 -0.06 -13.15
CA LYS C 471 6.26 -0.76 -14.42
C LYS C 471 6.67 0.22 -15.52
N MET C 472 7.80 -0.09 -16.21
CA MET C 472 8.63 0.88 -16.92
C MET C 472 8.47 0.77 -18.44
N GLN C 473 8.16 1.91 -19.09
CA GLN C 473 7.96 2.00 -20.53
C GLN C 473 9.21 1.54 -21.25
N GLN C 474 10.24 2.40 -21.24
CA GLN C 474 11.58 2.09 -21.73
C GLN C 474 11.64 1.82 -23.23
N LYS C 475 10.49 1.63 -23.89
CA LYS C 475 10.51 1.50 -25.35
C LYS C 475 10.75 2.85 -26.02
N SER C 476 9.98 3.87 -25.63
CA SER C 476 10.15 5.24 -26.11
C SER C 476 10.47 6.12 -24.92
N TYR C 477 11.59 6.81 -25.02
CA TYR C 477 11.90 7.90 -24.10
C TYR C 477 10.79 8.96 -24.10
N LEU C 478 10.08 9.13 -25.23
CA LEU C 478 8.92 10.01 -25.25
C LEU C 478 7.75 9.41 -24.49
N VAL C 479 7.60 8.09 -24.55
CA VAL C 479 6.50 7.41 -23.87
C VAL C 479 6.59 7.60 -22.36
N TRP C 480 7.67 7.09 -21.76
CA TRP C 480 7.92 7.31 -20.35
C TRP C 480 7.98 8.81 -20.03
N LEU C 481 8.52 9.61 -20.96
CA LEU C 481 8.64 11.05 -20.70
C LEU C 481 7.30 11.67 -20.43
N PHE C 482 6.34 11.47 -21.32
CA PHE C 482 5.00 11.94 -21.03
C PHE C 482 4.52 11.27 -19.76
N SER C 483 4.88 9.99 -19.57
CA SER C 483 4.36 9.21 -18.44
C SER C 483 4.58 9.93 -17.13
N ARG C 484 5.81 10.42 -16.93
CA ARG C 484 6.10 11.22 -15.75
C ARG C 484 5.42 12.60 -15.86
N ILE C 485 5.33 13.14 -17.09
CA ILE C 485 4.74 14.46 -17.30
C ILE C 485 3.35 14.54 -16.71
N TYR C 486 2.45 13.65 -17.12
CA TYR C 486 1.07 13.71 -16.63
C TYR C 486 0.94 13.22 -15.22
N LEU C 487 1.56 12.09 -14.91
CA LEU C 487 1.29 11.53 -13.60
C LEU C 487 1.64 12.52 -12.50
N TYR C 488 2.70 13.28 -12.71
CA TYR C 488 2.96 14.39 -11.81
C TYR C 488 2.03 15.59 -12.09
N SER C 489 1.62 15.74 -13.34
CA SER C 489 0.72 16.83 -13.71
C SER C 489 -0.58 16.78 -12.95
N PHE C 490 -1.29 15.64 -13.06
CA PHE C 490 -2.57 15.47 -12.38
C PHE C 490 -2.34 15.26 -10.88
N ILE C 491 -1.45 14.29 -10.50
CA ILE C 491 -1.17 14.04 -9.08
C ILE C 491 -0.89 15.36 -8.42
N SER C 492 -0.32 16.25 -9.23
CA SER C 492 -0.16 17.67 -9.03
C SER C 492 -1.51 18.40 -8.88
N LEU C 493 -2.32 18.51 -9.94
CA LEU C 493 -3.45 19.47 -9.93
C LEU C 493 -4.42 19.20 -8.81
N PHE C 494 -4.42 18.00 -8.24
CA PHE C 494 -5.37 17.77 -7.17
C PHE C 494 -4.83 18.09 -5.78
N ILE C 495 -3.61 17.67 -5.49
CA ILE C 495 -3.05 17.97 -4.19
C ILE C 495 -2.95 19.48 -4.07
N TYR C 496 -2.41 20.09 -5.12
CA TYR C 496 -2.28 21.54 -5.15
C TYR C 496 -3.66 22.16 -5.25
N MET C 497 -4.49 21.54 -6.07
CA MET C 497 -5.85 22.00 -6.34
C MET C 497 -7.09 21.33 -5.70
N ILE C 498 -7.15 20.01 -5.72
CA ILE C 498 -8.35 19.33 -5.24
C ILE C 498 -8.80 19.40 -3.78
N LEU C 499 -7.92 19.03 -2.86
CA LEU C 499 -8.25 19.08 -1.45
C LEU C 499 -8.47 20.52 -1.02
N SER C 500 -7.66 21.42 -1.56
CA SER C 500 -7.70 22.81 -1.17
C SER C 500 -9.02 23.55 -1.41
N LEU C 501 -9.64 23.38 -2.57
CA LEU C 501 -10.91 24.06 -2.81
C LEU C 501 -11.85 23.49 -1.77
N PHE C 502 -11.73 22.18 -1.61
CA PHE C 502 -12.51 21.40 -0.64
C PHE C 502 -12.41 21.97 0.75
N ILE C 503 -11.18 21.84 1.23
CA ILE C 503 -10.83 22.31 2.54
C ILE C 503 -11.37 23.70 2.69
N ALA C 504 -11.52 24.39 1.55
CA ALA C 504 -11.81 25.82 1.50
C ALA C 504 -13.27 26.15 1.79
N LEU C 505 -14.14 25.82 0.86
CA LEU C 505 -15.54 26.10 1.05
C LEU C 505 -16.01 25.47 2.35
N ILE C 506 -15.43 24.31 2.67
CA ILE C 506 -15.64 23.71 3.96
C ILE C 506 -15.30 24.70 5.08
N THR C 507 -14.13 25.33 5.01
CA THR C 507 -13.76 26.31 6.04
C THR C 507 -14.79 27.43 6.11
N ASP C 508 -15.09 28.01 4.95
CA ASP C 508 -15.91 29.23 4.84
C ASP C 508 -17.28 29.06 5.50
N THR C 509 -18.00 28.04 5.07
CA THR C 509 -19.30 27.84 5.65
C THR C 509 -19.22 27.31 7.07
N TYR C 510 -18.09 26.72 7.48
CA TYR C 510 -17.95 26.54 8.91
C TYR C 510 -18.00 27.88 9.61
N GLU C 511 -17.27 28.85 9.08
CA GLU C 511 -17.26 30.20 9.65
C GLU C 511 -18.68 30.78 9.79
N THR C 512 -19.43 30.86 8.69
CA THR C 512 -20.74 31.48 8.81
C THR C 512 -21.68 30.63 9.66
N ILE C 513 -21.44 29.31 9.74
CA ILE C 513 -22.19 28.48 10.65
C ILE C 513 -22.01 28.97 12.07
N LYS C 514 -20.75 29.05 12.51
CA LYS C 514 -20.45 29.56 13.85
C LYS C 514 -20.89 31.01 14.02
N GLN C 515 -20.85 31.79 12.94
CA GLN C 515 -21.16 33.19 13.02
C GLN C 515 -22.65 33.40 13.27
N TYR C 516 -23.49 32.98 12.31
CA TYR C 516 -24.94 33.13 12.40
C TYR C 516 -25.51 32.36 13.59
N GLN C 517 -24.84 31.29 14.01
CA GLN C 517 -25.15 30.76 15.33
C GLN C 517 -24.87 31.81 16.39
N GLN C 518 -23.66 32.38 16.39
CA GLN C 518 -23.40 33.43 17.35
C GLN C 518 -24.12 34.72 16.93
N THR C 524 -34.53 36.42 9.36
CA THR C 524 -35.61 35.97 8.48
C THR C 524 -36.94 36.57 8.90
N GLU C 525 -37.67 37.12 7.92
CA GLU C 525 -39.02 37.63 8.19
C GLU C 525 -39.98 36.51 8.56
N LEU C 526 -39.79 35.32 7.98
CA LEU C 526 -40.65 34.18 8.28
C LEU C 526 -40.56 33.79 9.75
N ARG C 527 -39.34 33.66 10.26
CA ARG C 527 -39.17 33.37 11.67
C ARG C 527 -39.66 34.52 12.54
N THR C 528 -39.55 35.76 12.05
CA THR C 528 -40.01 36.92 12.81
C THR C 528 -41.51 36.89 13.00
N PHE C 529 -42.27 36.63 11.92
CA PHE C 529 -43.71 36.45 12.05
C PHE C 529 -44.05 35.19 12.85
N ILE C 530 -43.16 34.18 12.83
CA ILE C 530 -43.33 33.03 13.71
C ILE C 530 -43.17 33.42 15.18
N SER C 531 -42.26 34.34 15.47
CA SER C 531 -42.04 34.80 16.83
C SER C 531 -43.27 35.53 17.37
N ARG D 45 -4.99 35.21 48.39
CA ARG D 45 -4.07 35.36 49.52
C ARG D 45 -2.77 34.59 49.27
N LYS D 46 -2.11 34.18 50.35
CA LYS D 46 -1.00 33.25 50.22
C LYS D 46 -1.46 31.90 49.68
N LEU D 47 -2.67 31.49 50.06
CA LEU D 47 -3.24 30.24 49.53
C LEU D 47 -3.35 30.30 48.02
N LYS D 48 -3.78 31.43 47.47
CA LYS D 48 -3.86 31.57 46.02
C LYS D 48 -2.49 31.53 45.36
N PHE D 49 -1.42 31.90 46.09
CA PHE D 49 -0.06 31.83 45.51
C PHE D 49 0.49 30.41 45.51
N PHE D 50 0.36 29.70 46.65
CA PHE D 50 0.70 28.28 46.65
C PHE D 50 -0.10 27.53 45.59
N PHE D 51 -1.35 27.94 45.36
CA PHE D 51 -2.20 27.26 44.35
C PHE D 51 -1.90 27.74 42.94
N MET D 52 -2.19 29.00 42.62
CA MET D 52 -1.80 29.55 41.33
C MET D 52 -0.31 29.89 41.37
N ASN D 53 0.52 28.87 41.59
CA ASN D 53 1.97 29.07 41.66
C ASN D 53 2.69 28.50 40.44
N PRO D 54 3.93 29.06 40.16
CA PRO D 54 4.60 28.49 38.98
C PRO D 54 5.73 27.56 39.41
N CYS D 55 5.72 26.32 38.92
CA CYS D 55 6.77 25.36 39.26
C CYS D 55 8.13 26.03 39.13
N GLU D 56 8.38 26.60 37.95
CA GLU D 56 9.65 27.29 37.70
C GLU D 56 9.78 28.57 38.52
N LYS D 57 8.70 29.31 38.77
CA LYS D 57 8.79 30.40 39.73
C LYS D 57 8.95 29.89 41.15
N PHE D 58 8.36 28.71 41.45
CA PHE D 58 8.61 28.06 42.73
C PHE D 58 10.08 27.73 42.91
N TRP D 59 10.80 27.54 41.79
CA TRP D 59 12.25 27.34 41.90
C TRP D 59 12.90 28.55 42.57
N ALA D 60 12.36 29.77 42.38
CA ALA D 60 12.94 30.95 43.02
C ALA D 60 12.88 30.85 44.54
N ARG D 61 11.76 30.39 45.07
CA ARG D 61 11.61 30.11 46.50
C ARG D 61 12.34 28.81 46.87
N GLY D 62 12.68 28.69 48.16
CA GLY D 62 13.39 27.52 48.68
C GLY D 62 12.50 26.46 49.34
N ARG D 63 13.00 25.22 49.33
CA ARG D 63 12.52 23.98 49.94
C ARG D 63 11.30 23.41 49.20
N LYS D 64 10.73 24.11 48.19
CA LYS D 64 9.81 23.62 47.18
C LYS D 64 10.39 22.66 46.12
N PRO D 65 11.65 22.81 45.64
CA PRO D 65 12.10 21.98 44.49
C PRO D 65 12.11 20.46 44.72
N TRP D 66 11.91 19.98 45.95
CA TRP D 66 11.97 18.54 46.28
C TRP D 66 10.84 17.73 45.64
N LYS D 67 9.63 18.29 45.57
CA LYS D 67 8.48 17.57 45.02
C LYS D 67 8.68 17.22 43.56
N LEU D 68 9.15 18.18 42.74
CA LEU D 68 9.35 17.89 41.31
C LEU D 68 10.35 16.75 41.11
N ALA D 69 11.53 16.83 41.77
CA ALA D 69 12.55 15.79 41.58
C ALA D 69 12.03 14.44 42.01
N ILE D 70 11.26 14.41 43.10
CA ILE D 70 10.48 13.22 43.41
C ILE D 70 9.69 12.77 42.17
N GLN D 71 9.00 13.70 41.53
CA GLN D 71 8.13 13.34 40.40
C GLN D 71 8.91 12.90 39.16
N ILE D 72 10.09 13.48 38.90
CA ILE D 72 10.93 13.01 37.79
C ILE D 72 11.48 11.63 38.10
N LEU D 73 11.86 11.41 39.36
CA LEU D 73 12.20 10.06 39.77
C LEU D 73 11.08 9.12 39.38
N LYS D 74 9.82 9.48 39.70
CA LYS D 74 8.69 8.66 39.28
C LYS D 74 8.63 8.51 37.76
N ILE D 75 8.98 9.57 37.03
CA ILE D 75 8.98 9.54 35.57
C ILE D 75 9.89 8.43 35.05
N ALA D 76 11.19 8.54 35.32
CA ALA D 76 12.14 7.58 34.75
C ALA D 76 12.09 6.23 35.44
N MET D 77 11.65 6.16 36.70
CA MET D 77 11.36 4.89 37.34
C MET D 77 10.33 4.16 36.53
N VAL D 78 9.12 4.72 36.50
CA VAL D 78 8.06 4.17 35.68
C VAL D 78 8.58 3.85 34.29
N THR D 79 9.38 4.76 33.75
CA THR D 79 9.98 4.58 32.43
C THR D 79 10.77 3.27 32.37
N ILE D 80 11.68 3.08 33.31
CA ILE D 80 12.42 1.84 33.39
C ILE D 80 11.49 0.65 33.57
N GLN D 81 10.52 0.78 34.47
CA GLN D 81 9.57 -0.30 34.72
C GLN D 81 8.98 -0.75 33.39
N LEU D 82 8.64 0.23 32.56
CA LEU D 82 8.32 -0.09 31.19
C LEU D 82 9.47 -0.90 30.62
N VAL D 83 10.64 -0.30 30.57
CA VAL D 83 11.76 -0.83 29.81
C VAL D 83 11.98 -2.29 30.07
N LEU D 84 12.42 -2.52 31.30
CA LEU D 84 12.67 -3.86 31.79
C LEU D 84 11.46 -4.75 31.59
N PHE D 85 10.29 -4.18 31.84
CA PHE D 85 9.10 -5.00 31.71
C PHE D 85 8.99 -5.44 30.25
N GLY D 86 9.21 -4.51 29.32
CA GLY D 86 9.06 -4.79 27.89
C GLY D 86 10.01 -5.85 27.40
N LEU D 87 11.25 -5.80 27.85
CA LEU D 87 12.04 -6.98 27.65
C LEU D 87 11.20 -8.13 28.09
N SER D 88 10.71 -8.05 29.32
CA SER D 88 10.14 -9.23 29.88
C SER D 88 9.02 -9.78 28.98
N ASN D 89 7.98 -8.99 28.74
CA ASN D 89 6.80 -9.48 28.03
C ASN D 89 7.15 -9.93 26.63
N GLN D 90 7.99 -9.17 25.95
CA GLN D 90 8.28 -9.50 24.57
C GLN D 90 9.10 -10.80 24.45
N MET D 91 10.14 -10.94 25.29
CA MET D 91 10.98 -12.13 25.25
C MET D 91 10.14 -13.36 25.50
N VAL D 92 9.37 -13.35 26.57
CA VAL D 92 8.43 -14.43 26.80
C VAL D 92 7.67 -14.72 25.51
N VAL D 93 7.00 -13.68 25.02
CA VAL D 93 6.02 -13.79 23.95
C VAL D 93 6.65 -14.38 22.73
N ALA D 94 7.68 -13.71 22.25
CA ALA D 94 8.36 -14.14 21.06
C ALA D 94 8.85 -15.58 21.22
N PHE D 95 9.25 -15.98 22.42
CA PHE D 95 9.58 -17.39 22.51
C PHE D 95 8.35 -18.24 22.24
N LYS D 96 7.20 -17.82 22.78
CA LYS D 96 5.99 -18.62 22.56
C LYS D 96 5.66 -18.72 21.09
N GLU D 97 5.72 -17.58 20.38
CA GLU D 97 5.39 -17.57 18.97
C GLU D 97 6.40 -18.37 18.18
N GLU D 98 7.64 -18.25 18.58
CA GLU D 98 8.70 -18.97 17.91
C GLU D 98 8.25 -20.40 17.96
N ASN D 99 8.33 -20.94 19.19
CA ASN D 99 8.02 -22.34 19.40
C ASN D 99 6.70 -22.64 18.69
N THR D 100 5.77 -21.69 18.74
CA THR D 100 4.43 -21.85 18.24
C THR D 100 4.49 -22.17 16.76
N ILE D 101 4.80 -21.13 15.98
CA ILE D 101 4.80 -21.21 14.53
C ILE D 101 5.45 -22.51 14.12
N ALA D 102 6.46 -22.90 14.87
CA ALA D 102 7.19 -24.10 14.50
C ALA D 102 6.37 -25.33 14.72
N PHE D 103 5.53 -25.34 15.74
CA PHE D 103 4.77 -26.55 15.97
C PHE D 103 3.95 -26.89 14.74
N LYS D 104 3.37 -25.85 14.13
CA LYS D 104 2.80 -26.00 12.79
C LYS D 104 3.87 -26.54 11.86
N HIS D 105 5.12 -26.11 12.05
CA HIS D 105 6.12 -26.56 11.11
C HIS D 105 6.36 -28.06 11.21
N LEU D 106 6.24 -28.64 12.41
CA LEU D 106 6.41 -30.08 12.55
C LEU D 106 5.20 -30.86 12.06
N PHE D 107 4.02 -30.46 12.52
CA PHE D 107 2.84 -31.32 12.43
C PHE D 107 1.94 -31.11 11.22
N LEU D 108 2.07 -30.00 10.48
CA LEU D 108 1.33 -29.87 9.21
C LEU D 108 2.09 -30.69 8.15
N LYS D 109 1.37 -31.60 7.47
CA LYS D 109 2.03 -32.53 6.55
C LYS D 109 2.76 -31.75 5.48
N GLY D 110 2.22 -30.59 5.11
CA GLY D 110 2.85 -29.74 4.12
C GLY D 110 2.57 -28.26 4.25
N TYR D 111 3.49 -27.52 3.63
CA TYR D 111 3.39 -26.10 3.32
C TYR D 111 3.67 -25.88 1.83
N MET D 112 3.13 -24.77 1.31
CA MET D 112 2.95 -24.52 -0.12
C MET D 112 3.96 -23.52 -0.61
N ASP D 113 3.80 -23.18 -1.88
CA ASP D 113 4.50 -22.06 -2.46
C ASP D 113 4.03 -20.71 -1.92
N ARG D 114 2.73 -20.59 -1.57
CA ARG D 114 2.23 -19.41 -0.84
C ARG D 114 2.35 -19.60 0.68
N MET D 115 2.90 -18.59 1.38
CA MET D 115 3.17 -18.71 2.82
C MET D 115 1.89 -18.99 3.58
N ASP D 116 0.76 -18.48 3.07
CA ASP D 116 -0.55 -18.47 3.74
C ASP D 116 -1.22 -19.84 3.88
N ASP D 117 -1.68 -20.12 5.10
CA ASP D 117 -2.11 -21.46 5.49
C ASP D 117 -3.57 -21.60 5.31
N THR D 118 -4.20 -20.49 4.98
CA THR D 118 -5.63 -20.43 4.88
C THR D 118 -6.15 -21.62 4.07
N TYR D 119 -5.33 -22.17 3.18
CA TYR D 119 -5.72 -23.32 2.36
C TYR D 119 -5.57 -24.70 3.06
N ALA D 120 -6.50 -25.62 2.67
CA ALA D 120 -6.73 -26.92 3.28
C ALA D 120 -7.29 -27.96 2.29
N VAL D 121 -7.29 -29.21 2.76
CA VAL D 121 -7.38 -30.40 1.93
C VAL D 121 -8.58 -30.35 1.00
N TYR D 122 -8.38 -30.96 -0.15
CA TYR D 122 -9.47 -31.41 -0.97
C TYR D 122 -9.73 -32.92 -0.86
N THR D 123 -8.88 -33.68 -0.16
CA THR D 123 -8.80 -35.13 -0.40
C THR D 123 -9.01 -35.97 0.85
N GLN D 124 -9.47 -37.22 0.62
CA GLN D 124 -9.55 -38.24 1.66
C GLN D 124 -8.16 -38.77 2.04
N SER D 125 -7.37 -39.17 1.03
CA SER D 125 -5.96 -39.48 1.24
C SER D 125 -5.18 -38.28 1.78
N ASP D 126 -5.72 -37.08 1.63
CA ASP D 126 -5.11 -35.88 2.21
C ASP D 126 -5.28 -35.85 3.72
N VAL D 127 -6.49 -36.08 4.20
CA VAL D 127 -6.72 -36.07 5.63
C VAL D 127 -6.00 -37.23 6.28
N TYR D 128 -6.21 -38.47 5.79
CA TYR D 128 -5.45 -39.62 6.33
C TYR D 128 -3.96 -39.39 6.18
N ASP D 129 -3.60 -38.57 5.19
CA ASP D 129 -2.21 -38.16 4.99
C ASP D 129 -1.73 -37.26 6.14
N GLN D 130 -2.51 -36.22 6.49
CA GLN D 130 -2.14 -35.32 7.59
C GLN D 130 -2.08 -36.07 8.92
N LEU D 131 -2.99 -37.04 9.08
CA LEU D 131 -3.03 -37.89 10.26
C LEU D 131 -1.78 -38.75 10.38
N ILE D 132 -1.43 -39.47 9.31
CA ILE D 132 -0.21 -40.25 9.35
C ILE D 132 0.95 -39.34 9.70
N PHE D 133 1.08 -38.24 8.96
CA PHE D 133 2.23 -37.38 9.13
C PHE D 133 2.34 -36.89 10.57
N ALA D 134 1.19 -36.54 11.17
CA ALA D 134 1.19 -35.93 12.50
C ALA D 134 1.23 -36.95 13.64
N VAL D 135 0.57 -38.11 13.50
CA VAL D 135 0.67 -39.13 14.54
C VAL D 135 2.09 -39.68 14.60
N ASN D 136 2.62 -40.03 13.43
CA ASN D 136 4.02 -40.31 13.24
C ASN D 136 4.88 -39.12 13.60
N GLN D 137 4.32 -37.92 13.58
CA GLN D 137 5.07 -36.78 14.11
C GLN D 137 5.18 -36.91 15.63
N TYR D 138 4.07 -37.24 16.29
CA TYR D 138 4.13 -37.55 17.71
C TYR D 138 5.23 -38.58 17.96
N LEU D 139 5.24 -39.63 17.14
CA LEU D 139 6.21 -40.69 17.31
C LEU D 139 7.64 -40.18 17.13
N GLN D 140 7.91 -39.60 15.96
CA GLN D 140 9.22 -39.28 15.44
C GLN D 140 9.72 -37.95 15.92
N LEU D 141 9.02 -37.36 16.88
CA LEU D 141 9.43 -36.07 17.46
C LEU D 141 10.80 -36.17 18.17
N TYR D 142 10.98 -37.22 18.99
CA TYR D 142 12.24 -37.41 19.70
C TYR D 142 13.40 -37.42 18.73
N ASN D 143 13.26 -38.17 17.65
CA ASN D 143 14.31 -38.25 16.67
C ASN D 143 14.39 -36.99 15.81
N VAL D 144 13.29 -36.64 15.13
CA VAL D 144 13.31 -35.70 14.00
C VAL D 144 13.24 -34.23 14.42
N SER D 145 12.43 -33.92 15.42
CA SER D 145 12.24 -32.54 15.83
C SER D 145 13.53 -31.97 16.35
N VAL D 146 14.00 -30.88 15.72
CA VAL D 146 15.26 -30.27 16.16
C VAL D 146 15.13 -29.45 17.44
N GLY D 147 13.91 -29.17 17.91
CA GLY D 147 13.71 -28.56 19.22
C GLY D 147 13.85 -29.55 20.38
N ASN D 148 14.20 -28.99 21.56
CA ASN D 148 14.34 -29.76 22.81
C ASN D 148 13.03 -30.41 23.24
N HIS D 149 11.92 -29.71 22.99
CA HIS D 149 10.62 -30.03 23.57
C HIS D 149 10.30 -31.51 23.39
N ALA D 150 9.83 -32.12 24.49
CA ALA D 150 9.60 -33.55 24.56
C ALA D 150 8.32 -33.86 25.35
N TYR D 151 7.91 -35.12 25.26
CA TYR D 151 6.71 -35.59 25.92
C TYR D 151 6.90 -35.53 27.42
N GLU D 152 5.81 -35.25 28.15
CA GLU D 152 5.80 -35.33 29.61
C GLU D 152 4.65 -36.22 30.04
N ASN D 153 4.95 -37.18 30.93
CA ASN D 153 3.93 -38.10 31.45
C ASN D 153 3.07 -37.40 32.51
N ALA D 160 0.16 -39.89 25.06
CA ALA D 160 -0.35 -38.81 25.90
C ALA D 160 -1.19 -37.83 25.09
N MET D 161 -1.21 -38.02 23.77
CA MET D 161 -1.97 -37.15 22.89
C MET D 161 -3.42 -37.61 22.79
N ALA D 162 -4.12 -37.12 21.77
CA ALA D 162 -5.52 -37.48 21.56
C ALA D 162 -5.99 -36.82 20.27
N ILE D 163 -7.11 -37.33 19.74
CA ILE D 163 -7.77 -36.77 18.58
C ILE D 163 -9.26 -36.84 18.84
N CYS D 164 -9.96 -35.75 18.61
CA CYS D 164 -11.41 -35.72 18.77
C CYS D 164 -12.03 -35.74 17.37
N GLN D 165 -13.17 -36.43 17.24
CA GLN D 165 -13.99 -36.33 16.04
C GLN D 165 -15.42 -36.12 16.49
N HIS D 166 -16.07 -35.13 15.90
CA HIS D 166 -17.43 -34.78 16.28
C HIS D 166 -18.34 -35.36 15.19
N PHE D 167 -19.41 -36.06 15.60
CA PHE D 167 -20.27 -36.75 14.66
C PHE D 167 -21.72 -36.27 14.78
N TYR D 168 -22.49 -36.54 13.71
CA TYR D 168 -23.90 -36.17 13.65
C TYR D 168 -24.79 -37.25 14.28
N LYS D 169 -25.81 -36.80 15.04
CA LYS D 169 -26.62 -37.73 15.85
C LYS D 169 -27.38 -38.71 14.97
N ARG D 170 -28.26 -38.20 14.12
CA ARG D 170 -28.88 -38.99 13.06
C ARG D 170 -28.75 -38.19 11.77
N GLY D 171 -27.90 -38.65 10.86
CA GLY D 171 -27.81 -38.07 9.54
C GLY D 171 -28.63 -38.84 8.53
N ASN D 172 -29.13 -38.13 7.52
CA ASN D 172 -29.63 -38.77 6.32
C ASN D 172 -29.43 -37.83 5.13
N ILE D 173 -28.88 -38.36 4.04
CA ILE D 173 -28.72 -37.60 2.81
C ILE D 173 -29.37 -38.40 1.69
N TYR D 174 -30.31 -37.80 1.00
CA TYR D 174 -30.99 -38.43 -0.12
C TYR D 174 -30.99 -37.44 -1.28
N PRO D 175 -29.92 -37.45 -2.08
CA PRO D 175 -29.88 -36.58 -3.27
C PRO D 175 -30.90 -36.97 -4.33
N GLY D 176 -31.17 -38.28 -4.49
CA GLY D 176 -32.05 -38.75 -5.56
C GLY D 176 -33.45 -38.17 -5.51
N ASN D 177 -34.12 -38.26 -4.34
CA ASN D 177 -35.44 -37.67 -4.12
C ASN D 177 -35.38 -36.24 -3.56
N ASP D 178 -34.18 -35.66 -3.42
CA ASP D 178 -33.91 -34.34 -2.88
C ASP D 178 -34.10 -34.29 -1.37
N THR D 179 -34.48 -35.39 -0.74
CA THR D 179 -34.72 -35.41 0.71
C THR D 179 -33.43 -35.19 1.48
N PHE D 180 -33.50 -34.33 2.50
CA PHE D 180 -32.34 -34.01 3.33
C PHE D 180 -32.76 -34.04 4.78
N ASP D 181 -32.18 -34.95 5.55
CA ASP D 181 -32.55 -35.14 6.95
C ASP D 181 -31.33 -34.95 7.84
N ILE D 182 -31.48 -34.17 8.91
CA ILE D 182 -30.39 -33.89 9.82
C ILE D 182 -30.89 -33.96 11.24
N ASP D 183 -29.99 -34.33 12.16
CA ASP D 183 -30.29 -34.30 13.58
C ASP D 183 -29.35 -33.29 14.25
N PRO D 184 -29.86 -32.19 14.80
CA PRO D 184 -28.97 -31.18 15.39
C PRO D 184 -28.35 -31.60 16.71
N GLU D 185 -27.69 -32.77 16.73
CA GLU D 185 -26.97 -33.26 17.91
C GLU D 185 -25.66 -33.87 17.47
N ILE D 186 -24.58 -33.45 18.12
CA ILE D 186 -23.23 -33.89 17.80
C ILE D 186 -22.70 -34.70 18.98
N GLU D 187 -22.26 -35.92 18.69
CA GLU D 187 -21.63 -36.77 19.69
C GLU D 187 -20.15 -36.80 19.38
N THR D 188 -19.34 -36.43 20.36
CA THR D 188 -17.89 -36.37 20.19
C THR D 188 -17.24 -37.64 20.72
N GLU D 189 -16.49 -38.32 19.85
CA GLU D 189 -15.69 -39.46 20.24
C GLU D 189 -14.25 -38.99 20.36
N CYS D 190 -13.63 -39.25 21.51
CA CYS D 190 -12.25 -38.87 21.74
C CYS D 190 -11.40 -40.13 21.77
N PHE D 191 -10.25 -40.03 21.16
CA PHE D 191 -9.30 -41.11 20.97
C PHE D 191 -7.99 -40.68 21.62
N PHE D 192 -7.30 -41.65 22.19
CA PHE D 192 -6.11 -41.34 22.96
C PHE D 192 -4.86 -41.91 22.32
N VAL D 193 -3.82 -41.08 22.25
CA VAL D 193 -2.51 -41.48 21.77
C VAL D 193 -1.58 -41.70 22.94
N GLU D 194 -0.85 -42.85 22.92
CA GLU D 194 0.29 -43.15 23.78
C GLU D 194 1.58 -42.83 23.01
N PRO D 195 2.51 -42.04 23.57
CA PRO D 195 3.57 -41.42 22.73
C PRO D 195 4.59 -42.37 22.09
N ASP D 196 4.64 -43.65 22.43
CA ASP D 196 5.61 -44.49 21.73
C ASP D 196 5.06 -45.81 21.16
N ASN D 207 2.49 -47.92 17.48
CA ASN D 207 2.98 -47.35 16.22
C ASN D 207 1.89 -47.36 15.11
N LYS D 208 1.10 -48.44 15.07
CA LYS D 208 0.04 -48.57 14.08
C LYS D 208 -1.09 -47.57 14.33
N LEU D 209 -1.66 -47.05 13.24
CA LEU D 209 -2.73 -46.06 13.30
C LEU D 209 -3.99 -46.59 12.61
N ASN D 210 -5.08 -46.63 13.37
CA ASN D 210 -6.38 -47.08 12.90
C ASN D 210 -7.30 -45.87 12.80
N LEU D 211 -7.89 -45.67 11.64
CA LEU D 211 -8.71 -44.49 11.39
C LEU D 211 -10.12 -44.89 10.98
N THR D 212 -11.12 -44.33 11.67
CA THR D 212 -12.53 -44.54 11.35
C THR D 212 -13.15 -43.17 11.04
N LEU D 213 -13.44 -42.92 9.78
CA LEU D 213 -14.05 -41.66 9.38
C LEU D 213 -15.06 -41.89 8.26
N ASP D 214 -16.17 -41.16 8.35
CA ASP D 214 -17.24 -41.15 7.35
C ASP D 214 -17.28 -39.72 6.83
N PHE D 215 -17.14 -39.54 5.52
CA PHE D 215 -17.10 -38.21 4.94
C PHE D 215 -18.30 -37.25 5.01
N HIS D 216 -19.50 -37.74 4.72
CA HIS D 216 -20.68 -36.87 4.74
C HIS D 216 -21.00 -36.32 6.13
N ARG D 217 -20.88 -37.20 7.09
CA ARG D 217 -21.17 -36.98 8.50
C ARG D 217 -20.11 -36.14 9.21
N LEU D 218 -18.99 -35.80 8.57
CA LEU D 218 -17.89 -35.14 9.28
C LEU D 218 -18.12 -33.63 9.35
N LEU D 219 -18.26 -33.14 10.58
CA LEU D 219 -18.40 -31.72 10.84
C LEU D 219 -17.06 -31.15 11.25
N THR D 220 -16.51 -31.65 12.34
CA THR D 220 -15.21 -31.19 12.76
C THR D 220 -14.38 -32.36 13.27
N VAL D 221 -13.10 -32.30 12.97
CA VAL D 221 -12.09 -33.12 13.60
C VAL D 221 -11.11 -32.20 14.26
N GLU D 222 -10.57 -32.68 15.36
CA GLU D 222 -9.47 -32.03 16.06
C GLU D 222 -8.53 -33.12 16.57
N LEU D 223 -7.39 -32.65 17.05
CA LEU D 223 -6.54 -33.43 17.94
C LEU D 223 -6.02 -32.44 18.98
N GLN D 224 -5.83 -32.96 20.21
CA GLN D 224 -5.26 -32.21 21.31
C GLN D 224 -4.09 -33.00 21.88
N PHE D 225 -3.24 -32.29 22.61
CA PHE D 225 -2.06 -32.83 23.26
C PHE D 225 -1.37 -31.59 23.86
N LYS D 226 -0.46 -31.72 24.86
CA LYS D 226 0.28 -30.59 25.44
C LYS D 226 1.74 -31.00 25.66
N LEU D 227 2.67 -30.28 25.05
CA LEU D 227 4.08 -30.65 25.10
C LEU D 227 4.88 -29.68 25.95
N LYS D 228 5.96 -30.18 26.52
CA LYS D 228 6.67 -29.43 27.52
C LYS D 228 7.86 -28.74 26.89
N ALA D 229 8.09 -27.50 27.29
CA ALA D 229 9.29 -26.78 26.93
C ALA D 229 9.71 -25.83 28.06
N ILE D 230 11.02 -25.81 28.34
CA ILE D 230 11.64 -24.92 29.31
C ILE D 230 12.59 -24.00 28.57
N ASN D 231 12.34 -22.68 28.66
CA ASN D 231 12.96 -21.69 27.78
C ASN D 231 14.32 -21.31 28.32
N LEU D 232 15.35 -21.64 27.55
CA LEU D 232 16.72 -21.53 28.07
C LEU D 232 17.15 -20.07 28.18
N GLN D 233 17.07 -19.31 27.08
CA GLN D 233 17.57 -17.95 27.11
C GLN D 233 16.69 -17.03 27.95
N THR D 234 15.56 -17.54 28.44
CA THR D 234 14.67 -16.75 29.31
C THR D 234 15.14 -16.76 30.76
N VAL D 235 15.14 -17.95 31.41
CA VAL D 235 15.62 -18.08 32.79
C VAL D 235 17.14 -17.94 32.93
N ARG D 236 17.90 -18.11 31.84
CA ARG D 236 19.36 -18.04 31.93
C ARG D 236 19.83 -16.65 32.35
N HIS D 237 19.49 -15.63 31.57
CA HIS D 237 20.00 -14.27 31.81
C HIS D 237 19.19 -13.50 32.86
N GLN D 238 17.85 -13.54 32.80
CA GLN D 238 16.98 -12.73 33.66
C GLN D 238 15.98 -13.64 34.38
N GLU D 239 15.05 -13.02 35.11
CA GLU D 239 14.07 -13.80 35.87
C GLU D 239 12.70 -13.77 35.18
N LEU D 240 12.33 -14.88 34.54
CA LEU D 240 10.97 -15.18 34.12
C LEU D 240 10.82 -16.70 34.12
N PRO D 241 9.62 -17.24 34.40
CA PRO D 241 9.49 -18.71 34.49
C PRO D 241 9.88 -19.40 33.18
N ASP D 242 10.72 -20.44 33.30
CA ASP D 242 11.31 -21.05 32.11
C ASP D 242 10.45 -22.15 31.48
N CYS D 243 9.53 -22.79 32.21
CA CYS D 243 8.68 -23.80 31.60
C CYS D 243 7.34 -23.18 31.20
N TYR D 244 6.87 -23.47 29.99
CA TYR D 244 5.46 -23.26 29.61
C TYR D 244 5.09 -24.47 28.78
N ASP D 245 4.09 -25.20 29.22
CA ASP D 245 3.63 -26.28 28.38
C ASP D 245 2.74 -25.67 27.30
N PHE D 246 3.07 -25.94 26.04
CA PHE D 246 2.19 -25.52 24.96
C PHE D 246 1.22 -26.67 24.70
N THR D 247 -0.03 -26.47 25.12
CA THR D 247 -1.10 -27.38 24.86
C THR D 247 -1.60 -27.06 23.46
N LEU D 248 -1.38 -28.01 22.56
CA LEU D 248 -1.69 -27.90 21.15
C LEU D 248 -3.03 -28.55 20.83
N THR D 249 -3.78 -27.90 19.92
CA THR D 249 -4.92 -28.49 19.20
C THR D 249 -4.77 -28.20 17.70
N ILE D 250 -4.55 -29.24 16.88
CA ILE D 250 -4.60 -29.09 15.42
C ILE D 250 -5.97 -29.52 14.97
N THR D 251 -6.47 -28.90 13.91
CA THR D 251 -7.88 -29.13 13.54
C THR D 251 -8.11 -29.10 12.03
N PHE D 252 -9.08 -29.91 11.64
CA PHE D 252 -9.57 -29.98 10.27
C PHE D 252 -11.09 -29.93 10.40
N ASP D 253 -11.73 -28.95 9.76
CA ASP D 253 -13.18 -28.78 9.87
C ASP D 253 -13.84 -28.85 8.50
N ASN D 254 -14.86 -29.69 8.38
CA ASN D 254 -15.82 -29.60 7.30
C ASN D 254 -17.00 -28.71 7.69
N LYS D 255 -16.82 -27.90 8.74
CA LYS D 255 -17.88 -27.24 9.47
C LYS D 255 -18.93 -26.72 8.49
N ALA D 256 -18.51 -26.19 7.35
CA ALA D 256 -19.47 -25.75 6.33
C ALA D 256 -19.95 -26.86 5.38
N HIS D 257 -19.28 -28.03 5.33
CA HIS D 257 -19.64 -29.18 4.47
C HIS D 257 -19.39 -28.91 2.96
N SER D 258 -18.38 -28.10 2.61
CA SER D 258 -18.23 -27.60 1.24
C SER D 258 -17.30 -28.44 0.34
N GLY D 259 -16.49 -29.31 0.88
CA GLY D 259 -15.51 -29.93 0.03
C GLY D 259 -14.10 -29.42 0.24
N ARG D 260 -13.89 -28.39 1.07
CA ARG D 260 -12.56 -28.00 1.54
C ARG D 260 -12.57 -28.00 3.07
N ILE D 261 -11.71 -28.79 3.70
CA ILE D 261 -11.76 -28.94 5.15
C ILE D 261 -10.66 -28.08 5.76
N LYS D 262 -11.05 -26.94 6.36
CA LYS D 262 -10.13 -25.84 6.66
C LYS D 262 -9.31 -26.18 7.91
N ILE D 263 -7.98 -26.39 7.69
CA ILE D 263 -7.01 -26.92 8.64
C ILE D 263 -6.26 -25.76 9.29
N SER D 264 -6.19 -25.76 10.63
CA SER D 264 -5.31 -24.83 11.34
C SER D 264 -4.82 -25.50 12.63
N LEU D 265 -3.60 -25.19 13.01
CA LEU D 265 -3.06 -25.66 14.27
C LEU D 265 -2.98 -24.48 15.23
N ASP D 266 -3.52 -24.65 16.44
CA ASP D 266 -3.60 -23.57 17.41
C ASP D 266 -3.14 -24.05 18.78
N ASN D 267 -2.30 -23.24 19.43
CA ASN D 267 -1.65 -23.62 20.67
C ASN D 267 -1.92 -22.58 21.74
N ASP D 268 -2.40 -23.05 22.90
CA ASP D 268 -2.43 -22.30 24.14
C ASP D 268 -1.29 -22.75 25.03
N ILE D 269 -0.55 -21.82 25.61
CA ILE D 269 0.64 -22.17 26.38
C ILE D 269 0.48 -21.65 27.80
N SER D 270 0.83 -22.48 28.79
CA SER D 270 0.69 -22.22 30.21
C SER D 270 2.06 -22.14 30.89
N ILE D 271 2.23 -21.15 31.76
CA ILE D 271 3.52 -20.89 32.41
C ILE D 271 3.63 -21.66 33.74
N ARG D 272 4.77 -22.35 33.91
CA ARG D 272 5.11 -23.04 35.14
C ARG D 272 6.62 -22.92 35.37
N GLU D 273 7.00 -22.90 36.65
CA GLU D 273 8.39 -22.76 37.06
C GLU D 273 9.02 -24.14 37.29
N CYS D 274 10.31 -24.23 36.97
CA CYS D 274 11.02 -25.48 37.16
C CYS D 274 10.95 -25.89 38.62
N LYS D 275 10.69 -27.19 38.85
CA LYS D 275 10.59 -27.68 40.22
C LYS D 275 11.89 -27.44 40.97
N ASP D 276 13.04 -27.70 40.33
CA ASP D 276 14.35 -27.32 40.87
C ASP D 276 15.15 -26.56 39.81
N TRP D 277 16.03 -25.69 40.28
CA TRP D 277 17.00 -25.08 39.37
C TRP D 277 18.36 -24.94 40.07
N HIS D 278 19.40 -25.50 39.45
CA HIS D 278 20.79 -25.39 39.87
C HIS D 278 21.60 -24.89 38.68
N VAL D 279 22.17 -23.68 38.80
CA VAL D 279 22.80 -23.03 37.65
C VAL D 279 24.24 -22.61 37.91
N SER D 280 25.07 -22.74 36.87
CA SER D 280 26.49 -22.37 36.87
C SER D 280 27.31 -23.27 37.79
N THR D 287 15.06 -14.11 47.32
CA THR D 287 15.55 -12.74 47.50
C THR D 287 16.04 -12.14 46.16
N HIS D 288 15.10 -11.68 45.31
CA HIS D 288 15.39 -11.15 43.97
C HIS D 288 15.34 -9.63 43.99
N TYR D 289 16.46 -9.02 43.64
CA TYR D 289 16.55 -7.57 43.58
C TYR D 289 15.75 -6.95 42.42
N MET D 290 15.45 -7.70 41.36
CA MET D 290 14.63 -7.09 40.32
C MET D 290 13.16 -7.05 40.72
N MET D 291 12.69 -8.09 41.39
CA MET D 291 11.35 -8.07 41.96
C MET D 291 11.24 -7.06 43.10
N ILE D 292 12.25 -7.00 43.98
CA ILE D 292 12.27 -5.96 45.01
C ILE D 292 12.47 -4.56 44.44
N PHE D 293 13.07 -4.46 43.24
CA PHE D 293 13.11 -3.18 42.52
C PHE D 293 11.74 -2.83 41.98
N ASP D 294 10.99 -3.79 41.48
CA ASP D 294 9.63 -3.49 41.06
C ASP D 294 8.73 -3.17 42.25
N ALA D 295 9.07 -3.73 43.41
CA ALA D 295 8.40 -3.32 44.65
C ALA D 295 8.87 -1.96 45.12
N PHE D 296 10.10 -1.55 44.79
CA PHE D 296 10.67 -0.24 45.18
C PHE D 296 10.29 0.89 44.23
N VAL D 297 10.19 0.59 42.95
CA VAL D 297 9.48 1.43 42.00
C VAL D 297 7.99 1.42 42.31
N ILE D 298 7.49 0.29 42.85
CA ILE D 298 6.14 0.20 43.39
C ILE D 298 6.00 1.03 44.65
N LEU D 299 7.09 1.15 45.41
CA LEU D 299 7.20 2.09 46.53
C LEU D 299 7.33 3.52 46.00
N THR D 300 7.97 3.66 44.86
CA THR D 300 7.95 4.92 44.14
C THR D 300 6.54 5.26 43.68
N CYS D 301 5.76 4.24 43.28
CA CYS D 301 4.39 4.39 42.83
C CYS D 301 3.43 4.65 43.98
N LEU D 302 3.66 4.01 45.12
CA LEU D 302 2.88 4.30 46.32
C LEU D 302 3.29 5.65 46.91
N VAL D 303 4.57 5.99 46.84
CA VAL D 303 5.00 7.33 47.16
C VAL D 303 4.43 8.33 46.19
N SER D 304 4.16 7.87 44.97
CA SER D 304 3.52 8.67 43.92
C SER D 304 2.01 8.75 44.11
N LEU D 305 1.40 7.71 44.66
CA LEU D 305 0.02 7.76 45.07
C LEU D 305 -0.12 8.49 46.40
N ILE D 306 0.97 8.64 47.13
CA ILE D 306 1.10 9.47 48.31
C ILE D 306 1.39 10.93 47.97
N LEU D 307 2.13 11.20 46.88
CA LEU D 307 2.23 12.53 46.28
C LEU D 307 0.99 12.85 45.45
N CYS D 308 0.23 11.80 45.07
CA CYS D 308 -1.12 11.85 44.55
C CYS D 308 -2.17 11.90 45.66
N ILE D 309 -1.80 11.51 46.89
CA ILE D 309 -2.59 11.76 48.08
C ILE D 309 -2.32 13.15 48.66
N ARG D 310 -1.11 13.67 48.48
CA ARG D 310 -0.81 15.07 48.74
C ARG D 310 -1.32 15.97 47.64
N SER D 311 -1.39 15.44 46.44
CA SER D 311 -2.12 16.06 45.35
C SER D 311 -3.62 15.98 45.56
N VAL D 312 -4.09 14.90 46.21
CA VAL D 312 -5.52 14.72 46.49
C VAL D 312 -5.99 15.54 47.69
N ILE D 313 -5.15 15.67 48.73
CA ILE D 313 -5.39 16.67 49.77
C ILE D 313 -5.15 18.07 49.24
N ARG D 314 -4.28 18.18 48.21
CA ARG D 314 -4.12 19.42 47.46
C ARG D 314 -5.39 19.75 46.68
N GLY D 315 -6.03 18.72 46.12
CA GLY D 315 -7.33 18.85 45.48
C GLY D 315 -8.48 19.01 46.44
N LEU D 316 -8.32 18.47 47.66
CA LEU D 316 -9.28 18.72 48.72
C LEU D 316 -9.18 20.15 49.23
N GLN D 317 -7.94 20.64 49.33
CA GLN D 317 -7.69 22.05 49.63
C GLN D 317 -8.15 22.96 48.49
N LEU D 318 -8.00 22.51 47.22
CA LEU D 318 -8.52 23.23 46.05
C LEU D 318 -10.03 23.07 45.86
N GLN D 319 -10.65 22.07 46.51
CA GLN D 319 -12.10 21.99 46.62
C GLN D 319 -12.62 22.93 47.70
N GLN D 320 -11.93 22.98 48.85
CA GLN D 320 -12.29 23.92 49.91
C GLN D 320 -12.16 25.35 49.42
N GLU D 321 -11.03 25.66 48.78
CA GLU D 321 -10.86 26.98 48.17
C GLU D 321 -11.79 27.19 46.97
N PHE D 322 -12.04 26.12 46.18
CA PHE D 322 -12.97 26.22 45.06
C PHE D 322 -14.43 26.34 45.53
N VAL D 323 -14.78 25.71 46.65
CA VAL D 323 -16.13 25.80 47.24
C VAL D 323 -16.63 27.24 47.36
N GLY D 345 -8.30 16.99 36.44
CA GLY D 345 -7.12 17.57 37.06
C GLY D 345 -5.80 16.95 36.63
N TRP D 346 -4.80 17.80 36.33
CA TRP D 346 -3.48 17.30 35.91
C TRP D 346 -3.03 16.24 36.87
N TYR D 347 -3.30 16.47 38.13
CA TYR D 347 -3.01 15.43 39.08
C TYR D 347 -3.97 14.25 38.88
N ILE D 348 -5.27 14.48 38.63
CA ILE D 348 -6.20 13.36 38.52
C ILE D 348 -5.72 12.38 37.48
N MET D 349 -5.07 12.92 36.47
CA MET D 349 -4.31 12.12 35.54
C MET D 349 -3.10 11.50 36.23
N ILE D 350 -2.32 12.30 36.98
CA ILE D 350 -1.06 11.81 37.55
C ILE D 350 -1.30 10.64 38.50
N ILE D 351 -2.34 10.74 39.29
CA ILE D 351 -2.79 9.78 40.28
C ILE D 351 -3.53 8.62 39.66
N ILE D 352 -4.39 8.89 38.68
CA ILE D 352 -4.99 7.81 37.93
C ILE D 352 -3.92 6.95 37.28
N SER D 353 -2.85 7.59 36.82
CA SER D 353 -1.68 6.91 36.30
C SER D 353 -1.09 6.05 37.38
N ASP D 354 -0.40 6.64 38.36
CA ASP D 354 0.32 5.81 39.32
C ASP D 354 -0.61 4.93 40.17
N ILE D 355 -1.93 5.05 40.01
CA ILE D 355 -2.87 4.07 40.52
C ILE D 355 -2.95 2.87 39.60
N LEU D 356 -3.03 3.13 38.29
CA LEU D 356 -2.88 2.04 37.34
C LEU D 356 -1.49 1.45 37.41
N THR D 357 -0.51 2.26 37.80
CA THR D 357 0.86 1.79 37.96
C THR D 357 1.02 1.07 39.26
N ILE D 358 0.20 1.46 40.23
CA ILE D 358 0.23 0.84 41.54
C ILE D 358 -0.49 -0.50 41.53
N ILE D 359 -1.72 -0.50 41.01
CA ILE D 359 -2.40 -1.74 40.69
C ILE D 359 -1.61 -2.52 39.68
N GLY D 360 -0.82 -1.82 38.88
CA GLY D 360 0.05 -2.50 37.95
C GLY D 360 1.21 -3.18 38.65
N SER D 361 1.79 -2.52 39.64
CA SER D 361 2.94 -3.09 40.34
C SER D 361 2.50 -4.23 41.24
N ILE D 362 1.38 -4.03 41.93
CA ILE D 362 0.76 -5.10 42.69
C ILE D 362 0.39 -6.27 41.79
N LEU D 363 -0.12 -5.99 40.60
CA LEU D 363 -0.57 -7.07 39.75
C LEU D 363 0.60 -7.79 39.08
N LYS D 364 1.70 -7.10 38.77
CA LYS D 364 2.86 -7.82 38.27
C LYS D 364 3.47 -8.65 39.38
N MET D 365 3.34 -8.17 40.62
CA MET D 365 3.55 -9.06 41.74
C MET D 365 2.55 -10.21 41.70
N GLU D 366 1.36 -9.97 41.17
CA GLU D 366 0.28 -10.96 41.22
C GLU D 366 0.45 -12.09 40.20
N ILE D 367 0.83 -11.76 38.95
CA ILE D 367 1.23 -12.76 37.97
C ILE D 367 2.61 -13.33 38.26
N GLN D 368 3.41 -12.66 39.13
CA GLN D 368 4.57 -13.31 39.74
C GLN D 368 4.13 -14.45 40.66
N ALA D 369 3.04 -14.26 41.42
CA ALA D 369 2.52 -15.35 42.25
C ALA D 369 1.78 -16.42 41.44
N LYS D 370 0.92 -16.00 40.48
CA LYS D 370 -0.02 -16.90 39.81
C LYS D 370 0.60 -17.71 38.68
N SER D 371 1.52 -17.11 37.90
CA SER D 371 2.19 -17.74 36.75
C SER D 371 1.20 -18.07 35.63
N LEU D 372 0.31 -17.12 35.29
CA LEU D 372 -0.89 -17.42 34.53
C LEU D 372 -0.63 -17.63 33.03
N THR D 373 0.09 -16.71 32.36
CA THR D 373 0.43 -16.65 30.89
C THR D 373 -0.59 -15.95 29.95
N SER D 374 -1.69 -15.53 30.55
CA SER D 374 -2.76 -14.73 29.99
C SER D 374 -2.79 -13.44 30.82
N TYR D 375 -1.66 -13.17 31.47
CA TYR D 375 -1.49 -12.00 32.31
C TYR D 375 -1.21 -10.79 31.42
N ASP D 376 -1.29 -10.99 30.11
CA ASP D 376 -1.06 -9.93 29.14
C ASP D 376 -1.86 -8.72 29.58
N VAL D 377 -3.01 -9.01 30.19
CA VAL D 377 -3.87 -7.96 30.71
C VAL D 377 -3.01 -7.18 31.68
N CYS D 378 -2.43 -7.89 32.64
CA CYS D 378 -1.54 -7.19 33.58
C CYS D 378 -0.62 -6.22 32.83
N SER D 379 -0.22 -6.59 31.59
CA SER D 379 0.56 -5.71 30.72
C SER D 379 -0.26 -4.48 30.32
N ILE D 380 -1.48 -4.68 29.80
CA ILE D 380 -2.34 -3.57 29.37
C ILE D 380 -2.58 -2.59 30.51
N LEU D 381 -2.96 -3.14 31.66
CA LEU D 381 -3.08 -2.39 32.90
C LEU D 381 -1.83 -1.57 33.14
N LEU D 382 -0.69 -2.23 33.03
CA LEU D 382 0.57 -1.62 33.41
C LEU D 382 0.91 -0.44 32.51
N GLY D 383 0.57 -0.56 31.22
CA GLY D 383 0.99 0.41 30.22
C GLY D 383 0.10 1.60 30.05
N THR D 384 -1.21 1.43 30.32
CA THR D 384 -2.08 2.59 30.41
C THR D 384 -1.42 3.67 31.24
N SER D 385 -0.77 3.23 32.32
CA SER D 385 0.09 4.08 33.13
C SER D 385 1.13 4.81 32.29
N THR D 386 1.96 4.05 31.57
CA THR D 386 2.99 4.64 30.72
C THR D 386 2.39 5.80 29.95
N MET D 387 1.22 5.55 29.39
CA MET D 387 0.50 6.55 28.62
C MET D 387 0.30 7.82 29.43
N LEU D 388 -0.55 7.71 30.46
CA LEU D 388 -1.01 8.90 31.16
C LEU D 388 0.17 9.65 31.78
N VAL D 389 1.16 8.90 32.24
CA VAL D 389 2.40 9.49 32.75
C VAL D 389 3.13 10.27 31.67
N TRP D 390 2.98 9.87 30.42
CA TRP D 390 3.65 10.66 29.41
C TRP D 390 2.85 11.85 28.91
N LEU D 391 1.52 11.84 29.03
CA LEU D 391 0.82 13.14 29.01
C LEU D 391 1.34 14.02 30.14
N GLY D 392 1.81 13.39 31.21
CA GLY D 392 2.61 14.12 32.18
C GLY D 392 3.91 14.65 31.59
N VAL D 393 4.56 13.85 30.72
CA VAL D 393 5.70 14.39 29.95
C VAL D 393 5.26 15.63 29.20
N ILE D 394 3.97 15.64 28.82
CA ILE D 394 3.36 16.78 28.17
C ILE D 394 3.34 18.00 29.09
N ARG D 395 2.79 17.87 30.31
CA ARG D 395 2.76 19.07 31.18
C ARG D 395 4.13 19.41 31.79
N TYR D 396 5.14 18.54 31.60
CA TYR D 396 6.51 18.89 31.92
C TYR D 396 7.08 19.88 30.89
N LEU D 397 7.09 19.49 29.60
CA LEU D 397 7.63 20.43 28.59
C LEU D 397 6.78 21.68 28.52
N GLY D 398 5.47 21.47 28.63
CA GLY D 398 4.55 22.55 28.83
C GLY D 398 4.94 23.34 30.07
N PHE D 399 5.46 22.63 31.10
CA PHE D 399 5.93 23.31 32.32
C PHE D 399 7.08 24.26 32.05
N PHE D 400 7.99 23.89 31.15
CA PHE D 400 9.06 24.83 30.80
C PHE D 400 8.53 26.04 30.04
N ALA D 401 7.89 25.82 28.88
CA ALA D 401 7.56 26.97 28.02
C ALA D 401 6.50 27.87 28.66
N LYS D 402 5.50 27.26 29.30
CA LYS D 402 4.43 27.80 30.16
C LYS D 402 3.21 28.34 29.41
N TYR D 403 3.24 28.47 28.09
CA TYR D 403 2.06 28.92 27.36
C TYR D 403 1.34 27.76 26.63
N ASN D 404 1.93 26.55 26.56
CA ASN D 404 1.25 25.26 26.34
C ASN D 404 0.11 25.33 25.33
N LEU D 405 0.28 26.14 24.29
CA LEU D 405 -0.77 26.33 23.28
C LEU D 405 -1.19 25.05 22.57
N LEU D 406 -0.25 24.17 22.29
CA LEU D 406 -0.60 22.95 21.57
C LEU D 406 -1.62 22.12 22.33
N ILE D 407 -1.45 21.98 23.64
CA ILE D 407 -2.40 21.22 24.43
C ILE D 407 -3.49 22.14 24.97
N LEU D 408 -3.31 23.43 24.71
CA LEU D 408 -4.24 24.47 25.19
C LEU D 408 -5.39 24.66 24.22
N THR D 409 -5.06 24.76 22.92
CA THR D 409 -6.07 24.76 21.87
C THR D 409 -6.75 23.38 21.76
N LEU D 410 -5.96 22.29 21.80
CA LEU D 410 -6.55 20.95 21.70
C LEU D 410 -7.63 20.73 22.76
N GLN D 411 -7.25 20.95 24.02
CA GLN D 411 -8.18 20.98 25.13
C GLN D 411 -9.36 21.87 24.78
N ALA D 412 -9.07 23.07 24.30
CA ALA D 412 -10.10 24.09 24.17
C ALA D 412 -11.29 23.56 23.37
N ALA D 413 -11.05 23.13 22.14
CA ALA D 413 -12.18 22.79 21.29
C ALA D 413 -12.49 21.30 21.25
N LEU D 414 -11.85 20.45 22.11
CA LEU D 414 -12.28 19.04 22.21
C LEU D 414 -13.80 18.86 22.22
N PRO D 415 -14.64 19.88 22.69
CA PRO D 415 -16.12 19.75 22.59
C PRO D 415 -16.75 19.52 21.23
N ASN D 416 -16.47 20.41 20.28
CA ASN D 416 -16.93 20.18 18.92
C ASN D 416 -16.28 18.92 18.36
N VAL D 417 -15.16 18.51 18.97
CA VAL D 417 -14.39 17.37 18.51
C VAL D 417 -15.09 16.08 18.82
N ILE D 418 -15.29 15.83 20.11
CA ILE D 418 -16.00 14.64 20.52
C ILE D 418 -17.43 14.66 19.99
N ARG D 419 -18.05 15.84 19.90
CA ARG D 419 -19.42 15.89 19.42
C ARG D 419 -19.46 15.45 17.97
N PHE D 420 -18.49 15.91 17.20
CA PHE D 420 -18.38 15.49 15.79
C PHE D 420 -18.07 13.99 15.65
N CYS D 421 -17.11 13.48 16.43
CA CYS D 421 -16.74 12.06 16.36
C CYS D 421 -17.95 11.18 16.58
N CYS D 422 -18.58 11.31 17.75
CA CYS D 422 -19.66 10.38 18.07
C CYS D 422 -20.89 10.66 17.21
N CYS D 423 -21.09 11.91 16.74
CA CYS D 423 -22.25 12.17 15.88
C CYS D 423 -22.07 11.64 14.47
N ALA D 424 -20.99 12.00 13.79
CA ALA D 424 -20.80 11.53 12.42
C ALA D 424 -20.51 10.04 12.38
N ALA D 425 -19.83 9.55 13.42
CA ALA D 425 -19.46 8.13 13.50
C ALA D 425 -20.68 7.24 13.34
N MET D 426 -21.85 7.80 13.64
CA MET D 426 -23.10 7.22 13.20
C MET D 426 -23.10 7.07 11.68
N ILE D 427 -22.92 8.17 10.95
CA ILE D 427 -22.91 8.07 9.48
C ILE D 427 -21.98 6.95 9.03
N TYR D 428 -20.82 6.84 9.68
CA TYR D 428 -19.92 5.74 9.39
C TYR D 428 -20.67 4.44 9.52
N LEU D 429 -21.19 4.22 10.72
CA LEU D 429 -21.83 2.96 11.02
C LEU D 429 -22.79 2.57 9.90
N GLY D 430 -23.65 3.50 9.54
CA GLY D 430 -24.65 3.19 8.57
C GLY D 430 -24.01 2.71 7.30
N TYR D 431 -22.98 3.42 6.83
CA TYR D 431 -22.37 2.96 5.59
C TYR D 431 -21.83 1.54 5.73
N CYS D 432 -21.20 1.24 6.87
CA CYS D 432 -20.65 -0.09 7.06
C CYS D 432 -21.74 -1.14 6.87
N PHE D 433 -22.91 -0.87 7.44
CA PHE D 433 -24.08 -1.68 7.20
C PHE D 433 -24.39 -1.79 5.70
N CYS D 434 -24.51 -0.67 5.00
CA CYS D 434 -24.88 -0.76 3.60
C CYS D 434 -23.87 -1.64 2.88
N GLY D 435 -22.60 -1.42 3.18
CA GLY D 435 -21.55 -2.24 2.59
C GLY D 435 -21.73 -3.66 3.08
N TRP D 436 -22.14 -3.75 4.34
CA TRP D 436 -22.31 -5.02 5.03
C TRP D 436 -23.29 -6.04 4.45
N ILE D 437 -24.45 -5.59 3.96
CA ILE D 437 -25.39 -6.55 3.44
C ILE D 437 -25.19 -6.73 1.95
N VAL D 438 -24.94 -5.66 1.21
CA VAL D 438 -24.71 -5.83 -0.22
C VAL D 438 -23.26 -6.11 -0.59
N LEU D 439 -22.34 -5.25 -0.16
CA LEU D 439 -20.92 -5.41 -0.47
C LEU D 439 -20.15 -6.59 0.15
N GLY D 440 -20.39 -6.80 1.43
CA GLY D 440 -19.71 -7.82 2.22
C GLY D 440 -19.78 -9.26 1.77
N PRO D 441 -20.91 -9.71 1.21
CA PRO D 441 -20.86 -10.98 0.50
C PRO D 441 -19.63 -11.06 -0.38
N TYR D 442 -19.34 -9.97 -1.06
CA TYR D 442 -18.34 -9.99 -2.11
C TYR D 442 -16.90 -9.78 -1.60
N HIS D 443 -16.74 -9.10 -0.44
CA HIS D 443 -15.44 -8.50 -0.06
C HIS D 443 -14.39 -9.54 0.34
N ASP D 444 -14.69 -10.37 1.33
CA ASP D 444 -13.65 -11.16 1.96
C ASP D 444 -14.14 -12.59 2.07
N LYS D 445 -13.19 -13.54 2.09
CA LYS D 445 -13.56 -14.95 2.32
C LYS D 445 -13.90 -15.19 3.78
N PHE D 446 -13.23 -14.48 4.71
CA PHE D 446 -13.66 -14.47 6.12
C PHE D 446 -15.01 -13.78 6.29
N ARG D 447 -15.27 -12.73 5.49
CA ARG D 447 -16.57 -12.04 5.38
C ARG D 447 -17.14 -11.72 6.75
N SER D 448 -16.34 -11.09 7.57
CA SER D 448 -16.77 -10.57 8.85
C SER D 448 -17.04 -9.06 8.71
N LEU D 449 -18.23 -8.63 9.16
CA LEU D 449 -18.60 -7.20 9.23
C LEU D 449 -17.55 -6.36 9.97
N ASN D 450 -16.95 -6.95 11.02
CA ASN D 450 -15.82 -6.33 11.67
C ASN D 450 -14.77 -5.93 10.66
N MET D 451 -14.35 -6.89 9.82
CA MET D 451 -13.38 -6.60 8.77
C MET D 451 -13.88 -5.52 7.83
N VAL D 452 -15.18 -5.52 7.46
CA VAL D 452 -15.69 -4.48 6.56
C VAL D 452 -15.58 -3.11 7.20
N SER D 453 -15.93 -3.01 8.48
CA SER D 453 -15.73 -1.79 9.25
C SER D 453 -14.27 -1.34 9.21
N GLU D 454 -13.38 -2.28 9.45
CA GLU D 454 -11.95 -1.99 9.43
C GLU D 454 -11.49 -1.44 8.07
N CYS D 455 -11.91 -2.06 6.95
CA CYS D 455 -11.37 -1.67 5.64
C CYS D 455 -12.02 -0.38 5.09
N LEU D 456 -13.24 -0.04 5.53
CA LEU D 456 -13.71 1.33 5.41
C LEU D 456 -12.75 2.30 5.99
N PHE D 457 -12.52 2.17 7.29
CA PHE D 457 -11.63 3.12 7.91
C PHE D 457 -10.23 3.01 7.25
N SER D 458 -9.92 1.86 6.62
CA SER D 458 -8.71 1.72 5.81
C SER D 458 -8.68 2.75 4.68
N LEU D 459 -9.75 2.83 3.88
CA LEU D 459 -9.77 3.87 2.85
C LEU D 459 -9.72 5.27 3.49
N ILE D 460 -10.24 5.42 4.72
CA ILE D 460 -10.08 6.68 5.44
C ILE D 460 -8.62 7.02 5.67
N ASN D 461 -7.79 5.98 5.60
CA ASN D 461 -6.35 6.07 5.76
C ASN D 461 -5.64 6.13 4.41
N GLY D 462 -6.42 6.11 3.33
CA GLY D 462 -5.87 6.18 1.99
C GLY D 462 -5.38 4.94 1.26
N ASP D 463 -5.63 3.75 1.80
CA ASP D 463 -5.19 2.51 1.15
C ASP D 463 -6.31 1.46 1.13
N ASP D 464 -6.26 0.51 0.19
CA ASP D 464 -7.31 -0.49 0.14
C ASP D 464 -8.23 -0.23 -1.03
N MET D 465 -8.07 0.93 -1.63
CA MET D 465 -8.83 1.26 -2.81
C MET D 465 -8.34 0.24 -3.83
N PHE D 466 -7.03 -0.01 -3.80
CA PHE D 466 -6.36 -0.96 -4.66
C PHE D 466 -6.86 -2.38 -4.47
N ALA D 467 -7.11 -2.84 -3.24
CA ALA D 467 -7.57 -4.23 -3.22
C ALA D 467 -9.10 -4.33 -3.28
N THR D 468 -9.82 -3.25 -2.91
CA THR D 468 -11.28 -3.18 -3.00
C THR D 468 -11.75 -2.98 -4.44
N PHE D 469 -11.16 -2.01 -5.15
CA PHE D 469 -11.50 -1.78 -6.55
C PHE D 469 -11.15 -3.00 -7.40
N ALA D 470 -10.14 -3.76 -6.97
CA ALA D 470 -9.57 -4.80 -7.82
C ALA D 470 -10.53 -5.99 -7.97
N LYS D 471 -11.04 -6.53 -6.87
CA LYS D 471 -11.80 -7.77 -6.94
C LYS D 471 -13.20 -7.45 -7.48
N MET D 472 -13.59 -8.07 -8.61
CA MET D 472 -14.61 -7.58 -9.53
C MET D 472 -15.89 -8.42 -9.44
N GLN D 473 -17.03 -7.72 -9.23
CA GLN D 473 -18.35 -8.33 -9.11
C GLN D 473 -18.67 -9.11 -10.37
N GLN D 474 -19.00 -8.38 -11.45
CA GLN D 474 -19.18 -8.91 -12.80
C GLN D 474 -20.36 -9.87 -12.92
N LYS D 475 -20.93 -10.34 -11.79
CA LYS D 475 -22.14 -11.16 -11.88
C LYS D 475 -23.36 -10.30 -12.23
N SER D 476 -23.56 -9.21 -11.50
CA SER D 476 -24.63 -8.24 -11.76
C SER D 476 -23.99 -6.90 -12.06
N TYR D 477 -24.33 -6.37 -13.22
CA TYR D 477 -24.02 -4.99 -13.54
C TYR D 477 -24.60 -4.03 -12.49
N LEU D 478 -25.72 -4.42 -11.85
CA LEU D 478 -26.26 -3.62 -10.74
C LEU D 478 -25.38 -3.75 -9.50
N VAL D 479 -24.82 -4.95 -9.28
CA VAL D 479 -23.97 -5.19 -8.12
C VAL D 479 -22.74 -4.29 -8.14
N TRP D 480 -21.90 -4.46 -9.16
CA TRP D 480 -20.74 -3.60 -9.33
C TRP D 480 -21.18 -2.14 -9.46
N LEU D 481 -22.34 -1.89 -10.10
CA LEU D 481 -22.80 -0.52 -10.28
C LEU D 481 -22.95 0.20 -8.95
N PHE D 482 -23.71 -0.40 -8.04
CA PHE D 482 -23.78 0.18 -6.72
C PHE D 482 -22.37 0.22 -6.13
N SER D 483 -21.58 -0.82 -6.41
CA SER D 483 -20.25 -0.95 -5.79
C SER D 483 -19.43 0.33 -5.97
N ARG D 484 -19.40 0.82 -7.21
CA ARG D 484 -18.73 2.09 -7.49
C ARG D 484 -19.54 3.24 -6.89
N ILE D 485 -20.89 3.13 -6.90
CA ILE D 485 -21.75 4.19 -6.39
C ILE D 485 -21.36 4.58 -4.97
N TYR D 486 -21.36 3.63 -4.06
CA TYR D 486 -21.07 3.95 -2.66
C TYR D 486 -19.61 4.19 -2.43
N LEU D 487 -18.74 3.36 -2.98
CA LEU D 487 -17.35 3.50 -2.59
C LEU D 487 -16.84 4.88 -2.95
N TYR D 488 -17.32 5.43 -4.05
CA TYR D 488 -17.04 6.83 -4.31
C TYR D 488 -17.93 7.75 -3.48
N SER D 489 -19.12 7.29 -3.13
CA SER D 489 -20.04 8.09 -2.32
C SER D 489 -19.43 8.44 -0.97
N PHE D 490 -19.04 7.41 -0.21
CA PHE D 490 -18.46 7.61 1.11
C PHE D 490 -17.03 8.15 0.97
N ILE D 491 -16.17 7.46 0.15
CA ILE D 491 -14.78 7.92 -0.04
C ILE D 491 -14.83 9.40 -0.35
N SER D 492 -15.91 9.77 -1.01
CA SER D 492 -16.41 11.10 -1.23
C SER D 492 -16.73 11.85 0.08
N LEU D 493 -17.78 11.45 0.83
CA LEU D 493 -18.30 12.31 1.90
C LEU D 493 -17.26 12.63 2.94
N PHE D 494 -16.19 11.91 3.05
CA PHE D 494 -15.21 12.25 4.06
C PHE D 494 -14.11 13.18 3.60
N ILE D 495 -13.57 12.90 2.38
CA ILE D 495 -12.53 13.76 1.89
C ILE D 495 -13.15 15.14 1.71
N TYR D 496 -14.31 15.17 1.09
CA TYR D 496 -15.03 16.41 0.89
C TYR D 496 -15.52 16.94 2.22
N MET D 497 -16.00 16.02 3.03
CA MET D 497 -16.55 16.31 4.35
C MET D 497 -15.76 16.06 5.65
N ILE D 498 -15.15 14.89 5.78
CA ILE D 498 -14.49 14.56 7.04
C ILE D 498 -13.27 15.33 7.57
N LEU D 499 -12.24 15.44 6.76
CA LEU D 499 -11.05 16.17 7.16
C LEU D 499 -11.37 17.65 7.32
N SER D 500 -12.22 18.14 6.43
CA SER D 500 -12.56 19.57 6.43
C SER D 500 -13.21 20.12 7.69
N LEU D 501 -14.19 19.42 8.26
CA LEU D 501 -14.82 19.93 9.48
C LEU D 501 -13.70 19.95 10.49
N PHE D 502 -12.93 18.88 10.45
CA PHE D 502 -11.76 18.69 11.32
C PHE D 502 -10.81 19.85 11.27
N ILE D 503 -10.24 19.94 10.08
CA ILE D 503 -9.30 20.99 9.76
C ILE D 503 -9.88 22.28 10.24
N ALA D 504 -11.21 22.34 10.29
CA ALA D 504 -11.96 23.58 10.51
C ALA D 504 -11.97 24.03 11.96
N LEU D 505 -12.68 23.30 12.80
CA LEU D 505 -12.76 23.67 14.19
C LEU D 505 -11.35 23.75 14.77
N ILE D 506 -10.48 22.89 14.25
CA ILE D 506 -9.07 22.99 14.57
C ILE D 506 -8.54 24.40 14.25
N THR D 507 -8.83 24.88 13.03
CA THR D 507 -8.37 26.22 12.67
C THR D 507 -8.92 27.26 13.63
N ASP D 508 -10.25 27.23 13.84
CA ASP D 508 -10.97 28.26 14.59
C ASP D 508 -10.42 28.44 16.00
N THR D 509 -10.36 27.36 16.75
CA THR D 509 -9.85 27.50 18.09
C THR D 509 -8.34 27.72 18.11
N TYR D 510 -7.61 27.38 17.03
CA TYR D 510 -6.27 27.91 16.99
C TYR D 510 -6.31 29.43 17.01
N GLU D 511 -7.19 30.00 16.20
CA GLU D 511 -7.32 31.45 16.14
C GLU D 511 -7.59 32.06 17.53
N THR D 512 -8.66 31.61 18.21
CA THR D 512 -8.93 32.25 19.51
C THR D 512 -7.86 31.92 20.52
N ILE D 513 -7.14 30.81 20.36
CA ILE D 513 -5.98 30.53 21.21
C ILE D 513 -4.97 31.64 21.08
N LYS D 514 -4.54 31.91 19.84
CA LYS D 514 -3.58 32.98 19.58
C LYS D 514 -4.17 34.35 19.95
N GLN D 515 -5.48 34.50 19.81
CA GLN D 515 -6.11 35.79 20.05
C GLN D 515 -6.11 36.12 21.53
N TYR D 516 -6.80 35.31 22.34
CA TYR D 516 -6.89 35.51 23.79
C TYR D 516 -5.53 35.43 24.45
N GLN D 517 -4.59 34.67 23.87
CA GLN D 517 -3.21 34.85 24.28
C GLN D 517 -2.77 36.28 24.00
N GLN D 518 -2.95 36.75 22.77
CA GLN D 518 -2.59 38.13 22.49
C GLN D 518 -3.65 39.07 23.12
N THR D 524 -11.81 37.11 33.02
CA THR D 524 -12.46 36.32 34.07
C THR D 524 -12.46 37.08 35.40
N GLU D 525 -13.63 37.10 36.04
CA GLU D 525 -13.74 37.71 37.37
C GLU D 525 -12.95 36.92 38.41
N LEU D 526 -12.87 35.59 38.24
CA LEU D 526 -12.13 34.76 39.18
C LEU D 526 -10.65 35.13 39.19
N ARG D 527 -10.05 35.23 38.01
CA ARG D 527 -8.66 35.67 37.93
C ARG D 527 -8.50 37.10 38.40
N THR D 528 -9.52 37.94 38.20
CA THR D 528 -9.44 39.33 38.64
C THR D 528 -9.37 39.43 40.15
N PHE D 529 -10.24 38.70 40.86
CA PHE D 529 -10.13 38.64 42.32
C PHE D 529 -8.86 37.93 42.76
N ILE D 530 -8.34 37.02 41.93
CA ILE D 530 -7.02 36.43 42.20
C ILE D 530 -5.92 37.48 42.10
N SER D 531 -6.04 38.40 41.16
CA SER D 531 -5.04 39.47 40.99
C SER D 531 -5.02 40.39 42.20
#